data_5TGO
#
_entry.id   5TGO
#
_cell.length_a   63.957
_cell.length_b   253.931
_cell.length_c   69.932
_cell.angle_alpha   90.00
_cell.angle_beta   111.73
_cell.angle_gamma   90.00
#
_symmetry.space_group_name_H-M   'P 1 21 1'
#
loop_
_entity.id
_entity.type
_entity.pdbx_description
1 polymer 'Hemagglutinin HA1 chain'
2 polymer 'Hemagglutinin HA2 chain'
3 branched alpha-D-mannopyranose-(1-6)-beta-D-mannopyranose-(1-4)-2-acetamido-2-deoxy-beta-D-glucopyranose
4 branched 2-acetamido-2-deoxy-beta-D-glucopyranose-(1-4)-2-acetamido-2-deoxy-beta-D-glucopyranose
5 non-polymer 2-acetamido-2-deoxy-beta-D-glucopyranose
6 water water
#
loop_
_entity_poly.entity_id
_entity_poly.type
_entity_poly.pdbx_seq_one_letter_code
_entity_poly.pdbx_strand_id
1 'polypeptide(L)'
;ADPGDKICLGHHAVANGTIVKTLTNEQEEVTNATETVESTGINRLCMKGRKHKDLGNCHPIGMLIGTPACDLHLTGMWDT
LIERENAIAYCYPGATVNVEALRQKIMESGGINKISTGFTYGSSINSAGTTRACMRNGGNSFYAELKWLVSKSAGQNFPQ
TTNTYRNTDTAEHLIMWGIHHPSSTQEKNTLYGTQSLSISVGSSTYRNNFVPVVGARPQVNGLSSRIDFHWTLVQPGDNI
TFSHNGGLIAPSRVSKLIGRGLGIQSDAPIDNNCESKCFWRGGSINTRLPFQNLSPRTVGQCPKYVNRRSLMLATGMRNV
PEL
;
A,C,E
2 'polypeptide(L)'
;LFGAIAGFLENGWEGMVDGWYGFRHQNAQGTGQAADYKSTQAAIDQITGKLNRLVEKTNTEFESIESEFSEIEHQIGNVI
NWTKDSITDIWTYQAELLVAMENQHTIDMADSEMLNLYERVRKQLRQNAEEDGKGCFEIYHACDDSCMESIRNNTYDHSQ
YREEALLNRLNINSGRLVPR
;
B,D,F
#
loop_
_chem_comp.id
_chem_comp.type
_chem_comp.name
_chem_comp.formula
BMA D-saccharide, beta linking beta-D-mannopyranose 'C6 H12 O6'
MAN D-saccharide, alpha linking alpha-D-mannopyranose 'C6 H12 O6'
NAG D-saccharide, beta linking 2-acetamido-2-deoxy-beta-D-glucopyranose 'C8 H15 N O6'
#
# COMPACT_ATOMS: atom_id res chain seq x y z
N ASP A 5 4.34 21.04 -61.43
CA ASP A 5 3.38 20.12 -60.83
C ASP A 5 3.93 19.55 -59.49
N LYS A 6 3.06 19.49 -58.48
CA LYS A 6 3.46 19.24 -57.09
C LYS A 6 2.40 18.50 -56.30
N ILE A 7 2.80 17.60 -55.40
CA ILE A 7 1.83 17.11 -54.41
C ILE A 7 2.44 17.09 -53.00
N CYS A 8 1.67 17.59 -52.04
CA CYS A 8 2.19 17.93 -50.71
C CYS A 8 1.53 17.11 -49.61
N LEU A 9 2.32 16.75 -48.59
CA LEU A 9 1.80 16.00 -47.47
C LEU A 9 1.72 16.83 -46.22
N GLY A 10 0.64 16.66 -45.46
CA GLY A 10 0.46 17.41 -44.23
C GLY A 10 -0.51 16.82 -43.22
N HIS A 11 -0.51 17.43 -42.03
CA HIS A 11 -1.38 17.04 -40.93
C HIS A 11 -2.25 18.20 -40.53
N HIS A 12 -3.36 17.93 -39.88
CA HIS A 12 -4.24 19.01 -39.43
C HIS A 12 -3.69 19.71 -38.20
N ALA A 13 -4.19 20.93 -37.96
CA ALA A 13 -3.90 21.66 -36.73
C ALA A 13 -5.14 22.45 -36.35
N VAL A 14 -5.17 22.96 -35.12
CA VAL A 14 -6.32 23.74 -34.70
C VAL A 14 -5.82 25.07 -34.15
N ALA A 15 -6.70 26.06 -34.13
CA ALA A 15 -6.35 27.33 -33.55
C ALA A 15 -6.09 27.19 -32.04
N ASN A 16 -7.03 26.55 -31.34
CA ASN A 16 -6.88 26.25 -29.91
C ASN A 16 -6.32 24.89 -29.58
N GLY A 17 -5.07 24.85 -29.16
CA GLY A 17 -4.50 23.60 -28.69
C GLY A 17 -4.74 23.40 -27.21
N THR A 18 -4.47 22.18 -26.73
CA THR A 18 -4.54 21.81 -25.31
C THR A 18 -3.15 21.45 -24.79
N ILE A 19 -2.79 21.94 -23.62
CA ILE A 19 -1.51 21.58 -23.05
C ILE A 19 -1.58 20.29 -22.22
N VAL A 20 -0.63 19.39 -22.46
CA VAL A 20 -0.49 18.13 -21.72
C VAL A 20 0.96 17.95 -21.32
N LYS A 21 1.17 17.17 -20.28
CA LYS A 21 2.51 16.80 -19.84
C LYS A 21 3.00 15.54 -20.56
N THR A 22 4.31 15.47 -20.80
CA THR A 22 4.88 14.25 -21.31
C THR A 22 6.11 13.94 -20.48
N LEU A 23 6.76 12.82 -20.80
CA LEU A 23 7.99 12.39 -20.13
C LEU A 23 9.06 13.46 -20.22
N THR A 24 9.10 14.15 -21.35
CA THR A 24 10.19 15.10 -21.60
C THR A 24 9.71 16.53 -21.64
N ASN A 25 8.42 16.77 -21.39
CA ASN A 25 7.91 18.13 -21.51
C ASN A 25 6.66 18.47 -20.64
N GLU A 26 6.85 19.43 -19.75
CA GLU A 26 5.81 19.97 -18.88
C GLU A 26 4.68 20.65 -19.65
N GLN A 27 5.02 21.29 -20.76
CA GLN A 27 4.08 22.13 -21.53
C GLN A 27 4.15 21.76 -22.99
N GLU A 28 3.36 20.76 -23.37
CA GLU A 28 3.36 20.23 -24.72
C GLU A 28 1.99 20.42 -25.31
N GLU A 29 1.91 21.01 -26.48
CA GLU A 29 0.60 21.34 -27.03
C GLU A 29 0.10 20.33 -28.06
N VAL A 30 -1.08 19.77 -27.81
CA VAL A 30 -1.65 18.74 -28.67
C VAL A 30 -3.01 19.20 -29.18
N THR A 31 -3.48 18.58 -30.24
CA THR A 31 -4.74 18.96 -30.87
C THR A 31 -5.91 18.80 -29.89
N ASN A 32 -5.90 17.68 -29.17
CA ASN A 32 -6.98 17.35 -28.24
C ASN A 32 -6.53 16.55 -27.01
N ALA A 33 -7.28 16.62 -25.92
CA ALA A 33 -7.01 15.81 -24.73
C ALA A 33 -8.28 15.63 -23.90
N THR A 34 -8.28 14.68 -22.96
CA THR A 34 -9.38 14.54 -22.00
C THR A 34 -8.92 14.28 -20.56
N GLU A 35 -9.80 14.61 -19.61
CA GLU A 35 -9.52 14.41 -18.19
C GLU A 35 -9.38 12.95 -17.86
N THR A 36 -8.45 12.61 -16.99
CA THR A 36 -8.44 11.26 -16.41
C THR A 36 -8.75 11.27 -14.91
N VAL A 37 -8.86 12.47 -14.31
CA VAL A 37 -9.21 12.61 -12.90
C VAL A 37 -10.63 13.20 -12.74
N GLU A 38 -11.55 12.40 -12.18
CA GLU A 38 -12.92 12.86 -11.92
C GLU A 38 -12.96 13.90 -10.80
N SER A 39 -13.66 15.00 -11.03
CA SER A 39 -13.74 16.05 -10.02
C SER A 39 -15.18 16.30 -9.58
N THR A 40 -16.13 15.69 -10.28
CA THR A 40 -17.54 15.93 -10.02
C THR A 40 -18.19 14.67 -9.49
N GLY A 41 -19.03 14.83 -8.47
CA GLY A 41 -19.74 13.72 -7.93
C GLY A 41 -21.21 14.04 -7.83
N ILE A 42 -22.00 13.04 -7.42
CA ILE A 42 -23.43 13.23 -7.33
C ILE A 42 -23.78 13.48 -5.86
N ASN A 43 -24.66 14.44 -5.61
CA ASN A 43 -24.98 14.87 -4.26
C ASN A 43 -26.10 14.06 -3.67
N ARG A 44 -26.23 12.81 -4.12
CA ARG A 44 -27.26 11.92 -3.62
C ARG A 44 -26.62 10.55 -3.39
N LEU A 45 -27.23 9.76 -2.51
CA LEU A 45 -26.84 8.38 -2.43
C LEU A 45 -27.68 7.64 -3.46
N CYS A 46 -27.05 7.24 -4.56
CA CYS A 46 -27.76 6.58 -5.65
C CYS A 46 -28.06 5.14 -5.30
N MET A 47 -29.32 4.89 -4.94
CA MET A 47 -29.67 3.63 -4.32
C MET A 47 -30.51 2.67 -5.18
N LYS A 48 -30.80 3.07 -6.41
CA LYS A 48 -31.60 2.21 -7.29
C LYS A 48 -30.86 0.88 -7.50
N GLY A 49 -31.60 -0.23 -7.40
CA GLY A 49 -31.03 -1.56 -7.49
C GLY A 49 -30.48 -2.08 -6.18
N ARG A 50 -30.55 -1.27 -5.11
CA ARG A 50 -30.08 -1.73 -3.78
C ARG A 50 -31.21 -1.81 -2.80
N LYS A 51 -31.25 -2.92 -2.07
CA LYS A 51 -32.16 -3.01 -0.94
C LYS A 51 -31.46 -2.22 0.17
N HIS A 52 -31.92 -1.00 0.40
CA HIS A 52 -31.14 -0.14 1.27
C HIS A 52 -31.92 0.27 2.51
N LYS A 53 -31.19 0.52 3.58
CA LYS A 53 -31.82 1.10 4.76
C LYS A 53 -31.11 2.37 5.14
N ASP A 54 -31.89 3.45 5.18
CA ASP A 54 -31.49 4.74 5.74
C ASP A 54 -31.86 4.74 7.22
N LEU A 55 -30.86 4.76 8.08
CA LEU A 55 -31.07 4.69 9.53
C LEU A 55 -31.60 6.00 10.10
N GLY A 56 -31.51 7.08 9.32
CA GLY A 56 -31.96 8.37 9.84
C GLY A 56 -31.20 8.73 11.13
N ASN A 57 -31.89 9.03 12.22
CA ASN A 57 -31.21 9.36 13.46
C ASN A 57 -31.00 8.15 14.38
N CYS A 58 -31.22 6.96 13.85
CA CYS A 58 -30.93 5.70 14.53
C CYS A 58 -29.46 5.35 14.36
N HIS A 59 -28.73 5.23 15.48
CA HIS A 59 -27.35 4.82 15.39
C HIS A 59 -27.29 3.29 15.30
N PRO A 60 -26.34 2.73 14.53
CA PRO A 60 -26.33 1.25 14.45
C PRO A 60 -26.35 0.51 15.81
N ILE A 61 -25.58 0.98 16.78
CA ILE A 61 -25.62 0.35 18.09
C ILE A 61 -27.06 0.36 18.62
N GLY A 62 -27.78 1.44 18.36
CA GLY A 62 -29.14 1.56 18.88
C GLY A 62 -30.07 0.46 18.40
N MET A 63 -29.82 -0.06 17.18
CA MET A 63 -30.66 -1.13 16.64
C MET A 63 -30.68 -2.35 17.55
N LEU A 64 -29.52 -2.71 18.10
CA LEU A 64 -29.37 -3.91 18.93
C LEU A 64 -30.03 -3.85 20.32
N ILE A 65 -29.92 -2.69 20.98
CA ILE A 65 -30.46 -2.55 22.34
C ILE A 65 -31.87 -1.92 22.33
N GLY A 66 -32.24 -1.39 21.17
CA GLY A 66 -33.56 -0.81 20.96
C GLY A 66 -33.88 0.51 21.60
N THR A 67 -32.99 1.48 21.37
CA THR A 67 -33.23 2.84 21.77
C THR A 67 -34.43 3.38 20.96
N PRO A 68 -35.26 4.24 21.57
CA PRO A 68 -36.48 4.70 20.90
C PRO A 68 -36.25 5.28 19.50
N ALA A 69 -35.12 5.95 19.27
CA ALA A 69 -34.81 6.47 17.94
C ALA A 69 -34.80 5.37 16.86
N CYS A 70 -34.54 4.14 17.30
CA CYS A 70 -34.33 3.01 16.42
C CYS A 70 -35.54 2.08 16.27
N ASP A 71 -36.71 2.48 16.72
CA ASP A 71 -37.88 1.57 16.75
C ASP A 71 -38.26 1.07 15.34
N LEU A 72 -38.05 1.94 14.36
CA LEU A 72 -38.26 1.53 12.99
C LEU A 72 -37.14 0.63 12.45
N HIS A 73 -36.09 0.37 13.25
CA HIS A 73 -34.89 -0.30 12.73
C HIS A 73 -34.36 -1.45 13.57
N LEU A 74 -35.27 -2.14 14.25
CA LEU A 74 -34.91 -3.26 15.11
C LEU A 74 -34.74 -4.60 14.38
N THR A 75 -35.49 -4.83 13.29
CA THR A 75 -35.31 -6.00 12.41
C THR A 75 -35.30 -5.56 10.94
N GLY A 76 -34.78 -6.38 10.05
CA GLY A 76 -34.68 -5.98 8.67
C GLY A 76 -33.71 -6.75 7.79
N MET A 77 -33.66 -6.38 6.52
CA MET A 77 -32.78 -6.98 5.50
C MET A 77 -32.34 -5.89 4.60
N TRP A 78 -31.10 -5.92 4.15
CA TRP A 78 -30.57 -4.83 3.37
C TRP A 78 -29.26 -5.27 2.75
N ASP A 79 -28.89 -4.73 1.60
CA ASP A 79 -27.50 -4.91 1.15
C ASP A 79 -26.69 -3.63 1.34
N THR A 80 -27.35 -2.55 1.73
CA THR A 80 -26.67 -1.29 1.94
C THR A 80 -27.27 -0.70 3.22
N LEU A 81 -26.42 -0.26 4.15
CA LEU A 81 -26.88 0.32 5.39
C LEU A 81 -26.28 1.70 5.58
N ILE A 82 -27.15 2.70 5.70
CA ILE A 82 -26.74 4.09 5.72
C ILE A 82 -26.80 4.69 7.13
N GLU A 83 -25.67 5.19 7.61
CA GLU A 83 -25.59 5.79 8.93
C GLU A 83 -25.48 7.31 8.78
N ARG A 84 -26.15 8.04 9.65
CA ARG A 84 -26.27 9.49 9.52
C ARG A 84 -25.59 10.24 10.67
N GLU A 85 -25.24 11.49 10.47
CA GLU A 85 -24.50 12.25 11.47
C GLU A 85 -25.26 12.47 12.81
N ASN A 86 -26.57 12.68 12.78
CA ASN A 86 -27.21 13.02 14.07
C ASN A 86 -27.55 11.77 14.91
N ALA A 87 -26.89 10.64 14.61
CA ALA A 87 -27.39 9.32 15.01
C ALA A 87 -27.33 9.07 16.53
N ILE A 88 -28.42 8.54 17.09
CA ILE A 88 -28.54 8.29 18.54
C ILE A 88 -28.45 6.80 18.90
N ALA A 89 -27.53 6.45 19.79
CA ALA A 89 -27.45 5.09 20.30
C ALA A 89 -28.07 4.95 21.67
N TYR A 90 -27.94 5.97 22.50
CA TYR A 90 -28.26 5.85 23.92
C TYR A 90 -29.30 6.85 24.34
N CYS A 91 -30.30 6.36 25.05
CA CYS A 91 -31.25 7.24 25.70
C CYS A 91 -30.92 7.30 27.19
N TYR A 92 -30.79 6.14 27.84
CA TYR A 92 -30.23 6.17 29.19
C TYR A 92 -28.71 6.25 28.95
N PRO A 93 -28.05 7.34 29.43
CA PRO A 93 -26.65 7.63 29.08
C PRO A 93 -25.69 6.48 29.48
N GLY A 94 -24.75 6.19 28.59
CA GLY A 94 -23.87 5.05 28.75
C GLY A 94 -22.78 4.96 27.70
N ALA A 95 -21.99 3.91 27.79
CA ALA A 95 -20.97 3.59 26.78
C ALA A 95 -20.92 2.08 26.48
N THR A 96 -20.33 1.70 25.36
CA THR A 96 -20.21 0.28 25.00
C THR A 96 -18.76 -0.20 24.77
N VAL A 97 -18.39 -1.33 25.37
CA VAL A 97 -17.07 -1.94 25.18
C VAL A 97 -16.87 -2.27 23.70
N ASN A 98 -15.68 -1.99 23.19
CA ASN A 98 -15.38 -2.17 21.77
C ASN A 98 -16.49 -1.62 20.85
N VAL A 99 -16.92 -0.39 21.08
CA VAL A 99 -18.08 0.11 20.35
C VAL A 99 -17.83 0.19 18.82
N GLU A 100 -16.63 0.58 18.39
CA GLU A 100 -16.37 0.70 16.94
C GLU A 100 -16.42 -0.66 16.27
N ALA A 101 -15.90 -1.67 16.93
CA ALA A 101 -15.89 -3.02 16.37
C ALA A 101 -17.32 -3.54 16.18
N LEU A 102 -18.15 -3.33 17.19
CA LEU A 102 -19.56 -3.67 17.12
C LEU A 102 -20.25 -2.86 16.01
N ARG A 103 -20.01 -1.56 15.95
CA ARG A 103 -20.63 -0.78 14.90
C ARG A 103 -20.20 -1.30 13.52
N GLN A 104 -18.93 -1.70 13.37
CA GLN A 104 -18.48 -2.16 12.06
C GLN A 104 -19.17 -3.48 11.67
N LYS A 105 -19.35 -4.38 12.64
CA LYS A 105 -20.02 -5.66 12.38
C LYS A 105 -21.46 -5.43 11.90
N ILE A 106 -22.15 -4.48 12.53
CA ILE A 106 -23.53 -4.14 12.19
C ILE A 106 -23.60 -3.55 10.79
N MET A 107 -22.69 -2.63 10.52
CA MET A 107 -22.59 -1.89 9.25
C MET A 107 -22.12 -2.75 8.10
N GLU A 108 -21.59 -3.92 8.39
CA GLU A 108 -21.27 -4.95 7.38
C GLU A 108 -22.37 -5.96 7.14
N SER A 109 -23.38 -5.94 7.99
CA SER A 109 -24.39 -6.97 7.96
C SER A 109 -25.32 -6.81 6.77
N GLY A 110 -26.01 -7.88 6.41
CA GLY A 110 -27.07 -7.85 5.41
C GLY A 110 -28.46 -7.77 6.03
N GLY A 111 -28.50 -7.65 7.36
CA GLY A 111 -29.78 -7.54 8.06
C GLY A 111 -29.68 -8.06 9.48
N ILE A 112 -30.75 -7.87 10.25
CA ILE A 112 -30.80 -8.28 11.64
C ILE A 112 -32.12 -9.00 11.97
N ASN A 113 -32.04 -10.16 12.60
CA ASN A 113 -33.22 -10.88 13.07
C ASN A 113 -33.13 -10.87 14.59
N LYS A 114 -34.27 -10.68 15.24
CA LYS A 114 -34.30 -10.63 16.70
C LYS A 114 -34.90 -11.89 17.29
N ILE A 115 -34.35 -12.35 18.42
CA ILE A 115 -34.77 -13.62 19.06
C ILE A 115 -34.86 -13.53 20.60
N SER A 116 -35.99 -13.96 21.19
CA SER A 116 -36.18 -13.85 22.64
C SER A 116 -35.19 -14.66 23.38
N THR A 117 -34.68 -14.07 24.44
CA THR A 117 -33.89 -14.78 25.43
C THR A 117 -34.79 -15.73 26.19
N GLY A 118 -36.05 -15.34 26.37
CA GLY A 118 -37.01 -16.18 27.05
C GLY A 118 -36.91 -16.01 28.56
N PHE A 119 -36.12 -15.04 29.01
CA PHE A 119 -35.90 -14.82 30.44
C PHE A 119 -37.16 -14.45 31.20
N THR A 120 -37.37 -15.12 32.33
CA THR A 120 -38.50 -14.81 33.19
C THR A 120 -37.94 -14.57 34.59
N TYR A 121 -38.60 -13.69 35.34
CA TYR A 121 -38.15 -13.34 36.66
C TYR A 121 -39.30 -13.53 37.66
N GLY A 122 -38.96 -13.91 38.88
CA GLY A 122 -39.97 -14.23 39.87
C GLY A 122 -40.57 -12.98 40.43
N SER A 123 -41.43 -13.16 41.44
CA SER A 123 -42.17 -12.09 42.11
C SER A 123 -41.34 -11.03 42.80
N SER A 124 -40.13 -11.38 43.20
CA SER A 124 -39.22 -10.41 43.81
C SER A 124 -38.76 -9.32 42.85
N ILE A 125 -38.73 -9.62 41.55
CA ILE A 125 -38.19 -8.67 40.59
C ILE A 125 -39.28 -7.85 39.87
N ASN A 126 -39.10 -6.53 39.86
CA ASN A 126 -39.81 -5.68 38.89
C ASN A 126 -38.92 -5.55 37.68
N SER A 127 -39.36 -6.06 36.54
CA SER A 127 -38.53 -6.04 35.33
C SER A 127 -38.93 -4.96 34.35
N ALA A 128 -39.82 -4.08 34.76
CA ALA A 128 -40.34 -3.05 33.87
C ALA A 128 -39.83 -1.67 34.28
N GLY A 129 -38.61 -1.60 34.80
CA GLY A 129 -38.07 -0.29 35.10
C GLY A 129 -38.09 0.56 33.84
N THR A 130 -38.53 1.80 33.99
CA THR A 130 -38.65 2.76 32.89
C THR A 130 -38.11 4.11 33.39
N THR A 131 -37.83 5.01 32.45
CA THR A 131 -37.28 6.31 32.78
C THR A 131 -37.75 7.41 31.79
N ARG A 132 -37.76 8.65 32.27
CA ARG A 132 -37.99 9.83 31.46
C ARG A 132 -36.95 9.99 30.32
N ALA A 133 -35.75 9.45 30.51
CA ALA A 133 -34.71 9.52 29.50
C ALA A 133 -35.05 8.73 28.23
N CYS A 134 -35.96 7.77 28.34
CA CYS A 134 -36.31 6.92 27.22
C CYS A 134 -37.80 7.02 26.96
N MET A 135 -38.25 8.16 26.41
CA MET A 135 -39.64 8.37 26.05
C MET A 135 -40.00 7.58 24.83
N ARG A 136 -41.17 6.96 24.83
CA ARG A 136 -41.54 6.23 23.63
C ARG A 136 -42.75 6.82 22.93
N ASN A 137 -43.90 6.87 23.61
CA ASN A 137 -45.09 7.52 23.04
C ASN A 137 -45.73 8.44 24.08
N GLY A 138 -45.05 9.55 24.38
CA GLY A 138 -45.54 10.49 25.38
C GLY A 138 -45.35 9.94 26.78
N GLY A 139 -44.78 8.74 26.86
CA GLY A 139 -44.61 8.04 28.13
C GLY A 139 -43.23 7.46 28.40
N ASN A 140 -42.92 7.35 29.69
CA ASN A 140 -41.66 6.82 30.13
C ASN A 140 -41.52 5.38 29.69
N SER A 141 -40.32 5.01 29.27
CA SER A 141 -40.09 3.69 28.69
C SER A 141 -38.62 3.31 28.93
N PHE A 142 -38.15 2.27 28.24
CA PHE A 142 -36.75 1.81 28.35
C PHE A 142 -36.35 1.18 27.04
N TYR A 143 -35.07 0.82 26.94
CA TYR A 143 -34.58 0.11 25.78
C TYR A 143 -35.50 -1.07 25.42
N ALA A 144 -35.87 -1.22 24.15
CA ALA A 144 -36.84 -2.25 23.73
C ALA A 144 -36.31 -3.67 23.83
N GLU A 145 -35.01 -3.82 23.66
CA GLU A 145 -34.38 -5.12 23.67
C GLU A 145 -33.79 -5.51 25.03
N LEU A 146 -33.88 -4.61 26.00
CA LEU A 146 -33.35 -4.85 27.33
C LEU A 146 -34.41 -4.64 28.42
N LYS A 147 -34.22 -5.28 29.58
CA LYS A 147 -35.11 -4.99 30.69
C LYS A 147 -34.35 -4.56 31.96
N TRP A 148 -34.76 -3.43 32.52
CA TRP A 148 -34.16 -2.90 33.72
C TRP A 148 -34.76 -3.60 34.95
N LEU A 149 -33.98 -4.53 35.52
CA LEU A 149 -34.39 -5.29 36.69
C LEU A 149 -34.09 -4.50 37.96
N VAL A 150 -35.10 -4.41 38.83
CA VAL A 150 -34.97 -3.77 40.14
C VAL A 150 -35.83 -4.57 41.12
N SER A 151 -35.60 -4.34 42.41
CA SER A 151 -36.38 -5.03 43.45
C SER A 151 -37.87 -4.64 43.45
N LYS A 152 -38.77 -5.61 43.37
CA LYS A 152 -40.19 -5.27 43.40
C LYS A 152 -40.49 -4.42 44.62
N SER A 153 -40.00 -4.86 45.79
CA SER A 153 -40.11 -4.05 47.03
C SER A 153 -38.91 -3.16 47.27
N ALA A 154 -39.16 -1.85 47.30
CA ALA A 154 -38.11 -0.86 47.34
C ALA A 154 -37.21 -1.04 48.58
N GLY A 155 -35.90 -1.00 48.38
CA GLY A 155 -34.93 -1.09 49.46
C GLY A 155 -34.60 -2.53 49.81
N GLN A 156 -35.39 -3.48 49.34
CA GLN A 156 -35.13 -4.87 49.65
C GLN A 156 -34.05 -5.38 48.75
N ASN A 157 -33.27 -6.33 49.26
CA ASN A 157 -32.19 -6.90 48.48
C ASN A 157 -32.73 -7.60 47.25
N PHE A 158 -32.15 -7.24 46.10
CA PHE A 158 -32.47 -7.86 44.83
C PHE A 158 -32.11 -9.30 45.02
N PRO A 159 -32.97 -10.22 44.55
CA PRO A 159 -32.68 -11.64 44.76
C PRO A 159 -31.57 -12.18 43.88
N GLN A 160 -30.86 -13.19 44.41
CA GLN A 160 -29.87 -13.94 43.65
C GLN A 160 -30.57 -14.70 42.50
N THR A 161 -30.11 -14.48 41.28
CA THR A 161 -30.87 -14.87 40.09
C THR A 161 -29.97 -15.43 39.02
N THR A 162 -30.48 -16.42 38.30
CA THR A 162 -29.71 -17.06 37.26
C THR A 162 -30.55 -17.12 36.03
N ASN A 163 -30.02 -16.65 34.91
CA ASN A 163 -30.73 -16.70 33.63
C ASN A 163 -29.83 -17.26 32.54
N THR A 164 -30.37 -18.16 31.74
CA THR A 164 -29.56 -18.81 30.75
C THR A 164 -30.24 -18.71 29.42
N TYR A 165 -29.50 -18.29 28.40
CA TYR A 165 -30.01 -18.26 27.05
C TYR A 165 -29.27 -19.27 26.26
N ARG A 166 -30.00 -20.09 25.52
CA ARG A 166 -29.39 -21.12 24.70
C ARG A 166 -29.53 -20.79 23.23
N ASN A 167 -28.44 -20.81 22.51
CA ASN A 167 -28.57 -20.56 21.11
C ASN A 167 -28.84 -21.92 20.47
N THR A 168 -30.11 -22.14 20.15
CA THR A 168 -30.55 -23.39 19.55
C THR A 168 -30.57 -23.27 18.04
N ASP A 169 -30.19 -22.08 17.55
CA ASP A 169 -30.11 -21.81 16.11
C ASP A 169 -28.82 -22.39 15.52
N THR A 170 -28.71 -22.40 14.20
CA THR A 170 -27.55 -22.93 13.48
C THR A 170 -26.48 -21.90 13.08
N ALA A 171 -26.67 -20.65 13.50
CA ALA A 171 -25.70 -19.58 13.25
C ALA A 171 -25.43 -18.82 14.55
N GLU A 172 -24.38 -18.02 14.59
CA GLU A 172 -24.04 -17.26 15.80
C GLU A 172 -25.01 -16.11 16.16
N HIS A 173 -25.18 -15.89 17.46
CA HIS A 173 -26.04 -14.82 17.96
C HIS A 173 -25.24 -13.80 18.76
N LEU A 174 -25.60 -12.54 18.58
CA LEU A 174 -24.95 -11.46 19.31
C LEU A 174 -25.88 -11.02 20.43
N ILE A 175 -25.43 -11.12 21.67
CA ILE A 175 -26.26 -10.78 22.81
C ILE A 175 -25.64 -9.63 23.57
N MET A 176 -26.46 -8.66 23.98
CA MET A 176 -25.91 -7.52 24.72
C MET A 176 -26.58 -7.37 26.06
N TRP A 177 -25.88 -6.76 27.00
CA TRP A 177 -26.42 -6.47 28.32
C TRP A 177 -25.85 -5.18 28.87
N GLY A 178 -26.30 -4.75 30.03
CA GLY A 178 -25.78 -3.53 30.60
C GLY A 178 -25.48 -3.73 32.06
N ILE A 179 -24.60 -2.90 32.59
CA ILE A 179 -24.35 -2.92 34.01
C ILE A 179 -24.74 -1.55 34.47
N HIS A 180 -25.68 -1.49 35.41
CA HIS A 180 -26.14 -0.21 35.90
C HIS A 180 -25.11 0.36 36.90
N HIS A 181 -24.78 1.63 36.75
CA HIS A 181 -23.97 2.31 37.77
C HIS A 181 -24.72 3.48 38.32
N PRO A 182 -25.35 3.29 39.51
CA PRO A 182 -26.21 4.30 40.15
C PRO A 182 -25.41 5.58 40.41
N SER A 183 -26.07 6.70 40.71
CA SER A 183 -25.32 7.92 40.96
C SER A 183 -25.24 8.32 42.42
N SER A 184 -25.84 7.52 43.30
CA SER A 184 -25.79 7.76 44.75
C SER A 184 -26.00 6.47 45.55
N THR A 185 -25.43 6.42 46.76
CA THR A 185 -25.59 5.26 47.64
C THR A 185 -27.07 5.03 47.92
N GLN A 186 -27.80 6.14 48.06
CA GLN A 186 -29.24 6.13 48.26
C GLN A 186 -30.01 5.50 47.09
N GLU A 187 -29.65 5.90 45.86
CA GLU A 187 -30.33 5.38 44.68
C GLU A 187 -30.09 3.88 44.55
N LYS A 188 -28.84 3.47 44.76
CA LYS A 188 -28.44 2.08 44.69
C LYS A 188 -29.18 1.23 45.77
N ASN A 189 -29.31 1.76 46.99
CA ASN A 189 -30.02 1.01 48.03
C ASN A 189 -31.48 0.75 47.67
N THR A 190 -32.14 1.79 47.14
CA THR A 190 -33.54 1.72 46.78
C THR A 190 -33.74 0.64 45.72
N LEU A 191 -32.88 0.64 44.70
CA LEU A 191 -33.02 -0.25 43.56
C LEU A 191 -32.71 -1.72 43.84
N TYR A 192 -31.65 -2.00 44.58
CA TYR A 192 -31.14 -3.37 44.67
C TYR A 192 -30.87 -3.88 46.10
N GLY A 193 -31.05 -3.01 47.09
CA GLY A 193 -30.74 -3.35 48.46
C GLY A 193 -29.34 -2.92 48.91
N THR A 194 -29.07 -3.17 50.19
CA THR A 194 -27.85 -2.70 50.82
C THR A 194 -26.74 -3.73 50.63
N GLN A 195 -27.08 -4.89 50.11
CA GLN A 195 -26.13 -5.98 49.88
C GLN A 195 -25.02 -5.59 48.89
N SER A 196 -23.94 -6.36 48.87
CA SER A 196 -22.88 -6.22 47.86
C SER A 196 -23.30 -6.77 46.52
N LEU A 197 -23.14 -5.97 45.47
CA LEU A 197 -23.67 -6.34 44.16
C LEU A 197 -22.59 -6.95 43.29
N SER A 198 -22.89 -8.11 42.74
CA SER A 198 -22.00 -8.80 41.83
C SER A 198 -22.79 -9.30 40.65
N ILE A 199 -22.29 -9.11 39.45
CA ILE A 199 -22.95 -9.63 38.25
C ILE A 199 -21.95 -10.42 37.46
N SER A 200 -22.15 -11.72 37.31
CA SER A 200 -21.16 -12.46 36.56
C SER A 200 -21.80 -13.19 35.34
N VAL A 201 -21.12 -13.11 34.20
CA VAL A 201 -21.66 -13.56 32.91
C VAL A 201 -20.75 -14.59 32.28
N GLY A 202 -21.31 -15.62 31.67
CA GLY A 202 -20.47 -16.66 31.12
C GLY A 202 -21.04 -17.60 30.08
N SER A 203 -20.22 -17.91 29.07
CA SER A 203 -20.50 -18.93 28.05
C SER A 203 -19.25 -19.79 27.85
N SER A 204 -19.22 -20.59 26.78
CA SER A 204 -18.00 -21.35 26.44
C SER A 204 -16.87 -20.43 25.96
N THR A 205 -17.18 -19.19 25.61
CA THR A 205 -16.19 -18.28 25.01
C THR A 205 -16.18 -16.88 25.63
N TYR A 206 -16.76 -16.78 26.83
CA TYR A 206 -16.77 -15.54 27.59
C TYR A 206 -16.93 -15.82 29.11
N ARG A 207 -16.09 -15.18 29.94
CA ARG A 207 -16.38 -15.04 31.35
C ARG A 207 -15.90 -13.72 31.93
N ASN A 208 -16.80 -13.08 32.68
CA ASN A 208 -16.50 -11.79 33.22
C ASN A 208 -17.36 -11.48 34.43
N ASN A 209 -16.85 -10.61 35.28
CA ASN A 209 -17.57 -10.21 36.43
C ASN A 209 -17.64 -8.70 36.47
N PHE A 210 -18.78 -8.19 36.91
CA PHE A 210 -19.04 -6.78 36.96
C PHE A 210 -19.62 -6.40 38.30
N VAL A 211 -19.24 -5.22 38.76
CA VAL A 211 -19.72 -4.69 40.02
C VAL A 211 -20.20 -3.29 39.83
N PRO A 212 -21.50 -3.07 40.06
CA PRO A 212 -22.05 -1.71 39.99
C PRO A 212 -21.30 -0.80 40.89
N VAL A 213 -21.05 0.42 40.44
CA VAL A 213 -20.31 1.36 41.26
C VAL A 213 -21.03 2.70 41.32
N VAL A 214 -21.24 3.18 42.54
CA VAL A 214 -21.84 4.46 42.81
C VAL A 214 -20.85 5.59 42.59
N GLY A 215 -21.32 6.71 42.05
CA GLY A 215 -20.46 7.86 41.82
C GLY A 215 -21.23 9.05 41.30
N ALA A 216 -20.87 10.23 41.78
CA ALA A 216 -21.44 11.48 41.29
C ALA A 216 -20.87 11.82 39.90
N ARG A 217 -21.72 12.28 39.00
CA ARG A 217 -21.34 12.48 37.60
C ARG A 217 -22.23 13.59 37.07
N PRO A 218 -21.81 14.24 35.96
CA PRO A 218 -22.70 15.21 35.32
C PRO A 218 -23.99 14.54 34.83
N GLN A 219 -25.08 15.28 34.71
CA GLN A 219 -26.32 14.73 34.14
C GLN A 219 -26.21 14.67 32.63
N VAL A 220 -26.55 13.52 32.04
CA VAL A 220 -26.73 13.40 30.59
C VAL A 220 -28.15 12.87 30.35
N ASN A 221 -28.92 13.56 29.51
CA ASN A 221 -30.36 13.30 29.37
C ASN A 221 -31.03 13.24 30.75
N GLY A 222 -30.64 14.18 31.61
CA GLY A 222 -31.21 14.29 32.94
C GLY A 222 -30.71 13.30 33.99
N LEU A 223 -29.75 12.45 33.62
CA LEU A 223 -29.35 11.38 34.53
C LEU A 223 -27.84 11.37 34.87
N SER A 224 -27.54 11.25 36.17
CA SER A 224 -26.18 11.16 36.65
C SER A 224 -25.72 9.71 36.72
N SER A 225 -26.65 8.79 36.49
CA SER A 225 -26.31 7.37 36.55
C SER A 225 -26.01 6.90 35.13
N ARG A 226 -25.28 5.81 35.00
CA ARG A 226 -24.84 5.37 33.68
C ARG A 226 -25.18 3.90 33.48
N ILE A 227 -25.18 3.47 32.23
CA ILE A 227 -25.21 2.04 31.91
C ILE A 227 -24.01 1.69 31.03
N ASP A 228 -23.28 0.65 31.43
CA ASP A 228 -22.17 0.09 30.66
C ASP A 228 -22.63 -1.10 29.85
N PHE A 229 -22.56 -1.00 28.54
CA PHE A 229 -23.04 -2.07 27.66
C PHE A 229 -21.91 -3.04 27.25
N HIS A 230 -22.22 -4.32 27.22
CA HIS A 230 -21.24 -5.35 26.91
C HIS A 230 -21.88 -6.26 25.88
N TRP A 231 -21.07 -7.03 25.17
CA TRP A 231 -21.58 -7.92 24.15
C TRP A 231 -20.63 -9.04 23.87
N THR A 232 -21.19 -10.14 23.38
CA THR A 232 -20.37 -11.25 22.97
C THR A 232 -21.16 -12.11 21.99
N LEU A 233 -20.45 -12.94 21.26
CA LEU A 233 -21.07 -13.80 20.27
C LEU A 233 -21.27 -15.19 20.87
N VAL A 234 -22.51 -15.66 20.85
CA VAL A 234 -22.88 -16.97 21.37
C VAL A 234 -23.05 -17.94 20.22
N GLN A 235 -22.13 -18.90 20.14
CA GLN A 235 -22.04 -19.79 18.99
C GLN A 235 -23.17 -20.83 18.94
N PRO A 236 -23.39 -21.45 17.76
CA PRO A 236 -24.51 -22.39 17.72
C PRO A 236 -24.35 -23.46 18.78
N GLY A 237 -25.43 -23.76 19.48
CA GLY A 237 -25.47 -24.84 20.43
C GLY A 237 -24.91 -24.45 21.78
N ASP A 238 -24.29 -23.28 21.87
CA ASP A 238 -23.77 -22.82 23.17
C ASP A 238 -24.82 -22.15 24.02
N ASN A 239 -24.53 -22.07 25.32
CA ASN A 239 -25.40 -21.41 26.30
C ASN A 239 -24.65 -20.31 27.06
N ILE A 240 -25.33 -19.19 27.30
CA ILE A 240 -24.73 -18.13 28.06
C ILE A 240 -25.61 -17.83 29.29
N THR A 241 -24.97 -17.62 30.43
CA THR A 241 -25.67 -17.48 31.70
C THR A 241 -25.31 -16.19 32.46
N PHE A 242 -26.30 -15.58 33.09
CA PHE A 242 -26.07 -14.40 33.92
C PHE A 242 -26.35 -14.77 35.39
N SER A 243 -25.38 -14.54 36.28
CA SER A 243 -25.63 -14.63 37.74
C SER A 243 -25.57 -13.23 38.30
N HIS A 244 -26.67 -12.77 38.89
CA HIS A 244 -26.76 -11.38 39.29
C HIS A 244 -27.54 -11.15 40.58
N ASN A 245 -27.02 -10.18 41.31
CA ASN A 245 -27.39 -9.74 42.65
C ASN A 245 -28.18 -8.44 42.61
N GLY A 246 -28.41 -7.95 41.39
CA GLY A 246 -28.88 -6.61 41.18
C GLY A 246 -27.87 -5.76 40.41
N GLY A 247 -28.37 -4.86 39.56
CA GLY A 247 -27.56 -4.08 38.64
C GLY A 247 -27.47 -4.61 37.21
N LEU A 248 -27.92 -5.83 36.95
CA LEU A 248 -27.88 -6.31 35.57
C LEU A 248 -29.00 -5.66 34.77
N ILE A 249 -28.67 -5.16 33.57
CA ILE A 249 -29.66 -4.75 32.61
C ILE A 249 -29.75 -5.87 31.59
N ALA A 250 -30.72 -6.77 31.79
CA ALA A 250 -30.81 -8.05 31.07
C ALA A 250 -31.32 -7.93 29.65
N PRO A 251 -30.86 -8.82 28.75
CA PRO A 251 -31.42 -8.83 27.41
C PRO A 251 -32.77 -9.59 27.37
N SER A 252 -33.82 -8.91 26.89
CA SER A 252 -35.07 -9.58 26.53
C SER A 252 -34.97 -10.24 25.15
N ARG A 253 -34.14 -9.70 24.26
CA ARG A 253 -33.94 -10.35 22.96
C ARG A 253 -32.46 -10.31 22.57
N VAL A 254 -32.05 -11.21 21.68
CA VAL A 254 -30.73 -11.18 21.14
C VAL A 254 -30.83 -11.02 19.63
N SER A 255 -29.70 -10.62 19.04
CA SER A 255 -29.61 -10.30 17.65
C SER A 255 -28.94 -11.37 16.85
N LYS A 256 -29.39 -11.56 15.62
CA LYS A 256 -28.70 -12.37 14.65
C LYS A 256 -28.32 -11.47 13.47
N LEU A 257 -27.02 -11.32 13.22
CA LEU A 257 -26.62 -10.52 12.08
C LEU A 257 -26.64 -11.45 10.87
N ILE A 258 -27.32 -11.05 9.81
CA ILE A 258 -27.53 -11.91 8.65
C ILE A 258 -26.81 -11.45 7.40
N GLY A 259 -26.04 -12.35 6.81
CA GLY A 259 -25.47 -12.10 5.50
C GLY A 259 -24.53 -10.91 5.44
N ARG A 260 -24.49 -10.24 4.30
CA ARG A 260 -23.54 -9.16 4.07
C ARG A 260 -24.12 -7.94 3.38
N GLY A 261 -23.57 -6.78 3.74
CA GLY A 261 -24.01 -5.52 3.19
C GLY A 261 -22.94 -4.45 3.24
N LEU A 262 -23.16 -3.39 2.49
CA LEU A 262 -22.23 -2.28 2.43
C LEU A 262 -22.61 -1.10 3.31
N GLY A 263 -21.77 -0.79 4.29
CA GLY A 263 -22.01 0.28 5.22
C GLY A 263 -21.55 1.61 4.70
N ILE A 264 -22.41 2.61 4.75
CA ILE A 264 -22.09 3.97 4.28
C ILE A 264 -22.40 5.01 5.34
N GLN A 265 -21.47 5.92 5.58
CA GLN A 265 -21.71 7.11 6.38
C GLN A 265 -21.77 8.35 5.49
N SER A 266 -22.91 9.05 5.48
CA SER A 266 -23.06 10.11 4.49
C SER A 266 -24.01 11.23 4.92
N ASP A 267 -23.83 12.38 4.31
CA ASP A 267 -24.71 13.57 4.46
C ASP A 267 -25.80 13.65 3.42
N ALA A 268 -25.65 12.86 2.36
CA ALA A 268 -26.48 13.01 1.16
C ALA A 268 -27.83 12.28 1.26
N PRO A 269 -28.91 12.95 0.85
CA PRO A 269 -30.16 12.21 0.71
C PRO A 269 -30.13 11.18 -0.41
N ILE A 270 -30.98 10.21 -0.19
CA ILE A 270 -31.11 9.07 -1.05
C ILE A 270 -31.81 9.48 -2.30
N ASP A 271 -31.39 8.90 -3.40
CA ASP A 271 -32.16 8.92 -4.63
C ASP A 271 -32.30 7.49 -5.10
N ASN A 272 -33.54 6.99 -5.08
CA ASN A 272 -33.79 5.61 -5.44
C ASN A 272 -34.05 5.41 -6.95
N ASN A 273 -33.98 6.46 -7.73
CA ASN A 273 -34.01 6.32 -9.19
C ASN A 273 -32.60 6.43 -9.78
N CYS A 274 -31.63 6.54 -8.90
CA CYS A 274 -30.22 6.75 -9.24
C CYS A 274 -29.36 5.49 -8.96
N GLU A 275 -28.46 5.13 -9.87
CA GLU A 275 -27.69 3.90 -9.67
C GLU A 275 -26.19 4.17 -9.53
N SER A 276 -25.53 3.58 -8.52
CA SER A 276 -24.11 3.83 -8.29
C SER A 276 -23.37 2.70 -7.59
N LYS A 277 -22.05 2.64 -7.73
CA LYS A 277 -21.26 1.64 -7.00
C LYS A 277 -20.17 2.20 -6.06
N CYS A 278 -20.00 3.52 -6.07
CA CYS A 278 -19.01 4.25 -5.26
C CYS A 278 -19.63 5.33 -4.36
N PHE A 279 -19.31 5.32 -3.07
CA PHE A 279 -19.91 6.29 -2.16
C PHE A 279 -18.92 7.01 -1.25
N TRP A 280 -19.27 8.24 -0.91
CA TRP A 280 -18.45 9.01 0.02
C TRP A 280 -19.47 9.81 0.81
N ARG A 281 -19.04 10.60 1.78
CA ARG A 281 -20.06 11.23 2.62
C ARG A 281 -20.82 12.34 1.92
N GLY A 282 -20.40 12.72 0.73
CA GLY A 282 -21.09 13.73 -0.06
C GLY A 282 -22.12 13.15 -1.01
N GLY A 283 -22.04 11.85 -1.24
CA GLY A 283 -22.96 11.17 -2.13
C GLY A 283 -22.29 10.03 -2.91
N SER A 284 -22.42 10.09 -4.24
CA SER A 284 -21.99 8.98 -5.08
C SER A 284 -21.01 9.45 -6.14
N ILE A 285 -20.16 8.54 -6.60
CA ILE A 285 -19.34 8.83 -7.76
C ILE A 285 -19.65 7.88 -8.91
N ASN A 286 -20.10 8.43 -10.04
CA ASN A 286 -20.32 7.62 -11.24
C ASN A 286 -19.44 8.15 -12.35
N THR A 287 -18.45 7.36 -12.73
CA THR A 287 -17.48 7.82 -13.69
C THR A 287 -16.77 6.64 -14.33
N ARG A 288 -16.32 6.84 -15.56
CA ARG A 288 -15.52 5.84 -16.27
C ARG A 288 -14.04 6.09 -16.02
N LEU A 289 -13.70 7.30 -15.58
CA LEU A 289 -12.33 7.67 -15.29
C LEU A 289 -11.69 6.85 -14.14
N PRO A 290 -10.40 6.52 -14.26
CA PRO A 290 -9.74 5.68 -13.26
C PRO A 290 -9.36 6.38 -11.94
N PHE A 291 -9.32 7.71 -11.93
CA PHE A 291 -8.85 8.41 -10.75
C PHE A 291 -9.90 9.45 -10.35
N GLN A 292 -9.81 9.94 -9.12
CA GLN A 292 -10.68 11.02 -8.67
C GLN A 292 -9.98 11.82 -7.60
N ASN A 293 -10.46 13.05 -7.44
CA ASN A 293 -9.92 13.94 -6.42
C ASN A 293 -11.01 14.53 -5.54
N LEU A 294 -12.20 13.90 -5.55
CA LEU A 294 -13.29 14.29 -4.62
C LEU A 294 -13.02 13.99 -3.15
N SER A 295 -12.50 12.80 -2.85
CA SER A 295 -12.30 12.40 -1.47
C SER A 295 -11.44 11.16 -1.32
N PRO A 296 -10.58 11.15 -0.28
CA PRO A 296 -9.79 9.97 0.04
C PRO A 296 -10.56 8.95 0.90
N ARG A 297 -11.75 9.30 1.31
CA ARG A 297 -12.55 8.29 2.02
C ARG A 297 -13.69 7.88 1.14
N THR A 298 -13.59 6.70 0.54
CA THR A 298 -14.66 6.21 -0.28
C THR A 298 -14.93 4.78 0.07
N VAL A 299 -16.14 4.38 -0.25
CA VAL A 299 -16.60 3.05 0.02
C VAL A 299 -17.17 2.46 -1.25
N GLY A 300 -17.07 1.14 -1.45
CA GLY A 300 -17.51 0.47 -2.68
C GLY A 300 -16.46 0.37 -3.80
N GLN A 301 -16.88 0.23 -5.04
CA GLN A 301 -15.96 0.15 -6.18
C GLN A 301 -15.73 1.51 -6.81
N CYS A 302 -14.51 2.02 -6.67
CA CYS A 302 -14.26 3.42 -6.92
C CYS A 302 -13.00 3.66 -7.70
N PRO A 303 -12.91 4.80 -8.38
CA PRO A 303 -11.60 5.20 -8.89
C PRO A 303 -10.68 5.51 -7.72
N LYS A 304 -9.38 5.40 -7.95
CA LYS A 304 -8.43 5.72 -6.91
C LYS A 304 -8.31 7.21 -6.69
N TYR A 305 -8.20 7.60 -5.42
CA TYR A 305 -7.99 9.00 -5.06
C TYR A 305 -6.58 9.46 -5.38
N VAL A 306 -6.44 10.67 -5.92
CA VAL A 306 -5.11 11.19 -6.24
C VAL A 306 -5.02 12.65 -5.84
N ASN A 307 -3.81 13.09 -5.49
CA ASN A 307 -3.61 14.49 -5.10
C ASN A 307 -3.38 15.42 -6.27
N ARG A 308 -4.22 15.33 -7.30
CA ARG A 308 -4.09 16.25 -8.44
C ARG A 308 -5.43 16.86 -8.86
N ARG A 309 -5.39 18.14 -9.19
CA ARG A 309 -6.56 18.84 -9.67
C ARG A 309 -6.97 18.29 -11.04
N SER A 310 -5.99 18.03 -11.89
CA SER A 310 -6.21 17.64 -13.27
C SER A 310 -5.07 16.77 -13.82
N LEU A 311 -5.40 15.80 -14.67
CA LEU A 311 -4.37 15.08 -15.44
C LEU A 311 -4.82 14.90 -16.90
N MET A 312 -4.21 15.62 -17.82
CA MET A 312 -4.74 15.63 -19.18
C MET A 312 -4.07 14.54 -19.99
N LEU A 313 -4.90 13.68 -20.59
CA LEU A 313 -4.38 12.64 -21.46
C LEU A 313 -4.59 13.04 -22.94
N ALA A 314 -3.50 13.16 -23.68
CA ALA A 314 -3.56 13.60 -25.07
C ALA A 314 -4.35 12.62 -25.90
N THR A 315 -5.25 13.15 -26.74
CA THR A 315 -5.98 12.34 -27.71
C THR A 315 -5.71 12.85 -29.12
N GLY A 316 -4.55 13.44 -29.34
CA GLY A 316 -4.22 13.91 -30.67
C GLY A 316 -2.75 14.21 -30.80
N MET A 317 -2.33 14.60 -32.00
CA MET A 317 -0.92 14.87 -32.32
C MET A 317 -0.44 16.21 -31.77
N ARG A 318 0.86 16.47 -31.88
CA ARG A 318 1.41 17.79 -31.54
C ARG A 318 0.67 18.81 -32.38
N ASN A 319 0.28 19.92 -31.76
CA ASN A 319 -0.43 20.96 -32.49
C ASN A 319 0.56 22.04 -32.90
N VAL A 320 0.69 22.22 -34.21
CA VAL A 320 1.55 23.24 -34.77
C VAL A 320 0.76 24.14 -35.71
N PRO A 321 0.39 25.34 -35.24
CA PRO A 321 -0.49 26.25 -35.98
C PRO A 321 0.27 26.94 -37.09
N GLU A 322 -0.44 27.54 -38.05
CA GLU A 322 0.19 28.29 -39.14
C GLU A 322 0.78 29.61 -38.68
N LEU B 1 11.21 9.74 -31.77
CA LEU B 1 10.61 10.76 -32.65
C LEU B 1 10.86 10.50 -34.15
N PHE B 2 9.80 10.64 -34.95
CA PHE B 2 9.94 10.48 -36.38
C PHE B 2 10.10 11.87 -36.97
N GLY B 3 10.62 12.00 -38.16
CA GLY B 3 11.11 13.33 -38.53
C GLY B 3 10.11 14.43 -38.86
N ALA B 4 8.82 14.12 -38.76
CA ALA B 4 7.81 14.82 -39.55
C ALA B 4 6.98 15.87 -38.83
N ILE B 5 6.13 15.45 -37.89
CA ILE B 5 5.00 16.31 -37.51
C ILE B 5 5.46 17.61 -36.85
N ALA B 6 6.54 17.59 -36.10
CA ALA B 6 7.02 18.90 -35.64
C ALA B 6 8.42 19.13 -36.13
N GLY B 7 8.68 18.63 -37.34
CA GLY B 7 10.03 18.47 -37.88
C GLY B 7 10.29 19.08 -39.26
N PHE B 8 10.20 18.27 -40.33
CA PHE B 8 10.49 18.79 -41.66
C PHE B 8 9.25 19.34 -42.29
N LEU B 9 8.09 18.90 -41.80
CA LEU B 9 6.83 19.60 -42.10
C LEU B 9 6.81 20.87 -41.26
N GLU B 10 6.59 22.01 -41.90
CA GLU B 10 6.69 23.28 -41.20
C GLU B 10 5.59 23.46 -40.16
N ASN B 11 4.37 23.07 -40.51
CA ASN B 11 3.24 23.20 -39.61
C ASN B 11 2.06 22.39 -40.08
N GLY B 12 1.01 22.40 -39.27
CA GLY B 12 -0.19 21.68 -39.62
C GLY B 12 -1.06 22.60 -40.43
N TRP B 13 -2.14 22.04 -40.97
CA TRP B 13 -3.07 22.80 -41.75
C TRP B 13 -4.41 22.90 -41.01
N GLU B 14 -4.68 24.08 -40.45
CA GLU B 14 -5.93 24.35 -39.75
C GLU B 14 -7.12 24.14 -40.69
N GLY B 15 -6.87 24.38 -41.97
CA GLY B 15 -7.87 24.19 -43.01
C GLY B 15 -8.37 22.77 -43.25
N MET B 16 -7.59 21.75 -42.87
CA MET B 16 -8.05 20.38 -43.11
C MET B 16 -8.87 19.82 -41.93
N VAL B 17 -10.19 19.94 -42.01
CA VAL B 17 -11.09 19.46 -40.99
C VAL B 17 -11.61 18.09 -41.39
N ASP B 18 -11.25 17.72 -42.61
CA ASP B 18 -11.56 16.43 -43.21
C ASP B 18 -10.91 15.18 -42.56
N GLY B 19 -9.70 15.35 -42.04
CA GLY B 19 -8.95 14.23 -41.48
C GLY B 19 -7.74 14.74 -40.72
N TRP B 20 -7.06 13.83 -40.03
CA TRP B 20 -5.74 14.12 -39.43
C TRP B 20 -4.58 14.30 -40.43
N TYR B 21 -4.59 13.47 -41.48
CA TYR B 21 -3.52 13.51 -42.47
C TYR B 21 -4.09 13.70 -43.89
N GLY B 22 -3.37 14.44 -44.73
CA GLY B 22 -3.91 14.75 -46.03
C GLY B 22 -2.94 15.14 -47.12
N PHE B 23 -3.50 15.30 -48.31
CA PHE B 23 -2.80 15.76 -49.48
C PHE B 23 -3.19 17.19 -49.91
N ARG B 24 -2.18 17.99 -50.28
CA ARG B 24 -2.40 19.23 -51.03
C ARG B 24 -1.63 19.21 -52.35
N HIS B 25 -2.31 19.45 -53.45
CA HIS B 25 -1.67 19.37 -54.76
C HIS B 25 -1.80 20.67 -55.54
N GLN B 26 -0.73 21.07 -56.23
CA GLN B 26 -0.85 22.15 -57.20
C GLN B 26 -0.46 21.66 -58.61
N ASN B 27 -1.38 21.76 -59.55
CA ASN B 27 -1.19 21.29 -60.93
C ASN B 27 -1.80 22.29 -61.91
N ALA B 28 -1.55 22.09 -63.20
CA ALA B 28 -2.01 23.00 -64.26
C ALA B 28 -3.40 23.56 -64.01
N GLN B 29 -4.36 22.68 -63.73
CA GLN B 29 -5.73 23.10 -63.52
C GLN B 29 -6.06 23.46 -62.08
N GLY B 30 -5.29 24.38 -61.49
CA GLY B 30 -5.54 24.83 -60.13
C GLY B 30 -4.99 23.92 -59.04
N THR B 31 -5.31 24.25 -57.78
CA THR B 31 -4.83 23.49 -56.62
C THR B 31 -5.98 22.88 -55.83
N GLY B 32 -5.70 21.83 -55.06
CA GLY B 32 -6.71 21.14 -54.26
C GLY B 32 -6.24 20.47 -52.98
N GLN B 33 -7.17 20.00 -52.15
CA GLN B 33 -6.83 19.38 -50.87
C GLN B 33 -7.73 18.19 -50.57
N ALA B 34 -7.16 17.12 -50.04
CA ALA B 34 -7.96 15.96 -49.64
C ALA B 34 -7.30 15.18 -48.49
N ALA B 35 -8.12 14.70 -47.55
CA ALA B 35 -7.61 14.00 -46.39
C ALA B 35 -7.47 12.52 -46.70
N ASP B 36 -6.40 11.91 -46.19
CA ASP B 36 -6.21 10.47 -46.36
C ASP B 36 -6.89 9.67 -45.24
N TYR B 37 -7.89 8.88 -45.61
CA TYR B 37 -8.70 8.17 -44.63
C TYR B 37 -7.97 7.07 -43.83
N LYS B 38 -7.16 6.25 -44.53
CA LYS B 38 -6.45 5.12 -43.95
C LYS B 38 -5.55 5.53 -42.81
N SER B 39 -4.74 6.55 -43.07
CA SER B 39 -3.77 6.97 -42.07
C SER B 39 -4.46 7.57 -40.83
N THR B 40 -5.45 8.43 -41.02
CA THR B 40 -6.06 9.07 -39.87
C THR B 40 -6.78 8.04 -39.01
N GLN B 41 -7.46 7.10 -39.65
CA GLN B 41 -8.10 6.00 -38.94
C GLN B 41 -7.12 5.11 -38.21
N ALA B 42 -5.92 4.97 -38.76
CA ALA B 42 -4.87 4.21 -38.11
C ALA B 42 -4.46 4.85 -36.77
N ALA B 43 -4.28 6.16 -36.79
CA ALA B 43 -3.95 6.92 -35.58
C ALA B 43 -5.13 6.98 -34.57
N ILE B 44 -6.33 7.26 -35.07
CA ILE B 44 -7.51 7.37 -34.25
C ILE B 44 -7.87 6.04 -33.60
N ASP B 45 -7.73 4.94 -34.34
CA ASP B 45 -8.06 3.64 -33.78
C ASP B 45 -7.12 3.35 -32.60
N GLN B 46 -5.87 3.74 -32.73
CA GLN B 46 -4.92 3.57 -31.65
C GLN B 46 -5.26 4.42 -30.42
N ILE B 47 -5.68 5.66 -30.65
CA ILE B 47 -6.06 6.52 -29.56
C ILE B 47 -7.24 5.92 -28.80
N THR B 48 -8.25 5.43 -29.52
CA THR B 48 -9.43 4.94 -28.85
C THR B 48 -9.08 3.67 -28.05
N GLY B 49 -8.12 2.91 -28.54
CA GLY B 49 -7.66 1.76 -27.79
C GLY B 49 -7.05 2.14 -26.44
N LYS B 50 -6.31 3.24 -26.42
CA LYS B 50 -5.72 3.74 -25.18
C LYS B 50 -6.80 4.15 -24.21
N LEU B 51 -7.82 4.81 -24.74
CA LEU B 51 -8.95 5.27 -23.95
C LEU B 51 -9.76 4.12 -23.39
N ASN B 52 -9.93 3.07 -24.20
CA ASN B 52 -10.64 1.88 -23.75
C ASN B 52 -9.89 1.27 -22.55
N ARG B 53 -8.58 1.17 -22.67
CA ARG B 53 -7.73 0.60 -21.62
C ARG B 53 -7.86 1.39 -20.32
N LEU B 54 -7.91 2.71 -20.45
CA LEU B 54 -8.03 3.60 -19.32
C LEU B 54 -9.34 3.44 -18.55
N VAL B 55 -10.47 3.32 -19.25
CA VAL B 55 -11.72 3.15 -18.55
C VAL B 55 -12.03 1.69 -18.26
N GLU B 56 -11.32 0.76 -18.89
CA GLU B 56 -11.67 -0.64 -18.68
C GLU B 56 -11.00 -1.12 -17.42
N LYS B 57 -11.51 -0.64 -16.29
CA LYS B 57 -11.06 -1.13 -15.01
C LYS B 57 -12.28 -1.63 -14.25
N THR B 58 -12.33 -2.94 -14.01
CA THR B 58 -13.31 -3.56 -13.13
C THR B 58 -12.72 -3.47 -11.71
N ASN B 59 -13.57 -3.55 -10.70
CA ASN B 59 -13.13 -3.11 -9.39
C ASN B 59 -13.44 -3.97 -8.16
N THR B 60 -12.49 -3.88 -7.23
CA THR B 60 -12.55 -4.41 -5.90
C THR B 60 -13.51 -3.60 -5.04
N GLU B 61 -14.28 -4.25 -4.19
CA GLU B 61 -15.18 -3.54 -3.29
C GLU B 61 -14.46 -3.27 -1.98
N PHE B 62 -14.33 -2.01 -1.61
CA PHE B 62 -13.75 -1.63 -0.31
C PHE B 62 -14.84 -1.20 0.65
N GLU B 63 -14.60 -1.46 1.93
CA GLU B 63 -15.51 -1.10 3.00
C GLU B 63 -14.82 -0.01 3.81
N SER B 64 -15.57 0.66 4.66
CA SER B 64 -15.01 1.73 5.50
C SER B 64 -14.14 1.19 6.66
N ILE B 65 -12.97 1.80 6.84
CA ILE B 65 -12.16 1.59 8.04
C ILE B 65 -11.95 2.90 8.83
N GLU B 66 -12.56 4.01 8.42
CA GLU B 66 -12.47 5.27 9.16
C GLU B 66 -13.87 5.80 9.46
N SER B 67 -14.19 6.05 10.72
CA SER B 67 -15.51 6.53 11.01
C SER B 67 -15.58 7.99 10.60
N GLU B 68 -16.55 8.29 9.76
CA GLU B 68 -16.85 9.65 9.37
C GLU B 68 -17.42 10.51 10.51
N PHE B 69 -18.21 9.90 11.40
CA PHE B 69 -18.99 10.60 12.41
C PHE B 69 -18.65 10.32 13.87
N SER B 70 -17.68 9.46 14.11
CA SER B 70 -17.29 9.16 15.47
C SER B 70 -15.79 8.97 15.49
N GLU B 71 -15.21 9.23 16.66
CA GLU B 71 -13.77 9.11 16.83
C GLU B 71 -13.28 7.66 16.86
N ILE B 72 -12.05 7.54 16.41
CA ILE B 72 -11.36 6.29 16.21
C ILE B 72 -10.18 6.24 17.20
N GLU B 73 -9.81 5.04 17.63
CA GLU B 73 -8.73 4.91 18.59
C GLU B 73 -7.44 5.54 17.98
N HIS B 74 -6.66 6.28 18.79
CA HIS B 74 -5.65 7.17 18.21
C HIS B 74 -4.54 6.44 17.41
N GLN B 75 -4.00 5.39 18.00
CA GLN B 75 -2.93 4.64 17.37
C GLN B 75 -3.39 3.92 16.09
N ILE B 76 -4.55 3.26 16.14
CA ILE B 76 -5.03 2.61 14.92
C ILE B 76 -5.31 3.68 13.85
N GLY B 77 -5.79 4.86 14.28
CA GLY B 77 -6.11 5.97 13.38
C GLY B 77 -4.87 6.44 12.62
N ASN B 78 -3.79 6.58 13.37
CA ASN B 78 -2.50 6.98 12.84
C ASN B 78 -1.92 5.94 11.89
N VAL B 79 -2.09 4.66 12.22
CA VAL B 79 -1.69 3.62 11.30
C VAL B 79 -2.50 3.76 10.01
N ILE B 80 -3.79 3.97 10.15
CA ILE B 80 -4.66 4.14 8.98
C ILE B 80 -4.29 5.39 8.18
N ASN B 81 -4.02 6.50 8.83
CA ASN B 81 -3.69 7.69 8.07
C ASN B 81 -2.42 7.44 7.25
N TRP B 82 -1.43 6.80 7.88
CA TRP B 82 -0.14 6.54 7.24
C TRP B 82 -0.30 5.62 6.01
N THR B 83 -1.11 4.58 6.18
CA THR B 83 -1.27 3.64 5.09
C THR B 83 -1.99 4.26 3.89
N LYS B 84 -3.13 4.91 4.16
CA LYS B 84 -3.97 5.54 3.14
C LYS B 84 -3.16 6.58 2.38
N ASP B 85 -2.38 7.38 3.13
CA ASP B 85 -1.54 8.39 2.50
C ASP B 85 -0.43 7.76 1.65
N SER B 86 0.11 6.64 2.12
CA SER B 86 1.09 5.91 1.34
C SER B 86 0.49 5.36 0.04
N ILE B 87 -0.74 4.84 0.11
CA ILE B 87 -1.45 4.38 -1.08
C ILE B 87 -1.77 5.54 -2.00
N THR B 88 -2.13 6.68 -1.46
CA THR B 88 -2.44 7.79 -2.33
C THR B 88 -1.19 8.26 -3.03
N ASP B 89 -0.05 8.27 -2.34
CA ASP B 89 1.19 8.74 -2.95
C ASP B 89 1.55 7.87 -4.18
N ILE B 90 1.37 6.56 -4.03
CA ILE B 90 1.58 5.60 -5.10
C ILE B 90 0.66 5.87 -6.28
N TRP B 91 -0.63 6.04 -6.01
CA TRP B 91 -1.60 6.25 -7.09
C TRP B 91 -1.37 7.58 -7.78
N THR B 92 -1.02 8.62 -7.03
CA THR B 92 -0.75 9.90 -7.64
C THR B 92 0.46 9.80 -8.53
N TYR B 93 1.45 9.06 -8.08
CA TYR B 93 2.65 8.85 -8.88
C TYR B 93 2.38 8.04 -10.13
N GLN B 94 1.59 6.99 -10.01
CA GLN B 94 1.25 6.15 -11.13
C GLN B 94 0.38 6.89 -12.15
N ALA B 95 -0.48 7.77 -11.65
CA ALA B 95 -1.35 8.52 -12.53
C ALA B 95 -0.53 9.53 -13.34
N GLU B 96 0.46 10.15 -12.69
CA GLU B 96 1.34 11.14 -13.33
C GLU B 96 2.20 10.47 -14.41
N LEU B 97 2.77 9.31 -14.08
CA LEU B 97 3.61 8.53 -15.01
C LEU B 97 2.82 7.95 -16.18
N LEU B 98 1.64 7.40 -15.90
CA LEU B 98 0.83 6.86 -16.98
C LEU B 98 0.54 7.91 -18.02
N VAL B 99 0.05 9.06 -17.57
CA VAL B 99 -0.26 10.13 -18.48
C VAL B 99 0.99 10.73 -19.18
N ALA B 100 2.14 10.81 -18.52
CA ALA B 100 3.29 11.38 -19.20
C ALA B 100 3.78 10.41 -20.27
N MET B 101 3.93 9.16 -19.88
CA MET B 101 4.35 8.08 -20.76
C MET B 101 3.43 7.90 -21.93
N GLU B 102 2.15 7.93 -21.62
CA GLU B 102 1.13 7.69 -22.61
C GLU B 102 1.04 8.86 -23.59
N ASN B 103 1.28 10.07 -23.10
CA ASN B 103 1.25 11.22 -23.98
C ASN B 103 2.47 11.23 -24.91
N GLN B 104 3.63 10.85 -24.37
CA GLN B 104 4.84 10.76 -25.19
C GLN B 104 4.65 9.79 -26.36
N HIS B 105 4.05 8.64 -26.07
CA HIS B 105 3.78 7.64 -27.09
C HIS B 105 2.73 8.09 -28.12
N THR B 106 1.69 8.74 -27.65
CA THR B 106 0.61 9.22 -28.51
C THR B 106 1.11 10.18 -29.56
N ILE B 107 1.92 11.13 -29.10
CA ILE B 107 2.56 12.10 -29.97
C ILE B 107 3.48 11.43 -30.99
N ASP B 108 4.33 10.51 -30.52
CA ASP B 108 5.29 9.88 -31.40
C ASP B 108 4.58 8.90 -32.34
N MET B 109 3.45 8.35 -31.91
CA MET B 109 2.64 7.50 -32.79
C MET B 109 2.05 8.30 -33.94
N ALA B 110 1.54 9.49 -33.63
CA ALA B 110 0.85 10.26 -34.66
C ALA B 110 1.86 10.76 -35.68
N ASP B 111 3.05 11.08 -35.19
CA ASP B 111 4.18 11.45 -36.02
C ASP B 111 4.58 10.28 -36.94
N SER B 112 4.54 9.06 -36.39
CA SER B 112 4.81 7.84 -37.15
C SER B 112 3.84 7.62 -38.31
N GLU B 113 2.54 7.79 -38.05
CA GLU B 113 1.53 7.56 -39.07
C GLU B 113 1.70 8.56 -40.21
N MET B 114 2.21 9.74 -39.84
CA MET B 114 2.48 10.78 -40.81
C MET B 114 3.64 10.39 -41.72
N LEU B 115 4.76 9.98 -41.13
CA LEU B 115 5.93 9.54 -41.88
C LEU B 115 5.60 8.37 -42.80
N ASN B 116 4.78 7.45 -42.31
CA ASN B 116 4.40 6.29 -43.10
C ASN B 116 3.58 6.67 -44.32
N LEU B 117 2.67 7.64 -44.20
CA LEU B 117 1.92 8.10 -45.38
C LEU B 117 2.90 8.69 -46.42
N TYR B 118 3.82 9.53 -45.93
CA TYR B 118 4.81 10.18 -46.74
C TYR B 118 5.72 9.19 -47.47
N GLU B 119 6.15 8.16 -46.76
CA GLU B 119 6.97 7.13 -47.35
C GLU B 119 6.18 6.33 -48.38
N ARG B 120 4.91 6.07 -48.09
CA ARG B 120 4.07 5.31 -49.00
C ARG B 120 3.93 6.03 -50.35
N VAL B 121 3.76 7.35 -50.29
CA VAL B 121 3.63 8.15 -51.48
C VAL B 121 4.97 8.13 -52.22
N ARG B 122 6.07 8.28 -51.49
CA ARG B 122 7.39 8.38 -52.09
C ARG B 122 7.74 7.14 -52.91
N LYS B 123 7.51 5.96 -52.34
CA LYS B 123 7.83 4.72 -53.05
C LYS B 123 6.95 4.61 -54.27
N GLN B 124 5.69 5.00 -54.13
CA GLN B 124 4.73 4.93 -55.20
C GLN B 124 5.15 5.79 -56.40
N LEU B 125 5.67 6.98 -56.11
CA LEU B 125 6.16 7.90 -57.13
C LEU B 125 7.41 7.37 -57.83
N ARG B 126 8.24 6.63 -57.11
CA ARG B 126 9.44 6.01 -57.65
C ARG B 126 10.39 7.07 -58.24
N GLN B 127 10.75 6.96 -59.52
CA GLN B 127 11.71 7.92 -60.11
C GLN B 127 11.09 9.13 -60.76
N ASN B 128 9.77 9.21 -60.77
CA ASN B 128 9.08 10.31 -61.45
C ASN B 128 9.02 11.59 -60.63
N ALA B 129 9.50 11.55 -59.39
CA ALA B 129 9.46 12.74 -58.52
C ALA B 129 10.68 12.89 -57.63
N GLU B 130 10.79 14.06 -57.02
CA GLU B 130 11.89 14.31 -56.11
C GLU B 130 11.33 14.99 -54.84
N GLU B 131 12.11 14.93 -53.77
CA GLU B 131 11.71 15.49 -52.49
C GLU B 131 12.30 16.88 -52.30
N ASP B 132 11.48 17.87 -51.98
CA ASP B 132 12.05 19.06 -51.37
C ASP B 132 12.16 18.81 -49.87
N GLY B 133 12.89 19.65 -49.16
CA GLY B 133 13.10 19.43 -47.73
C GLY B 133 11.83 19.37 -46.86
N LYS B 134 10.83 20.14 -47.24
CA LYS B 134 9.52 20.17 -46.58
C LYS B 134 8.75 18.94 -47.04
N GLY B 135 7.46 18.83 -46.76
CA GLY B 135 6.81 17.58 -47.10
C GLY B 135 6.38 17.35 -48.55
N CYS B 136 6.78 18.24 -49.44
CA CYS B 136 6.32 18.18 -50.82
C CYS B 136 7.06 17.22 -51.74
N PHE B 137 6.36 16.71 -52.74
CA PHE B 137 7.01 15.99 -53.81
C PHE B 137 6.90 16.79 -55.12
N GLU B 138 8.03 17.18 -55.71
CA GLU B 138 7.99 17.90 -56.97
C GLU B 138 7.98 16.86 -58.10
N ILE B 139 6.86 16.81 -58.83
CA ILE B 139 6.59 15.75 -59.79
C ILE B 139 7.01 16.20 -61.20
N TYR B 140 7.77 15.37 -61.90
CA TYR B 140 8.42 15.82 -63.15
C TYR B 140 7.69 15.46 -64.44
N HIS B 141 6.41 15.15 -64.35
CA HIS B 141 5.56 14.99 -65.51
C HIS B 141 4.27 15.77 -65.25
N ALA B 142 3.50 16.11 -66.29
CA ALA B 142 2.21 16.76 -66.06
C ALA B 142 1.30 15.81 -65.32
N CYS B 143 0.80 16.26 -64.17
CA CYS B 143 -0.05 15.37 -63.39
C CYS B 143 -1.45 15.91 -63.32
N ASP B 144 -2.34 15.12 -63.90
CA ASP B 144 -3.74 15.42 -64.08
C ASP B 144 -4.48 15.47 -62.73
N ASP B 145 -5.67 16.07 -62.72
CA ASP B 145 -6.51 16.01 -61.54
C ASP B 145 -6.87 14.55 -61.28
N SER B 146 -7.18 13.82 -62.33
CA SER B 146 -7.49 12.41 -62.18
C SER B 146 -6.19 11.69 -61.77
N CYS B 147 -5.06 12.16 -62.29
CA CYS B 147 -3.75 11.61 -61.90
C CYS B 147 -3.38 11.85 -60.44
N MET B 148 -3.59 13.06 -59.95
CA MET B 148 -3.40 13.35 -58.53
C MET B 148 -4.26 12.41 -57.68
N GLU B 149 -5.53 12.29 -58.05
CA GLU B 149 -6.44 11.41 -57.33
C GLU B 149 -5.91 9.98 -57.36
N SER B 150 -5.25 9.62 -58.45
CA SER B 150 -4.64 8.29 -58.59
C SER B 150 -3.52 8.05 -57.56
N ILE B 151 -2.77 9.10 -57.23
CA ILE B 151 -1.74 9.00 -56.19
C ILE B 151 -2.32 8.75 -54.77
N ARG B 152 -3.36 9.50 -54.39
CA ARG B 152 -4.05 9.31 -53.11
C ARG B 152 -4.69 7.94 -53.03
N ASN B 153 -5.26 7.55 -54.17
CA ASN B 153 -6.05 6.35 -54.40
C ASN B 153 -5.18 5.09 -54.27
N ASN B 154 -3.87 5.31 -54.29
CA ASN B 154 -2.86 4.26 -54.35
C ASN B 154 -2.91 3.44 -55.63
N THR B 155 -3.37 4.06 -56.71
CA THR B 155 -3.59 3.32 -57.94
C THR B 155 -2.53 3.71 -58.98
N TYR B 156 -1.86 4.85 -58.75
CA TYR B 156 -0.95 5.46 -59.70
C TYR B 156 0.16 4.49 -60.18
N ASP B 157 0.35 4.42 -61.50
CA ASP B 157 1.36 3.52 -62.07
C ASP B 157 2.54 4.35 -62.54
N HIS B 158 3.69 4.18 -61.89
CA HIS B 158 4.86 5.02 -62.18
C HIS B 158 5.40 4.80 -63.59
N SER B 159 5.33 3.55 -64.05
CA SER B 159 5.93 3.16 -65.32
C SER B 159 5.30 3.96 -66.49
N GLN B 160 4.00 4.18 -66.39
CA GLN B 160 3.23 4.93 -67.36
C GLN B 160 3.83 6.30 -67.63
N TYR B 161 4.33 6.98 -66.59
CA TYR B 161 4.91 8.31 -66.77
C TYR B 161 6.45 8.40 -66.71
N ARG B 162 7.12 7.26 -66.60
CA ARG B 162 8.55 7.25 -66.25
C ARG B 162 9.46 7.94 -67.27
N GLU B 163 9.24 7.66 -68.56
CA GLU B 163 10.09 8.20 -69.62
C GLU B 163 10.02 9.70 -69.67
N GLU B 164 8.79 10.21 -69.63
CA GLU B 164 8.60 11.65 -69.64
C GLU B 164 9.25 12.21 -68.41
N ALA B 165 9.01 11.53 -67.28
CA ALA B 165 9.50 11.98 -65.99
C ALA B 165 11.01 11.97 -65.93
N LEU B 166 11.60 10.85 -66.37
CA LEU B 166 13.05 10.72 -66.34
C LEU B 166 13.71 11.75 -67.23
N LEU B 167 13.07 12.03 -68.36
CA LEU B 167 13.61 13.03 -69.29
C LEU B 167 13.60 14.43 -68.68
N ASN B 168 12.49 14.78 -68.04
CA ASN B 168 12.35 16.11 -67.46
C ASN B 168 13.36 16.33 -66.35
N ARG B 169 13.64 15.29 -65.57
CA ARG B 169 14.58 15.37 -64.45
C ARG B 169 16.00 15.63 -64.92
N LEU B 170 16.41 14.86 -65.92
CA LEU B 170 17.74 14.99 -66.51
C LEU B 170 17.97 16.26 -67.35
N ASN B 171 16.93 16.72 -68.04
CA ASN B 171 17.03 17.87 -68.94
C ASN B 171 16.58 19.16 -68.27
N ASP C 5 35.16 14.17 -52.54
CA ASP C 5 34.34 15.21 -51.93
C ASP C 5 33.11 14.63 -51.21
N LYS C 6 33.12 14.68 -49.88
CA LYS C 6 32.04 14.09 -49.11
C LYS C 6 31.89 14.71 -47.71
N ILE C 7 30.71 14.56 -47.15
CA ILE C 7 30.43 15.09 -45.83
C ILE C 7 29.77 14.00 -45.00
N CYS C 8 30.19 13.90 -43.74
CA CYS C 8 29.83 12.80 -42.87
C CYS C 8 29.06 13.27 -41.65
N LEU C 9 28.11 12.44 -41.22
CA LEU C 9 27.36 12.71 -40.00
C LEU C 9 27.83 11.78 -38.89
N GLY C 10 27.90 12.31 -37.67
CA GLY C 10 28.39 11.53 -36.55
C GLY C 10 27.88 12.09 -35.24
N HIS C 11 28.00 11.29 -34.18
CA HIS C 11 27.65 11.69 -32.81
C HIS C 11 28.90 11.69 -31.96
N HIS C 12 28.85 12.26 -30.75
CA HIS C 12 30.05 12.23 -29.92
C HIS C 12 30.17 10.94 -29.13
N ALA C 13 31.21 10.87 -28.33
CA ALA C 13 31.45 9.73 -27.46
C ALA C 13 32.43 10.21 -26.40
N VAL C 14 32.65 9.42 -25.36
CA VAL C 14 33.64 9.76 -24.34
C VAL C 14 34.48 8.51 -24.10
N ALA C 15 35.67 8.66 -23.53
CA ALA C 15 36.52 7.49 -23.33
C ALA C 15 35.91 6.58 -22.27
N ASN C 16 35.54 7.17 -21.13
CA ASN C 16 34.89 6.44 -20.06
C ASN C 16 33.41 6.74 -19.93
N GLY C 17 32.60 5.74 -20.24
CA GLY C 17 31.16 5.85 -20.10
C GLY C 17 30.68 5.33 -18.76
N THR C 18 29.37 5.34 -18.56
CA THR C 18 28.75 4.71 -17.40
C THR C 18 27.69 3.68 -17.83
N ILE C 19 27.53 2.62 -17.05
CA ILE C 19 26.57 1.59 -17.43
C ILE C 19 25.22 1.85 -16.75
N VAL C 20 24.14 1.73 -17.49
CA VAL C 20 22.80 1.91 -16.93
C VAL C 20 21.95 0.73 -17.37
N LYS C 21 20.83 0.49 -16.67
CA LYS C 21 19.84 -0.52 -17.05
C LYS C 21 18.74 0.02 -17.95
N THR C 22 18.23 -0.83 -18.84
CA THR C 22 17.12 -0.51 -19.73
C THR C 22 16.19 -1.71 -19.77
N LEU C 23 15.07 -1.57 -20.46
CA LEU C 23 14.15 -2.70 -20.62
C LEU C 23 14.76 -3.92 -21.32
N THR C 24 15.48 -3.68 -22.40
CA THR C 24 16.20 -4.75 -23.13
C THR C 24 17.54 -5.20 -22.54
N ASN C 25 18.25 -4.28 -21.92
CA ASN C 25 19.66 -4.51 -21.55
C ASN C 25 20.03 -4.09 -20.12
N GLU C 26 20.64 -4.98 -19.34
CA GLU C 26 21.06 -4.60 -17.97
C GLU C 26 22.47 -4.02 -17.93
N GLN C 27 23.19 -4.08 -19.05
CA GLN C 27 24.54 -3.55 -19.12
C GLN C 27 24.70 -2.65 -20.33
N GLU C 28 23.99 -1.53 -20.34
CA GLU C 28 24.00 -0.61 -21.49
C GLU C 28 24.90 0.61 -21.23
N GLU C 29 25.90 0.81 -22.09
CA GLU C 29 26.85 1.90 -21.83
C GLU C 29 26.44 3.19 -22.53
N VAL C 30 26.35 4.24 -21.74
CA VAL C 30 25.80 5.51 -22.15
C VAL C 30 26.88 6.58 -21.85
N THR C 31 26.83 7.75 -22.50
CA THR C 31 27.86 8.78 -22.31
C THR C 31 27.89 9.36 -20.90
N ASN C 32 26.71 9.55 -20.31
CA ASN C 32 26.59 10.09 -18.95
C ASN C 32 25.30 9.54 -18.28
N ALA C 33 25.26 9.60 -16.96
CA ALA C 33 24.11 9.14 -16.20
C ALA C 33 24.09 9.84 -14.85
N THR C 34 22.97 9.75 -14.14
CA THR C 34 22.83 10.38 -12.84
C THR C 34 22.00 9.51 -11.85
N GLU C 35 22.32 9.58 -10.55
CA GLU C 35 21.63 8.81 -9.49
C GLU C 35 20.18 9.18 -9.27
N THR C 36 19.38 8.18 -8.93
CA THR C 36 17.99 8.43 -8.53
C THR C 36 17.71 8.09 -7.06
N VAL C 37 18.67 7.46 -6.40
CA VAL C 37 18.48 7.07 -5.00
C VAL C 37 19.47 7.79 -4.07
N GLU C 38 18.95 8.57 -3.10
CA GLU C 38 19.81 9.28 -2.15
C GLU C 38 20.43 8.27 -1.20
N SER C 39 21.72 8.41 -0.92
CA SER C 39 22.43 7.38 -0.17
C SER C 39 23.14 7.88 1.07
N THR C 40 23.32 9.18 1.20
CA THR C 40 24.13 9.69 2.33
C THR C 40 23.42 10.21 3.63
N GLY C 41 22.65 11.28 3.54
CA GLY C 41 22.01 11.86 4.72
C GLY C 41 22.97 12.66 5.56
N ILE C 42 22.52 13.04 6.74
CA ILE C 42 23.26 13.95 7.57
C ILE C 42 23.06 13.40 8.94
N ASN C 43 24.14 13.19 9.67
CA ASN C 43 24.06 12.59 11.00
C ASN C 43 23.76 13.62 12.12
N ARG C 44 23.01 14.67 11.78
CA ARG C 44 22.53 15.63 12.77
C ARG C 44 21.05 15.91 12.57
N LEU C 45 20.40 16.50 13.57
CA LEU C 45 19.04 16.94 13.38
C LEU C 45 19.03 18.38 12.88
N CYS C 46 18.69 18.58 11.61
CA CYS C 46 18.76 19.91 11.02
C CYS C 46 17.55 20.72 11.38
N MET C 47 17.70 21.58 12.38
CA MET C 47 16.58 22.29 12.99
C MET C 47 16.44 23.77 12.63
N LYS C 48 17.14 24.22 11.59
CA LYS C 48 17.03 25.62 11.15
C LYS C 48 15.61 25.92 10.65
N GLY C 49 15.06 27.04 11.10
CA GLY C 49 13.71 27.41 10.71
C GLY C 49 12.62 26.73 11.51
N ARG C 50 13.01 25.94 12.49
CA ARG C 50 12.03 25.21 13.28
C ARG C 50 12.09 25.68 14.71
N LYS C 51 10.94 26.06 15.26
CA LYS C 51 10.92 26.35 16.67
C LYS C 51 10.76 25.02 17.38
N HIS C 52 11.85 24.51 17.92
CA HIS C 52 11.83 23.15 18.41
C HIS C 52 12.07 23.05 19.91
N LYS C 53 11.75 21.89 20.46
CA LYS C 53 12.10 21.54 21.84
C LYS C 53 12.81 20.19 21.83
N ASP C 54 13.97 20.14 22.46
CA ASP C 54 14.69 18.90 22.69
C ASP C 54 14.32 18.49 24.11
N LEU C 55 13.65 17.37 24.24
CA LEU C 55 13.22 16.86 25.54
C LEU C 55 14.39 16.32 26.36
N GLY C 56 15.49 16.02 25.71
CA GLY C 56 16.60 15.45 26.44
C GLY C 56 16.20 14.16 27.12
N ASN C 57 16.42 14.07 28.42
CA ASN C 57 16.14 12.84 29.14
C ASN C 57 14.71 12.83 29.73
N CYS C 58 13.92 13.83 29.34
CA CYS C 58 12.46 13.86 29.60
C CYS C 58 11.63 13.03 28.60
N HIS C 59 10.91 12.02 29.08
CA HIS C 59 9.98 11.33 28.19
C HIS C 59 8.71 12.14 28.03
N PRO C 60 8.06 12.07 26.84
CA PRO C 60 6.85 12.89 26.66
C PRO C 60 5.73 12.65 27.69
N ILE C 61 5.53 11.43 28.17
CA ILE C 61 4.51 11.21 29.21
C ILE C 61 4.84 12.02 30.46
N GLY C 62 6.13 12.16 30.76
CA GLY C 62 6.60 12.94 31.91
C GLY C 62 6.23 14.41 31.88
N MET C 63 6.09 14.99 30.69
CA MET C 63 5.59 16.36 30.59
C MET C 63 4.19 16.52 31.21
N LEU C 64 3.31 15.54 31.00
CA LEU C 64 1.95 15.67 31.51
C LEU C 64 1.80 15.51 33.04
N ILE C 65 2.54 14.57 33.65
CA ILE C 65 2.43 14.34 35.07
C ILE C 65 3.47 15.10 35.90
N GLY C 66 4.47 15.68 35.21
CA GLY C 66 5.55 16.42 35.85
C GLY C 66 6.58 15.61 36.63
N THR C 67 7.15 14.61 35.97
CA THR C 67 8.32 13.96 36.47
C THR C 67 9.50 14.97 36.53
N PRO C 68 10.38 14.85 37.53
CA PRO C 68 11.47 15.82 37.69
C PRO C 68 12.33 16.03 36.45
N ALA C 69 12.60 14.96 35.71
CA ALA C 69 13.39 15.11 34.49
C ALA C 69 12.69 16.05 33.50
N CYS C 70 11.39 16.24 33.65
CA CYS C 70 10.63 17.07 32.72
C CYS C 70 10.34 18.45 33.27
N ASP C 71 11.02 18.84 34.34
CA ASP C 71 10.66 20.10 35.00
C ASP C 71 10.76 21.29 34.04
N LEU C 72 11.74 21.27 33.14
CA LEU C 72 11.86 22.36 32.16
C LEU C 72 10.97 22.20 30.92
N HIS C 73 10.14 21.16 30.90
CA HIS C 73 9.23 20.85 29.79
C HIS C 73 7.73 20.70 30.19
N LEU C 74 7.36 21.30 31.29
CA LEU C 74 5.98 21.24 31.78
C LEU C 74 4.99 22.00 30.90
N THR C 75 5.46 23.06 30.24
CA THR C 75 4.67 23.84 29.26
C THR C 75 5.53 24.25 28.07
N GLY C 76 4.91 24.55 26.93
CA GLY C 76 5.66 24.99 25.77
C GLY C 76 4.91 25.28 24.48
N MET C 77 5.59 25.90 23.51
CA MET C 77 5.17 25.93 22.11
C MET C 77 6.30 25.44 21.20
N TRP C 78 5.98 24.49 20.34
CA TRP C 78 6.98 24.01 19.40
C TRP C 78 6.29 23.63 18.11
N ASP C 79 7.00 23.70 17.00
CA ASP C 79 6.53 23.04 15.78
C ASP C 79 7.23 21.69 15.62
N THR C 80 8.33 21.48 16.33
CA THR C 80 9.06 20.23 16.27
C THR C 80 9.41 19.80 17.70
N LEU C 81 9.08 18.55 18.04
CA LEU C 81 9.31 17.96 19.36
C LEU C 81 10.26 16.79 19.21
N ILE C 82 11.34 16.75 19.98
CA ILE C 82 12.35 15.69 19.84
C ILE C 82 12.46 14.80 21.06
N GLU C 83 12.41 13.48 20.84
CA GLU C 83 12.44 12.53 21.95
C GLU C 83 13.71 11.68 21.82
N ARG C 84 14.33 11.39 22.96
CA ARG C 84 15.63 10.75 22.99
C ARG C 84 15.55 9.38 23.60
N GLU C 85 16.53 8.54 23.34
CA GLU C 85 16.39 7.11 23.51
C GLU C 85 16.05 6.60 24.90
N ASN C 86 16.59 7.11 25.98
CA ASN C 86 16.16 6.42 27.20
C ASN C 86 15.41 7.31 28.16
N ALA C 87 14.66 8.24 27.57
CA ALA C 87 13.99 9.32 28.28
C ALA C 87 13.11 8.83 29.44
N ILE C 88 13.00 9.64 30.49
CA ILE C 88 12.36 9.22 31.74
C ILE C 88 10.89 9.66 31.83
N ALA C 89 9.98 8.71 32.05
CA ALA C 89 8.56 9.04 32.28
C ALA C 89 8.20 8.98 33.75
N TYR C 90 8.70 7.97 34.44
CA TYR C 90 8.24 7.70 35.82
C TYR C 90 9.37 7.77 36.84
N CYS C 91 9.21 8.65 37.80
CA CYS C 91 9.99 8.53 39.03
C CYS C 91 9.41 7.45 39.96
N TYR C 92 8.12 7.55 40.27
CA TYR C 92 7.47 6.55 41.12
C TYR C 92 7.03 5.48 40.13
N PRO C 93 7.51 4.24 40.31
CA PRO C 93 7.32 3.24 39.27
C PRO C 93 5.83 2.96 38.98
N GLY C 94 5.54 2.62 37.72
CA GLY C 94 4.18 2.29 37.32
C GLY C 94 4.11 2.24 35.81
N ALA C 95 2.88 2.31 35.32
CA ALA C 95 2.63 2.40 33.89
C ALA C 95 1.33 3.19 33.61
N THR C 96 1.19 3.56 32.35
CA THR C 96 0.01 4.26 31.86
C THR C 96 -0.82 3.39 30.92
N VAL C 97 -2.12 3.37 31.12
CA VAL C 97 -3.02 2.69 30.19
C VAL C 97 -3.00 3.43 28.87
N ASN C 98 -2.90 2.65 27.79
CA ASN C 98 -2.86 3.21 26.45
C ASN C 98 -1.73 4.25 26.33
N VAL C 99 -0.53 3.85 26.76
CA VAL C 99 0.60 4.79 26.76
C VAL C 99 1.09 5.21 25.36
N GLU C 100 1.15 4.27 24.42
CA GLU C 100 1.64 4.63 23.09
C GLU C 100 0.68 5.65 22.39
N ALA C 101 -0.61 5.49 22.55
CA ALA C 101 -1.55 6.48 21.99
C ALA C 101 -1.36 7.88 22.64
N LEU C 102 -1.19 7.94 23.96
CA LEU C 102 -0.90 9.19 24.63
C LEU C 102 0.44 9.80 24.16
N ARG C 103 1.47 8.98 24.02
CA ARG C 103 2.75 9.47 23.55
C ARG C 103 2.63 10.04 22.12
N GLN C 104 1.89 9.34 21.24
CA GLN C 104 1.74 9.82 19.87
C GLN C 104 0.97 11.15 19.85
N LYS C 105 0.01 11.29 20.75
CA LYS C 105 -0.75 12.52 20.82
C LYS C 105 0.09 13.71 21.23
N ILE C 106 1.00 13.52 22.19
CA ILE C 106 1.88 14.60 22.62
C ILE C 106 2.87 14.95 21.52
N MET C 107 3.39 13.91 20.87
CA MET C 107 4.35 14.05 19.79
C MET C 107 3.74 14.59 18.47
N GLU C 108 2.41 14.72 18.38
CA GLU C 108 1.76 15.42 17.25
C GLU C 108 1.43 16.88 17.55
N SER C 109 1.53 17.21 18.83
CA SER C 109 1.11 18.51 19.31
C SER C 109 2.11 19.62 18.95
N GLY C 110 1.59 20.85 18.91
CA GLY C 110 2.40 22.04 18.73
C GLY C 110 2.69 22.79 20.04
N GLY C 111 2.31 22.20 21.16
CA GLY C 111 2.62 22.80 22.43
C GLY C 111 1.73 22.31 23.54
N ILE C 112 2.03 22.71 24.78
CA ILE C 112 1.22 22.32 25.94
C ILE C 112 1.01 23.51 26.89
N ASN C 113 -0.21 23.66 27.40
CA ASN C 113 -0.54 24.62 28.42
C ASN C 113 -1.04 23.88 29.65
N LYS C 114 -0.74 24.40 30.82
CA LYS C 114 -1.22 23.77 32.04
C LYS C 114 -2.26 24.62 32.74
N ILE C 115 -3.31 23.94 33.22
CA ILE C 115 -4.45 24.56 33.87
C ILE C 115 -4.69 23.90 35.20
N SER C 116 -4.81 24.69 36.26
CA SER C 116 -5.01 24.13 37.57
C SER C 116 -6.43 23.54 37.72
N THR C 117 -6.52 22.36 38.33
CA THR C 117 -7.80 21.76 38.71
C THR C 117 -8.44 22.50 39.87
N GLY C 118 -7.64 23.12 40.71
CA GLY C 118 -8.19 23.80 41.87
C GLY C 118 -8.66 22.88 42.96
N PHE C 119 -8.25 21.61 42.90
CA PHE C 119 -8.68 20.64 43.89
C PHE C 119 -8.17 20.99 45.31
N THR C 120 -9.04 20.84 46.32
CA THR C 120 -8.75 21.12 47.75
C THR C 120 -9.29 20.01 48.62
N TYR C 121 -8.56 19.67 49.67
CA TYR C 121 -8.97 18.51 50.46
C TYR C 121 -9.15 18.91 51.92
N GLY C 122 -10.03 18.20 52.61
CA GLY C 122 -10.29 18.50 54.00
C GLY C 122 -9.14 18.13 54.91
N SER C 123 -9.28 18.56 56.18
CA SER C 123 -8.22 18.43 57.17
C SER C 123 -7.72 17.01 57.44
N SER C 124 -8.60 16.00 57.43
CA SER C 124 -8.14 14.64 57.68
C SER C 124 -7.29 14.05 56.56
N ILE C 125 -7.12 14.80 55.46
CA ILE C 125 -6.30 14.36 54.33
C ILE C 125 -4.96 15.12 54.24
N ASN C 126 -3.87 14.36 54.08
CA ASN C 126 -2.56 14.92 53.74
C ASN C 126 -2.31 14.70 52.23
N SER C 127 -2.22 15.82 51.51
CA SER C 127 -2.08 15.81 50.07
C SER C 127 -0.65 16.03 49.63
N ALA C 128 0.25 16.16 50.61
CA ALA C 128 1.64 16.50 50.30
C ALA C 128 2.59 15.32 50.38
N GLY C 129 2.07 14.10 50.23
CA GLY C 129 2.94 12.94 50.38
C GLY C 129 4.14 13.02 49.43
N THR C 130 5.30 12.56 49.88
CA THR C 130 6.49 12.57 49.02
C THR C 130 7.23 11.23 49.12
N THR C 131 8.14 10.97 48.20
CA THR C 131 8.84 9.72 48.19
C THR C 131 10.30 9.92 47.83
N ARG C 132 11.12 8.94 48.22
CA ARG C 132 12.51 8.83 47.78
C ARG C 132 12.62 8.64 46.26
N ALA C 133 11.61 8.03 45.64
CA ALA C 133 11.60 7.75 44.20
C ALA C 133 11.62 9.00 43.29
N CYS C 134 11.03 10.09 43.77
CA CYS C 134 10.91 11.31 42.97
C CYS C 134 11.71 12.40 43.65
N MET C 135 12.73 12.94 43.00
CA MET C 135 13.56 13.84 43.76
C MET C 135 13.80 15.18 43.11
N ARG C 136 13.75 16.22 43.93
CA ARG C 136 14.21 17.54 43.53
C ARG C 136 15.16 18.12 44.59
N ASN C 137 16.26 18.72 44.13
CA ASN C 137 17.31 19.23 44.98
C ASN C 137 17.88 18.14 45.88
N GLY C 138 17.88 16.91 45.37
CA GLY C 138 18.39 15.77 46.10
C GLY C 138 17.50 15.35 47.24
N GLY C 139 16.28 15.87 47.27
CA GLY C 139 15.34 15.52 48.32
C GLY C 139 14.01 14.93 47.82
N ASN C 140 13.26 14.29 48.73
CA ASN C 140 12.02 13.62 48.38
C ASN C 140 11.00 14.58 47.84
N SER C 141 10.26 14.15 46.82
CA SER C 141 9.37 15.06 46.14
C SER C 141 8.22 14.19 45.58
N PHE C 142 7.46 14.70 44.62
CA PHE C 142 6.43 13.92 43.93
C PHE C 142 6.20 14.50 42.55
N TYR C 143 5.38 13.83 41.75
CA TYR C 143 5.02 14.40 40.43
C TYR C 143 4.48 15.81 40.59
N ALA C 144 4.98 16.73 39.77
CA ALA C 144 4.67 18.15 39.93
C ALA C 144 3.20 18.43 39.72
N GLU C 145 2.60 17.72 38.76
CA GLU C 145 1.20 17.92 38.38
C GLU C 145 0.21 16.99 39.09
N LEU C 146 0.68 16.14 40.01
CA LEU C 146 -0.22 15.24 40.78
C LEU C 146 -0.03 15.41 42.28
N LYS C 147 -0.99 14.96 43.07
CA LYS C 147 -0.84 14.97 44.51
C LYS C 147 -1.16 13.62 45.11
N TRP C 148 -0.26 13.11 45.94
CA TRP C 148 -0.47 11.83 46.62
C TRP C 148 -1.26 12.06 47.90
N LEU C 149 -2.51 11.62 47.92
CA LEU C 149 -3.40 11.88 49.06
C LEU C 149 -3.38 10.72 50.02
N VAL C 150 -3.06 10.99 51.28
CA VAL C 150 -3.10 9.93 52.30
C VAL C 150 -3.78 10.47 53.56
N SER C 151 -4.23 9.56 54.43
CA SER C 151 -4.81 10.00 55.68
C SER C 151 -3.75 10.78 56.49
N LYS C 152 -4.12 11.97 56.96
CA LYS C 152 -3.21 12.78 57.79
C LYS C 152 -2.85 11.98 59.03
N SER C 153 -3.85 11.26 59.52
CA SER C 153 -3.67 10.44 60.70
C SER C 153 -3.45 8.98 60.30
N ALA C 154 -2.27 8.48 60.62
CA ALA C 154 -1.78 7.21 60.11
C ALA C 154 -2.70 6.08 60.54
N GLY C 155 -3.00 5.20 59.59
CA GLY C 155 -3.78 4.00 59.87
C GLY C 155 -5.28 4.23 59.90
N GLN C 156 -5.68 5.50 59.86
CA GLN C 156 -7.10 5.88 59.86
C GLN C 156 -7.79 5.79 58.51
N ASN C 157 -9.08 5.47 58.54
CA ASN C 157 -9.84 5.38 57.31
C ASN C 157 -9.87 6.71 56.54
N PHE C 158 -9.41 6.64 55.29
CA PHE C 158 -9.36 7.79 54.40
C PHE C 158 -10.78 8.19 54.18
N PRO C 159 -11.08 9.50 54.30
CA PRO C 159 -12.48 9.93 54.16
C PRO C 159 -13.02 9.86 52.72
N GLN C 160 -14.31 9.54 52.60
CA GLN C 160 -14.99 9.58 51.32
C GLN C 160 -14.95 10.99 50.78
N THR C 161 -14.51 11.15 49.55
CA THR C 161 -14.06 12.46 49.08
C THR C 161 -14.54 12.61 47.63
N THR C 162 -14.94 13.82 47.27
CA THR C 162 -15.36 14.08 45.91
C THR C 162 -14.58 15.30 45.41
N ASN C 163 -14.06 15.22 44.19
CA ASN C 163 -13.39 16.34 43.55
C ASN C 163 -13.86 16.47 42.11
N THR C 164 -14.16 17.69 41.67
CA THR C 164 -14.67 17.90 40.31
C THR C 164 -13.84 18.89 39.53
N TYR C 165 -13.47 18.53 38.32
CA TYR C 165 -12.76 19.46 37.46
C TYR C 165 -13.70 19.97 36.41
N ARG C 166 -13.75 21.30 36.27
CA ARG C 166 -14.67 21.89 35.32
C ARG C 166 -13.95 22.59 34.21
N ASN C 167 -14.20 22.12 33.00
CA ASN C 167 -13.54 22.68 31.84
C ASN C 167 -14.38 23.86 31.31
N THR C 168 -13.94 25.06 31.67
CA THR C 168 -14.65 26.30 31.33
C THR C 168 -14.07 26.94 30.06
N ASP C 169 -13.09 26.27 29.49
CA ASP C 169 -12.42 26.67 28.27
C ASP C 169 -13.16 26.25 26.98
N THR C 170 -12.68 26.72 25.83
CA THR C 170 -13.28 26.37 24.56
C THR C 170 -12.64 25.17 23.85
N ALA C 171 -11.61 24.58 24.44
CA ALA C 171 -10.92 23.46 23.81
C ALA C 171 -10.85 22.31 24.80
N GLU C 172 -10.70 21.09 24.29
CA GLU C 172 -10.66 19.93 25.15
C GLU C 172 -9.39 19.88 26.03
N HIS C 173 -9.51 19.31 27.22
CA HIS C 173 -8.37 19.20 28.14
C HIS C 173 -8.03 17.74 28.42
N LEU C 174 -6.74 17.47 28.63
CA LEU C 174 -6.29 16.11 28.92
C LEU C 174 -5.95 16.02 30.38
N ILE C 175 -6.68 15.18 31.10
CA ILE C 175 -6.51 15.03 32.54
C ILE C 175 -5.95 13.63 32.84
N MET C 176 -4.98 13.57 33.75
CA MET C 176 -4.35 12.31 34.15
C MET C 176 -4.45 12.13 35.66
N TRP C 177 -4.56 10.90 36.10
CA TRP C 177 -4.61 10.66 37.51
C TRP C 177 -3.92 9.34 37.71
N GLY C 178 -3.60 9.00 38.95
CA GLY C 178 -3.02 7.73 39.27
C GLY C 178 -3.83 6.91 40.27
N ILE C 179 -3.69 5.59 40.18
CA ILE C 179 -4.25 4.73 41.20
C ILE C 179 -3.07 4.04 41.89
N HIS C 180 -3.03 4.15 43.21
CA HIS C 180 -1.89 3.66 43.96
C HIS C 180 -2.11 2.18 44.28
N HIS C 181 -1.15 1.37 43.89
CA HIS C 181 -1.18 -0.02 44.27
C HIS C 181 -0.07 -0.33 45.27
N PRO C 182 -0.44 -0.43 46.55
CA PRO C 182 0.48 -0.54 47.68
C PRO C 182 1.24 -1.88 47.62
N SER C 183 2.42 -1.92 48.23
CA SER C 183 3.24 -3.14 48.29
C SER C 183 2.70 -4.19 49.24
N SER C 184 2.00 -3.76 50.29
CA SER C 184 1.60 -4.68 51.34
C SER C 184 0.35 -4.23 52.05
N THR C 185 -0.31 -5.19 52.69
CA THR C 185 -1.51 -4.91 53.49
C THR C 185 -1.27 -3.86 54.57
N GLN C 186 -0.13 -3.96 55.25
CA GLN C 186 0.24 -3.01 56.29
C GLN C 186 0.41 -1.60 55.73
N GLU C 187 1.12 -1.49 54.60
CA GLU C 187 1.30 -0.19 53.96
C GLU C 187 -0.04 0.39 53.52
N LYS C 188 -0.87 -0.44 52.90
CA LYS C 188 -2.17 0.05 52.48
C LYS C 188 -2.99 0.57 53.70
N ASN C 189 -3.03 -0.17 54.80
CA ASN C 189 -3.79 0.25 55.99
C ASN C 189 -3.31 1.57 56.56
N THR C 190 -1.98 1.76 56.62
CA THR C 190 -1.42 2.99 57.14
C THR C 190 -1.83 4.20 56.32
N LEU C 191 -1.71 4.10 54.99
CA LEU C 191 -2.02 5.22 54.11
C LEU C 191 -3.51 5.52 54.06
N TYR C 192 -4.33 4.48 53.99
CA TYR C 192 -5.72 4.70 53.68
C TYR C 192 -6.70 4.09 54.68
N GLY C 193 -6.21 3.25 55.58
CA GLY C 193 -7.10 2.56 56.51
C GLY C 193 -7.49 1.18 56.04
N THR C 194 -8.32 0.50 56.84
CA THR C 194 -8.64 -0.90 56.61
C THR C 194 -9.87 -1.08 55.74
N GLN C 195 -10.57 0.02 55.47
CA GLN C 195 -11.81 0.00 54.67
C GLN C 195 -11.53 -0.44 53.25
N SER C 196 -12.56 -0.98 52.59
CA SER C 196 -12.46 -1.30 51.19
C SER C 196 -12.24 -0.02 50.36
N LEU C 197 -11.39 -0.08 49.35
CA LEU C 197 -11.00 1.11 48.61
C LEU C 197 -11.65 1.17 47.24
N SER C 198 -12.24 2.32 46.90
CA SER C 198 -12.89 2.50 45.61
C SER C 198 -12.68 3.90 45.03
N ILE C 199 -12.32 3.97 43.75
CA ILE C 199 -12.21 5.24 43.04
C ILE C 199 -13.09 5.22 41.80
N SER C 200 -13.99 6.19 41.66
CA SER C 200 -14.79 6.29 40.44
C SER C 200 -14.62 7.67 39.80
N VAL C 201 -14.41 7.65 38.49
CA VAL C 201 -14.24 8.84 37.72
C VAL C 201 -15.36 8.92 36.66
N GLY C 202 -16.05 10.06 36.63
CA GLY C 202 -17.16 10.26 35.75
C GLY C 202 -17.29 11.66 35.18
N SER C 203 -17.52 11.69 33.86
CA SER C 203 -17.72 12.92 33.11
C SER C 203 -18.97 12.65 32.28
N SER C 204 -19.37 13.60 31.45
CA SER C 204 -20.47 13.32 30.54
C SER C 204 -20.11 12.20 29.56
N THR C 205 -18.84 12.18 29.15
CA THR C 205 -18.39 11.28 28.11
C THR C 205 -17.54 10.05 28.55
N TYR C 206 -17.17 9.97 29.82
CA TYR C 206 -16.26 8.92 30.30
C TYR C 206 -16.74 8.37 31.63
N ARG C 207 -16.66 7.05 31.79
CA ARG C 207 -16.90 6.42 33.08
C ARG C 207 -15.96 5.27 33.33
N ASN C 208 -15.35 5.29 34.50
CA ASN C 208 -14.51 4.18 34.93
C ASN C 208 -14.34 4.13 36.45
N ASN C 209 -13.92 2.99 36.96
CA ASN C 209 -13.68 2.87 38.38
C ASN C 209 -12.48 1.96 38.68
N PHE C 210 -11.85 2.17 39.82
CA PHE C 210 -10.60 1.52 40.13
C PHE C 210 -10.59 1.06 41.57
N VAL C 211 -9.89 -0.05 41.78
CA VAL C 211 -9.62 -0.60 43.10
C VAL C 211 -8.11 -0.77 43.27
N PRO C 212 -7.54 -0.09 44.27
CA PRO C 212 -6.13 -0.31 44.61
C PRO C 212 -5.90 -1.76 45.06
N VAL C 213 -4.87 -2.36 44.50
CA VAL C 213 -4.54 -3.77 44.71
C VAL C 213 -3.16 -4.01 45.34
N VAL C 214 -3.14 -4.80 46.42
CA VAL C 214 -1.92 -5.06 47.18
C VAL C 214 -1.18 -6.27 46.64
N GLY C 215 0.09 -6.13 46.31
CA GLY C 215 0.90 -7.25 45.86
C GLY C 215 2.40 -7.10 46.02
N ALA C 216 3.08 -8.23 46.25
CA ALA C 216 4.55 -8.23 46.31
C ALA C 216 5.13 -8.11 44.90
N ARG C 217 6.05 -7.17 44.72
CA ARG C 217 6.63 -6.90 43.41
C ARG C 217 8.11 -6.53 43.60
N PRO C 218 8.92 -6.68 42.56
CA PRO C 218 10.34 -6.27 42.64
C PRO C 218 10.49 -4.76 42.89
N GLN C 219 11.60 -4.33 43.47
CA GLN C 219 11.82 -2.90 43.67
C GLN C 219 12.23 -2.18 42.38
N VAL C 220 11.52 -1.11 42.07
CA VAL C 220 11.86 -0.21 40.97
C VAL C 220 12.05 1.20 41.54
N ASN C 221 13.23 1.80 41.42
CA ASN C 221 13.54 3.06 42.13
C ASN C 221 13.35 2.92 43.64
N GLY C 222 13.54 1.71 44.16
CA GLY C 222 13.39 1.42 45.56
C GLY C 222 12.01 1.06 46.05
N LEU C 223 11.03 1.08 45.14
CA LEU C 223 9.64 0.85 45.55
C LEU C 223 9.02 -0.40 44.94
N SER C 224 8.33 -1.16 45.77
CA SER C 224 7.56 -2.34 45.34
C SER C 224 6.10 -1.98 45.04
N SER C 225 5.76 -0.76 45.45
CA SER C 225 4.49 -0.13 45.17
C SER C 225 4.47 0.37 43.75
N ARG C 226 3.27 0.61 43.21
CA ARG C 226 3.09 1.10 41.84
C ARG C 226 2.00 2.17 41.71
N ILE C 227 2.15 3.06 40.74
CA ILE C 227 1.07 3.91 40.37
C ILE C 227 0.69 3.59 38.92
N ASP C 228 -0.57 3.27 38.70
CA ASP C 228 -1.05 3.07 37.36
C ASP C 228 -1.65 4.43 36.99
N PHE C 229 -1.26 4.98 35.86
CA PHE C 229 -1.79 6.27 35.43
C PHE C 229 -2.93 6.05 34.42
N HIS C 230 -3.93 6.92 34.45
CA HIS C 230 -5.08 6.87 33.53
C HIS C 230 -5.35 8.27 32.99
N TRP C 231 -5.97 8.36 31.81
CA TRP C 231 -6.27 9.65 31.24
C TRP C 231 -7.54 9.70 30.40
N THR C 232 -8.10 10.88 30.27
CA THR C 232 -9.20 11.05 29.34
C THR C 232 -9.19 12.49 28.90
N LEU C 233 -9.84 12.76 27.76
CA LEU C 233 -10.06 14.13 27.32
C LEU C 233 -11.34 14.63 27.91
N VAL C 234 -11.31 15.85 28.46
CA VAL C 234 -12.51 16.50 28.96
C VAL C 234 -12.97 17.62 28.03
N GLN C 235 -14.18 17.47 27.49
CA GLN C 235 -14.70 18.37 26.47
C GLN C 235 -14.99 19.77 27.05
N PRO C 236 -15.07 20.81 26.17
CA PRO C 236 -15.37 22.17 26.62
C PRO C 236 -16.74 22.25 27.28
N GLY C 237 -16.82 22.84 28.46
CA GLY C 237 -18.09 22.93 29.17
C GLY C 237 -18.49 21.66 29.92
N ASP C 238 -17.61 20.66 29.97
CA ASP C 238 -17.92 19.42 30.69
C ASP C 238 -17.14 19.37 32.04
N ASN C 239 -17.66 18.57 32.97
CA ASN C 239 -17.08 18.42 34.28
C ASN C 239 -16.68 16.96 34.45
N ILE C 240 -15.61 16.72 35.19
CA ILE C 240 -15.26 15.34 35.51
C ILE C 240 -15.11 15.18 37.02
N THR C 241 -15.78 14.19 37.57
CA THR C 241 -15.83 14.04 39.02
C THR C 241 -15.18 12.75 39.50
N PHE C 242 -14.30 12.93 40.49
CA PHE C 242 -13.57 11.87 41.14
C PHE C 242 -14.26 11.59 42.46
N SER C 243 -14.68 10.34 42.67
CA SER C 243 -15.21 9.90 43.96
C SER C 243 -14.27 8.85 44.53
N HIS C 244 -13.68 9.13 45.69
CA HIS C 244 -12.59 8.30 46.18
C HIS C 244 -12.50 8.28 47.67
N ASN C 245 -12.01 7.15 48.17
CA ASN C 245 -11.78 7.01 49.61
C ASN C 245 -10.43 6.36 49.90
N GLY C 246 -9.45 6.64 49.05
CA GLY C 246 -8.07 6.20 49.24
C GLY C 246 -7.46 5.49 48.03
N GLY C 247 -6.24 5.88 47.68
CA GLY C 247 -5.59 5.37 46.49
C GLY C 247 -5.60 6.27 45.25
N LEU C 248 -6.41 7.31 45.27
CA LEU C 248 -6.35 8.25 44.18
C LEU C 248 -5.05 9.04 44.26
N ILE C 249 -4.40 9.20 43.11
CA ILE C 249 -3.30 10.13 42.92
C ILE C 249 -3.91 11.28 42.11
N ALA C 250 -4.30 12.35 42.79
CA ALA C 250 -5.17 13.35 42.19
C ALA C 250 -4.43 14.37 41.37
N PRO C 251 -5.01 14.77 40.23
CA PRO C 251 -4.44 15.79 39.36
C PRO C 251 -4.54 17.17 40.01
N SER C 252 -3.43 17.92 40.05
CA SER C 252 -3.50 19.30 40.52
C SER C 252 -3.51 20.25 39.32
N ARG C 253 -3.17 19.73 38.15
CA ARG C 253 -3.20 20.52 36.92
C ARG C 253 -3.64 19.62 35.78
N VAL C 254 -4.37 20.14 34.80
CA VAL C 254 -4.62 19.39 33.56
C VAL C 254 -3.80 19.95 32.41
N SER C 255 -3.76 19.21 31.31
CA SER C 255 -3.01 19.61 30.14
C SER C 255 -3.94 20.00 29.01
N LYS C 256 -3.53 21.00 28.26
CA LYS C 256 -4.17 21.34 27.01
C LYS C 256 -3.16 21.20 25.89
N LEU C 257 -3.40 20.32 24.92
CA LEU C 257 -2.43 20.18 23.81
C LEU C 257 -2.74 21.16 22.70
N ILE C 258 -1.74 21.91 22.26
CA ILE C 258 -2.00 23.02 21.36
C ILE C 258 -1.43 22.85 19.98
N GLY C 259 -2.32 22.91 19.00
CA GLY C 259 -1.92 22.97 17.61
C GLY C 259 -1.27 21.67 17.18
N ARG C 260 -0.26 21.78 16.34
CA ARG C 260 0.23 20.62 15.66
C ARG C 260 1.71 20.85 15.44
N GLY C 261 2.47 19.77 15.51
CA GLY C 261 3.92 19.82 15.40
C GLY C 261 4.45 18.46 14.99
N LEU C 262 5.66 18.41 14.45
CA LEU C 262 6.26 17.15 14.02
C LEU C 262 7.11 16.48 15.11
N GLY C 263 6.85 15.20 15.36
CA GLY C 263 7.56 14.47 16.40
C GLY C 263 8.70 13.63 15.84
N ILE C 264 9.87 13.68 16.48
CA ILE C 264 11.06 12.99 16.01
C ILE C 264 11.70 12.18 17.15
N GLN C 265 11.95 10.90 16.91
CA GLN C 265 12.78 10.10 17.81
C GLN C 265 14.13 9.91 17.17
N SER C 266 15.15 10.48 17.79
CA SER C 266 16.50 10.45 17.26
C SER C 266 17.50 10.79 18.33
N ASP C 267 18.71 10.27 18.20
CA ASP C 267 19.82 10.57 19.10
C ASP C 267 20.86 11.47 18.42
N ALA C 268 20.54 11.94 17.23
CA ALA C 268 21.44 12.82 16.52
C ALA C 268 21.44 14.20 17.18
N PRO C 269 22.60 14.88 17.15
CA PRO C 269 22.66 16.23 17.73
C PRO C 269 21.93 17.26 16.89
N ILE C 270 21.27 18.18 17.55
CA ILE C 270 20.68 19.32 16.87
C ILE C 270 21.76 20.12 16.14
N ASP C 271 21.46 20.50 14.91
CA ASP C 271 22.27 21.42 14.14
C ASP C 271 21.38 22.57 13.75
N ASN C 272 21.61 23.71 14.36
CA ASN C 272 20.74 24.86 14.14
C ASN C 272 20.97 25.66 12.87
N ASN C 273 22.05 25.35 12.14
CA ASN C 273 22.38 26.10 10.93
C ASN C 273 21.93 25.44 9.63
N CYS C 274 21.45 24.19 9.68
CA CYS C 274 20.97 23.55 8.45
C CYS C 274 19.48 23.19 8.54
N GLU C 275 18.79 23.20 7.41
CA GLU C 275 17.35 23.02 7.46
C GLU C 275 16.96 21.75 6.71
N SER C 276 15.82 21.19 7.06
CA SER C 276 15.44 19.90 6.50
C SER C 276 13.95 19.65 6.64
N LYS C 277 13.42 18.76 5.82
CA LYS C 277 12.03 18.39 5.98
C LYS C 277 11.87 16.89 6.25
N CYS C 278 12.96 16.16 6.13
CA CYS C 278 12.95 14.70 6.32
C CYS C 278 13.89 14.21 7.40
N PHE C 279 13.39 13.37 8.33
CA PHE C 279 14.22 12.93 9.47
C PHE C 279 14.12 11.42 9.73
N TRP C 280 15.16 10.87 10.34
CA TRP C 280 15.11 9.47 10.75
C TRP C 280 15.87 9.27 12.06
N ARG C 281 16.09 8.02 12.47
CA ARG C 281 16.79 7.79 13.73
C ARG C 281 18.19 8.47 13.75
N GLY C 282 19.06 8.18 12.78
CA GLY C 282 20.28 8.97 12.60
C GLY C 282 19.78 10.31 12.06
N GLY C 283 20.63 11.28 11.79
CA GLY C 283 20.13 12.61 11.44
C GLY C 283 18.96 12.91 10.47
N SER C 284 19.29 13.55 9.33
CA SER C 284 18.30 14.14 8.43
C SER C 284 18.60 13.77 6.98
N ILE C 285 17.63 13.96 6.11
CA ILE C 285 17.85 13.73 4.69
C ILE C 285 17.47 14.94 3.85
N ASN C 286 18.45 15.54 3.17
CA ASN C 286 18.23 16.65 2.24
C ASN C 286 18.66 16.24 0.84
N THR C 287 17.68 16.13 -0.04
CA THR C 287 17.95 15.66 -1.38
C THR C 287 16.84 16.08 -2.29
N ARG C 288 17.15 16.20 -3.57
CA ARG C 288 16.15 16.47 -4.60
C ARG C 288 15.73 15.13 -5.20
N LEU C 289 16.50 14.10 -4.90
CA LEU C 289 16.27 12.78 -5.43
C LEU C 289 14.93 12.20 -4.92
N PRO C 290 14.27 11.42 -5.77
CA PRO C 290 12.97 10.91 -5.35
C PRO C 290 13.02 9.62 -4.50
N PHE C 291 14.16 8.92 -4.44
CA PHE C 291 14.26 7.70 -3.63
C PHE C 291 15.48 7.77 -2.72
N GLN C 292 15.40 7.11 -1.56
CA GLN C 292 16.53 7.03 -0.62
C GLN C 292 16.68 5.60 -0.13
N ASN C 293 17.89 5.20 0.25
CA ASN C 293 18.10 3.89 0.86
C ASN C 293 18.66 3.99 2.29
N LEU C 294 18.62 5.18 2.86
CA LEU C 294 19.09 5.44 4.21
C LEU C 294 18.33 4.68 5.28
N SER C 295 17.00 4.79 5.23
CA SER C 295 16.12 4.22 6.26
C SER C 295 14.65 4.05 5.81
N PRO C 296 14.05 2.90 6.11
CA PRO C 296 12.63 2.56 5.96
C PRO C 296 11.73 3.40 6.84
N ARG C 297 12.22 3.80 8.00
CA ARG C 297 11.42 4.58 8.94
C ARG C 297 11.83 6.06 8.97
N THR C 298 11.02 6.91 8.37
CA THR C 298 11.34 8.31 8.31
C THR C 298 10.11 9.08 8.64
N VAL C 299 10.26 10.36 9.02
CA VAL C 299 9.11 11.25 9.19
C VAL C 299 9.31 12.58 8.47
N GLY C 300 8.24 13.35 8.35
CA GLY C 300 8.24 14.56 7.55
C GLY C 300 7.96 14.26 6.10
N GLN C 301 8.56 15.07 5.19
CA GLN C 301 8.40 14.92 3.72
C GLN C 301 9.65 14.35 3.09
N CYS C 302 9.59 13.09 2.66
CA CYS C 302 10.78 12.30 2.38
C CYS C 302 10.78 11.66 1.02
N PRO C 303 11.97 11.45 0.45
CA PRO C 303 12.00 10.57 -0.70
C PRO C 303 11.47 9.21 -0.29
N LYS C 304 10.84 8.46 -1.19
CA LYS C 304 10.41 7.12 -0.83
C LYS C 304 11.60 6.17 -0.63
N TYR C 305 11.55 5.32 0.39
CA TYR C 305 12.62 4.36 0.62
C TYR C 305 12.61 3.19 -0.37
N VAL C 306 13.74 2.84 -0.97
CA VAL C 306 13.83 1.66 -1.85
C VAL C 306 14.94 0.71 -1.48
N ASN C 307 14.72 -0.58 -1.70
CA ASN C 307 15.73 -1.61 -1.40
C ASN C 307 16.87 -1.65 -2.46
N ARG C 308 17.38 -0.49 -2.88
CA ARG C 308 18.46 -0.48 -3.85
C ARG C 308 19.52 0.55 -3.51
N ARG C 309 20.76 0.12 -3.67
CA ARG C 309 21.96 0.92 -3.61
C ARG C 309 22.01 2.07 -4.63
N SER C 310 21.76 1.69 -5.88
CA SER C 310 21.92 2.58 -7.01
C SER C 310 20.94 2.28 -8.13
N LEU C 311 20.28 3.30 -8.65
CA LEU C 311 19.60 3.19 -9.93
C LEU C 311 20.07 4.32 -10.81
N MET C 312 20.77 4.01 -11.90
CA MET C 312 21.31 5.11 -12.67
C MET C 312 20.38 5.40 -13.85
N LEU C 313 20.05 6.67 -13.96
CA LEU C 313 19.22 7.18 -15.02
C LEU C 313 20.10 7.80 -16.13
N ALA C 314 19.97 7.28 -17.34
CA ALA C 314 20.77 7.71 -18.46
C ALA C 314 20.56 9.21 -18.71
N THR C 315 21.66 9.94 -18.81
CA THR C 315 21.50 11.35 -19.08
C THR C 315 22.20 11.67 -20.41
N GLY C 316 22.52 10.61 -21.14
CA GLY C 316 23.26 10.71 -22.38
C GLY C 316 22.81 9.71 -23.43
N MET C 317 23.32 9.88 -24.63
CA MET C 317 23.11 8.91 -25.69
C MET C 317 23.93 7.65 -25.41
N ARG C 318 23.68 6.60 -26.18
CA ARG C 318 24.47 5.38 -26.15
C ARG C 318 25.96 5.69 -26.40
N ASN C 319 26.87 4.99 -25.72
CA ASN C 319 28.30 5.25 -25.89
C ASN C 319 28.96 4.21 -26.78
N VAL C 320 29.53 4.67 -27.90
CA VAL C 320 30.14 3.81 -28.91
C VAL C 320 31.55 4.30 -29.25
N PRO C 321 32.52 3.97 -28.39
CA PRO C 321 33.88 4.49 -28.56
C PRO C 321 34.59 3.81 -29.72
N GLU C 322 35.66 4.44 -30.20
CA GLU C 322 36.44 3.97 -31.34
C GLU C 322 37.24 2.69 -31.01
N LEU C 323 37.29 1.77 -31.97
CA LEU C 323 38.00 0.49 -31.77
C LEU C 323 39.52 0.71 -31.79
N LEU D 1 13.95 1.79 -31.94
CA LEU D 1 15.31 2.07 -32.45
C LEU D 1 15.38 2.56 -33.91
N PHE D 2 16.22 3.57 -34.08
CA PHE D 2 16.43 4.24 -35.33
C PHE D 2 17.78 3.84 -35.87
N GLY D 3 17.99 4.03 -37.15
CA GLY D 3 19.16 3.38 -37.71
C GLY D 3 20.55 3.73 -37.21
N ALA D 4 20.70 4.98 -36.80
CA ALA D 4 22.01 5.60 -36.73
C ALA D 4 22.97 5.15 -35.62
N ILE D 5 22.62 5.33 -34.35
CA ILE D 5 23.63 5.23 -33.31
C ILE D 5 23.75 3.78 -32.87
N ALA D 6 24.99 3.29 -32.92
CA ALA D 6 25.28 1.86 -32.80
C ALA D 6 24.63 1.13 -33.98
N GLY D 7 24.40 1.86 -35.07
CA GLY D 7 23.77 1.29 -36.24
C GLY D 7 24.65 1.44 -37.46
N PHE D 8 24.14 2.06 -38.53
CA PHE D 8 24.91 2.23 -39.77
C PHE D 8 26.12 3.14 -39.53
N LEU D 9 26.04 4.02 -38.54
CA LEU D 9 27.23 4.69 -38.02
C LEU D 9 28.05 3.73 -37.17
N GLU D 10 29.31 3.55 -37.54
CA GLU D 10 30.18 2.60 -36.86
C GLU D 10 30.49 2.99 -35.43
N ASN D 11 30.72 4.29 -35.19
CA ASN D 11 31.02 4.79 -33.84
C ASN D 11 30.84 6.30 -33.68
N GLY D 12 30.86 6.74 -32.42
CA GLY D 12 30.96 8.15 -32.09
C GLY D 12 32.35 8.77 -32.17
N TRP D 13 32.39 10.10 -32.23
CA TRP D 13 33.66 10.81 -32.25
C TRP D 13 33.98 11.43 -30.93
N GLU D 14 35.04 10.93 -30.29
CA GLU D 14 35.51 11.52 -29.03
C GLU D 14 35.96 12.94 -29.30
N GLY D 15 36.47 13.17 -30.51
CA GLY D 15 37.00 14.45 -30.91
C GLY D 15 36.00 15.59 -30.85
N MET D 16 34.74 15.28 -31.13
CA MET D 16 33.70 16.31 -31.08
C MET D 16 33.31 16.60 -29.63
N VAL D 17 33.55 17.84 -29.20
CA VAL D 17 33.37 18.20 -27.81
C VAL D 17 32.50 19.42 -27.64
N ASP D 18 31.95 19.92 -28.74
CA ASP D 18 31.07 21.09 -28.68
C ASP D 18 29.63 20.72 -29.12
N GLY D 19 29.34 19.43 -29.09
CA GLY D 19 28.01 18.96 -29.45
C GLY D 19 27.86 17.45 -29.37
N TRP D 20 26.62 17.02 -29.30
CA TRP D 20 26.29 15.60 -29.42
C TRP D 20 26.29 15.13 -30.87
N TYR D 21 25.79 15.97 -31.77
CA TYR D 21 25.70 15.63 -33.19
C TYR D 21 26.50 16.61 -34.07
N GLY D 22 27.21 16.07 -35.06
CA GLY D 22 28.12 16.87 -35.84
C GLY D 22 28.43 16.42 -37.27
N PHE D 23 29.09 17.32 -38.00
CA PHE D 23 29.52 17.11 -39.38
C PHE D 23 31.01 16.90 -39.47
N ARG D 24 31.43 15.91 -40.24
CA ARG D 24 32.84 15.78 -40.62
C ARG D 24 32.95 15.87 -42.14
N HIS D 25 33.90 16.64 -42.67
CA HIS D 25 33.98 16.76 -44.11
C HIS D 25 35.40 16.73 -44.67
N GLN D 26 35.51 16.25 -45.91
CA GLN D 26 36.74 16.21 -46.69
C GLN D 26 36.55 16.84 -48.08
N ASN D 27 37.45 17.75 -48.47
CA ASN D 27 37.35 18.38 -49.78
C ASN D 27 38.74 18.78 -50.27
N ALA D 28 38.80 19.55 -51.34
CA ALA D 28 40.08 19.96 -51.91
C ALA D 28 40.93 20.70 -50.88
N GLN D 29 40.31 21.64 -50.15
CA GLN D 29 41.03 22.43 -49.15
C GLN D 29 41.62 21.62 -47.98
N GLY D 30 40.84 20.66 -47.47
CA GLY D 30 41.21 19.91 -46.28
C GLY D 30 39.99 19.32 -45.59
N THR D 31 40.15 18.99 -44.32
CA THR D 31 39.10 18.37 -43.52
C THR D 31 38.66 19.24 -42.34
N GLY D 32 37.41 19.09 -41.91
CA GLY D 32 36.92 19.81 -40.73
C GLY D 32 35.83 19.10 -39.93
N GLN D 33 35.74 19.42 -38.64
CA GLN D 33 34.69 18.89 -37.77
C GLN D 33 33.87 20.03 -37.17
N ALA D 34 32.57 20.05 -37.43
CA ALA D 34 31.70 21.02 -36.78
C ALA D 34 30.48 20.32 -36.16
N ALA D 35 30.25 20.58 -34.88
CA ALA D 35 29.06 20.07 -34.21
C ALA D 35 27.81 20.82 -34.68
N ASP D 36 26.66 20.17 -34.59
CA ASP D 36 25.40 20.81 -34.93
C ASP D 36 24.61 21.24 -33.68
N TYR D 37 24.35 22.54 -33.59
CA TYR D 37 23.73 23.12 -32.41
C TYR D 37 22.30 22.65 -32.20
N LYS D 38 21.49 22.69 -33.25
CA LYS D 38 20.09 22.37 -33.11
C LYS D 38 19.83 20.93 -32.72
N SER D 39 20.43 19.99 -33.41
CA SER D 39 20.19 18.59 -33.09
C SER D 39 20.66 18.27 -31.65
N THR D 40 21.75 18.93 -31.24
CA THR D 40 22.34 18.73 -29.93
C THR D 40 21.47 19.34 -28.86
N GLN D 41 20.89 20.51 -29.14
CA GLN D 41 20.02 21.16 -28.16
C GLN D 41 18.72 20.40 -27.98
N ALA D 42 18.18 19.86 -29.07
CA ALA D 42 16.91 19.17 -28.98
C ALA D 42 17.02 17.94 -28.09
N ALA D 43 18.10 17.18 -28.23
CA ALA D 43 18.31 15.99 -27.40
C ALA D 43 18.50 16.35 -25.94
N ILE D 44 19.37 17.33 -25.67
CA ILE D 44 19.67 17.75 -24.31
C ILE D 44 18.44 18.31 -23.58
N ASP D 45 17.67 19.14 -24.27
CA ASP D 45 16.45 19.72 -23.73
C ASP D 45 15.45 18.62 -23.37
N GLN D 46 15.37 17.58 -24.20
CA GLN D 46 14.52 16.45 -23.84
C GLN D 46 15.04 15.76 -22.57
N ILE D 47 16.36 15.64 -22.43
CA ILE D 47 16.94 15.03 -21.25
C ILE D 47 16.67 15.88 -20.00
N THR D 48 16.82 17.20 -20.10
CA THR D 48 16.55 18.06 -18.94
C THR D 48 15.07 18.04 -18.54
N GLY D 49 14.18 17.76 -19.48
CA GLY D 49 12.76 17.60 -19.23
C GLY D 49 12.44 16.40 -18.37
N LYS D 50 13.18 15.31 -18.59
CA LYS D 50 13.04 14.13 -17.76
C LYS D 50 13.52 14.41 -16.34
N LEU D 51 14.66 15.08 -16.26
CA LEU D 51 15.28 15.42 -14.99
C LEU D 51 14.39 16.34 -14.17
N ASN D 52 13.67 17.24 -14.84
CA ASN D 52 12.71 18.11 -14.15
C ASN D 52 11.59 17.32 -13.50
N ARG D 53 11.05 16.36 -14.24
CA ARG D 53 9.97 15.51 -13.74
C ARG D 53 10.52 14.76 -12.55
N LEU D 54 11.77 14.35 -12.69
CA LEU D 54 12.39 13.45 -11.72
C LEU D 54 12.43 14.04 -10.32
N VAL D 55 12.82 15.32 -10.23
CA VAL D 55 13.03 15.96 -8.95
C VAL D 55 11.79 16.68 -8.41
N GLU D 56 10.69 16.63 -9.16
CA GLU D 56 9.41 17.16 -8.68
C GLU D 56 9.04 16.42 -7.38
N LYS D 57 8.69 17.18 -6.34
CA LYS D 57 8.39 16.57 -5.06
C LYS D 57 7.18 17.23 -4.41
N THR D 60 4.16 14.91 0.45
CA THR D 60 3.25 14.55 1.54
C THR D 60 4.02 14.46 2.84
N GLU D 61 3.39 14.86 3.93
CA GLU D 61 4.03 14.82 5.23
C GLU D 61 3.59 13.54 5.92
N PHE D 62 4.55 12.76 6.43
CA PHE D 62 4.19 11.58 7.19
C PHE D 62 4.66 11.74 8.61
N GLU D 63 3.98 11.05 9.52
CA GLU D 63 4.32 11.03 10.94
C GLU D 63 4.65 9.59 11.38
N SER D 64 5.26 9.43 12.54
CA SER D 64 5.67 8.12 13.04
C SER D 64 4.48 7.24 13.47
N ILE D 65 4.50 5.98 13.06
CA ILE D 65 3.54 4.98 13.53
C ILE D 65 4.33 3.79 14.11
N GLU D 66 5.60 4.03 14.38
CA GLU D 66 6.46 2.94 14.79
C GLU D 66 7.52 3.51 15.72
N SER D 67 7.33 3.29 17.02
CA SER D 67 8.17 3.90 18.03
C SER D 67 9.59 3.33 17.93
N GLU D 68 10.55 4.23 17.87
CA GLU D 68 11.97 3.90 17.84
C GLU D 68 12.50 3.39 19.19
N PHE D 69 11.93 3.88 20.28
CA PHE D 69 12.50 3.66 21.61
C PHE D 69 11.66 2.90 22.60
N SER D 70 10.47 2.48 22.19
CA SER D 70 9.60 1.74 23.09
C SER D 70 8.95 0.59 22.39
N GLU D 71 8.56 -0.38 23.19
CA GLU D 71 7.92 -1.58 22.73
C GLU D 71 6.59 -1.24 22.06
N ILE D 72 6.26 -2.05 21.06
CA ILE D 72 5.10 -1.82 20.26
C ILE D 72 4.27 -3.10 20.32
N GLU D 73 2.98 -2.96 20.57
CA GLU D 73 2.11 -4.13 20.71
C GLU D 73 2.30 -5.05 19.49
N HIS D 74 2.44 -6.34 19.75
CA HIS D 74 2.95 -7.27 18.77
C HIS D 74 2.11 -7.45 17.50
N GLN D 75 0.80 -7.61 17.66
CA GLN D 75 -0.04 -7.81 16.48
C GLN D 75 -0.02 -6.57 15.55
N ILE D 76 -0.18 -5.37 16.12
CA ILE D 76 -0.15 -4.13 15.33
C ILE D 76 1.24 -3.92 14.74
N GLY D 77 2.26 -4.42 15.43
CA GLY D 77 3.63 -4.31 14.95
C GLY D 77 3.82 -5.09 13.67
N ASN D 78 3.25 -6.30 13.65
CA ASN D 78 3.31 -7.11 12.46
C ASN D 78 2.47 -6.54 11.31
N VAL D 79 1.31 -5.97 11.61
CA VAL D 79 0.58 -5.26 10.56
C VAL D 79 1.40 -4.11 9.99
N ILE D 80 2.06 -3.35 10.85
CA ILE D 80 2.86 -2.21 10.42
C ILE D 80 4.06 -2.66 9.56
N ASN D 81 4.77 -3.71 9.99
CA ASN D 81 5.88 -4.26 9.22
C ASN D 81 5.41 -4.80 7.85
N TRP D 82 4.27 -5.50 7.82
CA TRP D 82 3.79 -6.09 6.57
C TRP D 82 3.49 -4.99 5.58
N THR D 83 2.74 -3.99 6.04
CA THR D 83 2.31 -2.89 5.21
C THR D 83 3.52 -2.07 4.70
N LYS D 84 4.48 -1.75 5.59
CA LYS D 84 5.63 -0.94 5.20
C LYS D 84 6.51 -1.67 4.19
N ASP D 85 6.76 -2.96 4.42
CA ASP D 85 7.48 -3.80 3.47
C ASP D 85 6.70 -3.92 2.14
N SER D 86 5.37 -4.03 2.19
CA SER D 86 4.58 -4.07 0.97
C SER D 86 4.71 -2.76 0.17
N ILE D 87 4.74 -1.62 0.86
CA ILE D 87 4.95 -0.32 0.21
C ILE D 87 6.36 -0.23 -0.40
N THR D 88 7.35 -0.71 0.34
CA THR D 88 8.73 -0.62 -0.10
C THR D 88 8.95 -1.47 -1.35
N ASP D 89 8.30 -2.64 -1.41
CA ASP D 89 8.38 -3.49 -2.60
C ASP D 89 7.79 -2.80 -3.85
N ILE D 90 6.66 -2.12 -3.66
CA ILE D 90 6.06 -1.33 -4.72
C ILE D 90 6.97 -0.18 -5.18
N TRP D 91 7.53 0.58 -4.24
CA TRP D 91 8.40 1.70 -4.67
C TRP D 91 9.68 1.21 -5.30
N THR D 92 10.25 0.13 -4.79
CA THR D 92 11.45 -0.44 -5.36
C THR D 92 11.23 -0.92 -6.78
N TYR D 93 10.10 -1.57 -6.98
CA TYR D 93 9.72 -2.02 -8.29
C TYR D 93 9.46 -0.83 -9.21
N GLN D 94 8.76 0.18 -8.71
CA GLN D 94 8.47 1.36 -9.51
C GLN D 94 9.75 2.07 -9.93
N ALA D 95 10.68 2.14 -9.00
CA ALA D 95 11.95 2.81 -9.20
C ALA D 95 12.73 2.12 -10.32
N GLU D 96 12.74 0.78 -10.29
CA GLU D 96 13.39 -0.01 -11.34
C GLU D 96 12.69 0.13 -12.69
N LEU D 97 11.36 0.08 -12.70
CA LEU D 97 10.63 0.26 -13.95
C LEU D 97 10.89 1.65 -14.52
N LEU D 98 10.89 2.67 -13.67
CA LEU D 98 11.08 4.04 -14.15
C LEU D 98 12.43 4.23 -14.86
N VAL D 99 13.49 3.78 -14.22
CA VAL D 99 14.80 3.96 -14.78
C VAL D 99 14.95 3.15 -16.06
N ALA D 100 14.51 1.89 -16.05
CA ALA D 100 14.67 1.05 -17.23
C ALA D 100 13.92 1.65 -18.41
N MET D 101 12.64 1.96 -18.21
CA MET D 101 11.86 2.48 -19.31
C MET D 101 12.37 3.86 -19.77
N GLU D 102 12.76 4.70 -18.83
CA GLU D 102 13.20 6.03 -19.19
C GLU D 102 14.53 5.97 -19.96
N ASN D 103 15.43 5.08 -19.54
CA ASN D 103 16.72 4.85 -20.21
C ASN D 103 16.57 4.30 -21.60
N GLN D 104 15.57 3.43 -21.78
CA GLN D 104 15.36 2.86 -23.10
C GLN D 104 14.95 3.96 -24.06
N HIS D 105 14.04 4.81 -23.58
CA HIS D 105 13.53 5.92 -24.35
C HIS D 105 14.59 7.00 -24.62
N THR D 106 15.44 7.26 -23.62
CA THR D 106 16.47 8.27 -23.74
C THR D 106 17.46 7.91 -24.85
N ILE D 107 17.89 6.65 -24.86
CA ILE D 107 18.82 6.21 -25.87
C ILE D 107 18.20 6.32 -27.28
N ASP D 108 16.96 5.83 -27.43
CA ASP D 108 16.28 5.86 -28.72
C ASP D 108 15.96 7.28 -29.21
N MET D 109 15.61 8.18 -28.29
CA MET D 109 15.39 9.59 -28.66
C MET D 109 16.70 10.20 -29.19
N ALA D 110 17.81 9.85 -28.56
CA ALA D 110 19.11 10.34 -29.00
C ALA D 110 19.43 9.86 -30.41
N ASP D 111 19.18 8.57 -30.65
CA ASP D 111 19.29 7.88 -31.93
C ASP D 111 18.36 8.55 -32.96
N SER D 112 17.17 8.89 -32.50
CA SER D 112 16.21 9.60 -33.31
C SER D 112 16.71 10.93 -33.84
N GLU D 113 17.30 11.74 -32.96
CA GLU D 113 17.73 13.08 -33.34
C GLU D 113 18.86 13.00 -34.35
N MET D 114 19.71 12.00 -34.19
CA MET D 114 20.77 11.76 -35.16
C MET D 114 20.22 11.43 -36.55
N LEU D 115 19.22 10.56 -36.61
CA LEU D 115 18.62 10.16 -37.89
C LEU D 115 17.96 11.35 -38.52
N ASN D 116 17.26 12.14 -37.71
CA ASN D 116 16.63 13.36 -38.19
C ASN D 116 17.66 14.37 -38.76
N LEU D 117 18.86 14.40 -38.21
CA LEU D 117 19.89 15.27 -38.76
C LEU D 117 20.33 14.76 -40.13
N TYR D 118 20.64 13.47 -40.17
CA TYR D 118 20.98 12.75 -41.38
C TYR D 118 19.94 12.92 -42.47
N GLU D 119 18.65 12.82 -42.11
CA GLU D 119 17.58 12.91 -43.10
C GLU D 119 17.47 14.33 -43.67
N ARG D 120 17.60 15.33 -42.80
CA ARG D 120 17.56 16.73 -43.23
C ARG D 120 18.64 17.01 -44.29
N VAL D 121 19.84 16.51 -44.07
CA VAL D 121 20.94 16.72 -44.98
C VAL D 121 20.65 16.03 -46.32
N ARG D 122 20.08 14.83 -46.25
CA ARG D 122 19.83 14.08 -47.46
C ARG D 122 18.89 14.82 -48.40
N LYS D 123 17.71 15.16 -47.88
CA LYS D 123 16.72 15.87 -48.68
C LYS D 123 17.28 17.22 -49.16
N GLN D 124 18.27 17.70 -48.42
CA GLN D 124 18.91 18.96 -48.70
C GLN D 124 19.86 18.82 -49.90
N LEU D 125 20.72 17.80 -49.87
CA LEU D 125 21.66 17.52 -50.95
C LEU D 125 20.95 17.07 -52.20
N ARG D 126 19.82 16.39 -52.02
CA ARG D 126 18.94 16.02 -53.13
C ARG D 126 19.67 15.14 -54.14
N GLN D 127 19.59 15.47 -55.42
CA GLN D 127 20.24 14.67 -56.46
C GLN D 127 21.76 14.89 -56.62
N ASN D 128 22.31 15.87 -55.91
CA ASN D 128 23.76 16.17 -55.95
C ASN D 128 24.70 15.19 -55.24
N ALA D 129 24.19 14.38 -54.33
CA ALA D 129 25.06 13.49 -53.56
C ALA D 129 24.47 12.09 -53.44
N GLU D 130 25.28 11.12 -53.06
CA GLU D 130 24.67 9.85 -52.72
C GLU D 130 25.36 9.15 -51.55
N GLU D 131 24.54 8.40 -50.81
CA GLU D 131 24.93 7.81 -49.54
C GLU D 131 25.81 6.60 -49.70
N ASP D 132 26.72 6.46 -48.75
CA ASP D 132 27.72 5.43 -48.73
C ASP D 132 27.36 4.33 -47.73
N GLY D 133 26.29 4.55 -46.96
CA GLY D 133 25.77 3.55 -46.04
C GLY D 133 26.42 3.52 -44.67
N LYS D 134 27.36 4.43 -44.43
CA LYS D 134 28.03 4.53 -43.15
C LYS D 134 27.86 5.93 -42.58
N GLY D 135 26.92 6.67 -43.18
CA GLY D 135 26.56 7.99 -42.68
C GLY D 135 27.14 9.17 -43.43
N CYS D 136 27.81 8.88 -44.55
CA CYS D 136 28.44 9.92 -45.34
C CYS D 136 27.70 10.15 -46.64
N PHE D 137 27.78 11.38 -47.12
CA PHE D 137 27.25 11.70 -48.44
C PHE D 137 28.42 12.04 -49.39
N GLU D 138 28.66 11.17 -50.36
CA GLU D 138 29.65 11.47 -51.39
C GLU D 138 29.03 12.52 -52.32
N ILE D 139 29.66 13.69 -52.35
CA ILE D 139 29.17 14.81 -53.14
C ILE D 139 29.86 14.85 -54.51
N TYR D 140 29.06 14.80 -55.56
CA TYR D 140 29.61 14.66 -56.90
C TYR D 140 29.89 16.00 -57.55
N HIS D 141 30.20 16.99 -56.74
CA HIS D 141 30.67 18.24 -57.30
C HIS D 141 31.75 18.79 -56.39
N ALA D 142 32.35 19.90 -56.80
CA ALA D 142 33.42 20.53 -56.04
C ALA D 142 32.77 21.41 -55.01
N CYS D 143 33.02 21.11 -53.75
CA CYS D 143 32.34 21.80 -52.67
C CYS D 143 33.41 22.27 -51.69
N ASP D 144 33.66 23.58 -51.71
CA ASP D 144 34.64 24.24 -50.82
C ASP D 144 34.03 24.53 -49.45
N ASP D 145 34.89 24.84 -48.47
CA ASP D 145 34.46 25.07 -47.09
C ASP D 145 33.20 25.92 -46.94
N SER D 146 33.02 26.92 -47.79
CA SER D 146 31.79 27.71 -47.81
C SER D 146 30.61 26.89 -48.30
N CYS D 147 30.83 26.07 -49.31
CA CYS D 147 29.79 25.17 -49.74
C CYS D 147 29.50 24.21 -48.57
N MET D 148 30.54 23.77 -47.88
CA MET D 148 30.33 22.93 -46.70
C MET D 148 29.55 23.67 -45.59
N GLU D 149 29.94 24.89 -45.24
CA GLU D 149 29.18 25.66 -44.24
C GLU D 149 27.74 25.86 -44.70
N SER D 150 27.49 25.63 -45.98
CA SER D 150 26.19 25.88 -46.57
C SER D 150 25.31 24.69 -46.29
N ILE D 151 25.94 23.52 -46.25
CA ILE D 151 25.29 22.28 -45.87
C ILE D 151 24.90 22.24 -44.39
N ARG D 152 25.78 22.77 -43.53
CA ARG D 152 25.51 22.90 -42.10
C ARG D 152 24.52 24.04 -41.74
N ASN D 153 24.64 25.17 -42.41
CA ASN D 153 23.73 26.31 -42.22
C ASN D 153 22.30 26.03 -42.66
N ASN D 154 22.12 25.16 -43.65
CA ASN D 154 20.85 24.94 -44.36
C ASN D 154 20.60 26.04 -45.38
N THR D 155 21.70 26.62 -45.87
CA THR D 155 21.64 27.60 -46.95
C THR D 155 21.95 27.01 -48.35
N TYR D 156 22.24 25.70 -48.41
CA TYR D 156 22.63 25.00 -49.65
C TYR D 156 21.49 24.90 -50.68
N ASP D 157 21.67 25.54 -51.84
CA ASP D 157 20.73 25.45 -52.96
C ASP D 157 21.19 24.37 -53.92
N HIS D 158 20.54 23.22 -53.85
CA HIS D 158 20.92 22.07 -54.65
C HIS D 158 20.97 22.39 -56.15
N SER D 159 20.05 23.24 -56.60
CA SER D 159 19.89 23.49 -58.03
C SER D 159 21.11 24.20 -58.62
N GLN D 160 21.88 24.86 -57.76
CA GLN D 160 23.09 25.55 -58.17
C GLN D 160 24.18 24.60 -58.70
N TYR D 161 24.29 23.41 -58.10
CA TYR D 161 25.32 22.46 -58.49
C TYR D 161 24.74 21.22 -59.18
N ARG D 162 23.44 21.24 -59.40
CA ARG D 162 22.73 20.06 -59.84
C ARG D 162 23.30 19.52 -61.14
N GLU D 163 23.21 20.32 -62.21
CA GLU D 163 23.59 19.90 -63.55
C GLU D 163 25.00 19.33 -63.58
N GLU D 164 25.96 20.03 -63.00
CA GLU D 164 27.30 19.48 -62.89
C GLU D 164 27.33 18.14 -62.10
N ALA D 165 26.66 18.11 -60.95
CA ALA D 165 26.70 16.91 -60.12
C ALA D 165 26.12 15.70 -60.85
N LEU D 166 25.01 15.90 -61.57
CA LEU D 166 24.39 14.85 -62.40
C LEU D 166 25.25 14.32 -63.55
N LEU D 167 26.02 15.20 -64.18
CA LEU D 167 26.95 14.78 -65.22
C LEU D 167 28.01 13.86 -64.62
N ASN D 168 28.46 14.19 -63.42
CA ASN D 168 29.38 13.35 -62.69
C ASN D 168 28.77 12.03 -62.17
N ARG D 169 27.48 12.03 -61.88
CA ARG D 169 26.84 10.81 -61.37
C ARG D 169 26.48 9.87 -62.50
N LEU D 170 26.50 10.39 -63.73
CA LEU D 170 26.06 9.59 -64.86
C LEU D 170 27.19 9.16 -65.79
N ASN D 171 28.43 9.59 -65.50
CA ASN D 171 29.58 9.22 -66.34
C ASN D 171 30.73 8.69 -65.49
N ASP E 5 14.47 -9.60 -62.26
CA ASP E 5 15.61 -9.76 -61.36
C ASP E 5 15.44 -8.97 -60.04
N LYS E 6 15.13 -9.68 -58.96
CA LYS E 6 14.62 -9.10 -57.71
C LYS E 6 15.21 -9.68 -56.41
N ILE E 7 15.37 -8.86 -55.36
CA ILE E 7 15.63 -9.38 -54.00
C ILE E 7 14.65 -8.79 -52.98
N CYS E 8 13.91 -9.68 -52.31
CA CYS E 8 12.81 -9.27 -51.46
C CYS E 8 13.09 -9.45 -49.99
N LEU E 9 12.71 -8.44 -49.20
CA LEU E 9 12.84 -8.54 -47.75
C LEU E 9 11.49 -8.85 -47.09
N GLY E 10 11.52 -9.65 -46.04
CA GLY E 10 10.34 -10.01 -45.31
C GLY E 10 10.66 -10.59 -43.95
N HIS E 11 9.62 -10.99 -43.23
CA HIS E 11 9.76 -11.52 -41.88
C HIS E 11 8.98 -12.82 -41.76
N HIS E 12 9.28 -13.61 -40.73
CA HIS E 12 8.53 -14.84 -40.54
C HIS E 12 7.12 -14.61 -39.98
N ALA E 13 6.27 -15.60 -40.20
CA ALA E 13 4.94 -15.66 -39.61
C ALA E 13 4.71 -17.09 -39.12
N VAL E 14 3.69 -17.29 -38.29
CA VAL E 14 3.31 -18.62 -37.84
C VAL E 14 1.84 -18.89 -38.13
N ALA E 15 1.47 -20.16 -38.28
CA ALA E 15 0.09 -20.52 -38.56
C ALA E 15 -0.85 -20.12 -37.42
N ASN E 16 -0.47 -20.44 -36.18
CA ASN E 16 -1.29 -20.06 -35.02
C ASN E 16 -0.61 -19.02 -34.12
N GLY E 17 -1.10 -17.79 -34.20
CA GLY E 17 -0.57 -16.71 -33.37
C GLY E 17 -1.12 -16.72 -31.95
N THR E 18 -0.51 -15.94 -31.07
CA THR E 18 -1.05 -15.77 -29.73
C THR E 18 -1.48 -14.32 -29.53
N ILE E 19 -2.62 -14.16 -28.88
CA ILE E 19 -3.20 -12.85 -28.66
C ILE E 19 -2.72 -12.22 -27.34
N VAL E 20 -2.26 -10.97 -27.41
CA VAL E 20 -1.79 -10.23 -26.25
C VAL E 20 -2.35 -8.81 -26.25
N LYS E 21 -2.27 -8.11 -25.12
CA LYS E 21 -2.78 -6.74 -25.02
C LYS E 21 -1.63 -5.75 -25.20
N THR E 22 -1.90 -4.57 -25.78
CA THR E 22 -0.90 -3.50 -25.84
C THR E 22 -1.57 -2.23 -25.40
N LEU E 23 -0.85 -1.11 -25.46
CA LEU E 23 -1.40 0.15 -24.98
C LEU E 23 -2.55 0.57 -25.86
N THR E 24 -2.45 0.19 -27.14
CA THR E 24 -3.35 0.68 -28.17
C THR E 24 -4.34 -0.36 -28.65
N ASN E 25 -4.05 -1.64 -28.36
CA ASN E 25 -4.86 -2.75 -28.85
C ASN E 25 -4.98 -3.93 -27.87
N GLU E 26 -6.19 -4.26 -27.45
CA GLU E 26 -6.43 -5.58 -26.87
C GLU E 26 -6.51 -6.52 -28.05
N GLN E 27 -6.41 -7.83 -27.87
CA GLN E 27 -6.52 -8.70 -29.06
C GLN E 27 -5.53 -8.39 -30.19
N GLU E 28 -4.24 -8.23 -29.87
CA GLU E 28 -3.21 -8.07 -30.90
C GLU E 28 -2.49 -9.39 -31.13
N GLU E 29 -2.52 -9.90 -32.36
CA GLU E 29 -1.93 -11.20 -32.65
C GLU E 29 -0.41 -11.08 -32.82
N VAL E 30 0.33 -11.93 -32.12
CA VAL E 30 1.78 -11.88 -32.14
C VAL E 30 2.31 -13.31 -32.32
N THR E 31 3.55 -13.49 -32.78
CA THR E 31 4.03 -14.83 -33.11
C THR E 31 4.14 -15.75 -31.92
N ASN E 32 4.49 -15.20 -30.77
CA ASN E 32 4.68 -15.95 -29.53
C ASN E 32 4.43 -15.07 -28.29
N ALA E 33 4.11 -15.71 -27.17
CA ALA E 33 3.97 -14.98 -25.91
C ALA E 33 4.19 -15.92 -24.71
N THR E 34 4.56 -15.38 -23.54
CA THR E 34 4.55 -16.21 -22.32
C THR E 34 3.78 -15.56 -21.21
N GLU E 35 3.35 -16.44 -20.30
CA GLU E 35 2.56 -16.10 -19.14
C GLU E 35 3.39 -15.35 -18.12
N THR E 36 2.90 -14.21 -17.62
CA THR E 36 3.57 -13.56 -16.51
C THR E 36 2.93 -13.91 -15.16
N VAL E 37 1.73 -14.49 -15.16
CA VAL E 37 1.03 -14.75 -13.90
C VAL E 37 0.91 -16.25 -13.57
N GLU E 38 1.52 -16.67 -12.47
CA GLU E 38 1.53 -18.06 -12.05
C GLU E 38 0.17 -18.46 -11.54
N SER E 39 -0.38 -19.54 -12.08
CA SER E 39 -1.71 -19.94 -11.71
C SER E 39 -1.72 -21.33 -11.11
N THR E 40 -0.55 -21.97 -11.05
CA THR E 40 -0.46 -23.30 -10.48
C THR E 40 0.58 -23.37 -9.36
N GLY E 41 0.16 -23.90 -8.22
CA GLY E 41 1.06 -24.16 -7.13
C GLY E 41 1.24 -25.65 -6.94
N ILE E 42 2.00 -26.01 -5.91
CA ILE E 42 2.26 -27.40 -5.61
C ILE E 42 1.42 -27.64 -4.36
N ASN E 43 0.68 -28.75 -4.35
CA ASN E 43 -0.31 -29.00 -3.31
C ASN E 43 0.32 -29.71 -2.12
N ARG E 44 1.62 -29.52 -1.96
CA ARG E 44 2.34 -30.03 -0.82
C ARG E 44 3.11 -28.89 -0.20
N LEU E 45 3.57 -29.09 1.02
CA LEU E 45 4.49 -28.17 1.64
C LEU E 45 5.90 -28.68 1.38
N CYS E 46 6.68 -27.90 0.65
CA CYS E 46 8.03 -28.30 0.31
C CYS E 46 9.04 -27.87 1.36
N MET E 47 9.61 -28.83 2.08
CA MET E 47 10.48 -28.54 3.22
C MET E 47 11.97 -28.85 3.03
N LYS E 48 12.38 -29.17 1.79
CA LYS E 48 13.79 -29.49 1.57
C LYS E 48 14.60 -28.26 1.93
N GLY E 49 15.69 -28.47 2.67
CA GLY E 49 16.54 -27.38 3.10
C GLY E 49 16.02 -26.66 4.33
N ARG E 50 14.86 -27.07 4.81
CA ARG E 50 14.29 -26.43 5.98
C ARG E 50 14.24 -27.42 7.14
N LYS E 51 14.80 -27.01 8.26
CA LYS E 51 14.61 -27.74 9.51
C LYS E 51 13.28 -27.29 10.14
N HIS E 52 12.31 -28.16 10.07
CA HIS E 52 10.95 -27.76 10.32
C HIS E 52 10.24 -28.61 11.33
N LYS E 53 9.24 -28.04 11.98
CA LYS E 53 8.43 -28.82 12.89
C LYS E 53 6.98 -28.80 12.43
N ASP E 54 6.43 -29.99 12.20
CA ASP E 54 5.01 -30.13 11.92
C ASP E 54 4.29 -30.44 13.25
N LEU E 55 3.54 -29.45 13.72
CA LEU E 55 2.90 -29.51 15.03
C LEU E 55 1.74 -30.50 15.04
N GLY E 56 1.29 -30.94 13.86
CA GLY E 56 0.21 -31.93 13.79
C GLY E 56 -1.03 -31.43 14.51
N ASN E 57 -1.69 -32.24 15.35
CA ASN E 57 -2.86 -31.72 16.05
C ASN E 57 -2.53 -30.87 17.32
N CYS E 58 -1.26 -30.55 17.54
CA CYS E 58 -0.85 -29.57 18.57
C CYS E 58 -1.00 -28.08 18.14
N HIS E 59 -1.79 -27.31 18.87
CA HIS E 59 -1.80 -25.88 18.65
C HIS E 59 -0.61 -25.21 19.32
N PRO E 60 -0.07 -24.12 18.69
CA PRO E 60 1.08 -23.44 19.28
C PRO E 60 0.89 -23.00 20.74
N ILE E 61 -0.30 -22.55 21.13
CA ILE E 61 -0.49 -22.20 22.54
C ILE E 61 -0.24 -23.38 23.47
N GLY E 62 -0.63 -24.56 23.04
CA GLY E 62 -0.45 -25.80 23.79
C GLY E 62 0.99 -26.18 24.06
N MET E 63 1.91 -25.70 23.21
CA MET E 63 3.34 -25.90 23.38
C MET E 63 3.87 -25.30 24.67
N LEU E 64 3.41 -24.09 24.97
CA LEU E 64 3.80 -23.34 26.15
C LEU E 64 3.20 -23.90 27.45
N ILE E 65 1.95 -24.34 27.43
CA ILE E 65 1.31 -24.75 28.68
C ILE E 65 1.35 -26.28 28.91
N GLY E 66 1.78 -27.02 27.89
CA GLY E 66 1.83 -28.47 27.93
C GLY E 66 0.54 -29.28 27.90
N THR E 67 -0.31 -28.97 26.95
CA THR E 67 -1.46 -29.81 26.66
C THR E 67 -0.98 -31.18 26.20
N PRO E 68 -1.69 -32.26 26.57
CA PRO E 68 -1.24 -33.61 26.21
C PRO E 68 -1.01 -33.78 24.71
N ALA E 69 -1.80 -33.12 23.88
CA ALA E 69 -1.61 -33.17 22.44
C ALA E 69 -0.23 -32.61 22.02
N CYS E 70 0.39 -31.81 22.87
CA CYS E 70 1.66 -31.11 22.57
C CYS E 70 2.89 -31.71 23.30
N ASP E 71 2.76 -32.91 23.87
CA ASP E 71 3.82 -33.49 24.68
C ASP E 71 5.16 -33.60 23.93
N LEU E 72 5.09 -33.77 22.63
CA LEU E 72 6.27 -33.93 21.83
C LEU E 72 6.74 -32.61 21.23
N HIS E 73 6.07 -31.51 21.58
CA HIS E 73 6.41 -30.19 21.07
C HIS E 73 6.65 -29.15 22.17
N LEU E 74 7.03 -29.61 23.35
CA LEU E 74 7.34 -28.74 24.51
C LEU E 74 8.60 -27.92 24.33
N THR E 75 9.58 -28.48 23.62
CA THR E 75 10.84 -27.78 23.29
C THR E 75 11.16 -28.09 21.86
N GLY E 76 12.01 -27.27 21.25
CA GLY E 76 12.46 -27.57 19.90
C GLY E 76 13.42 -26.55 19.33
N MET E 77 14.02 -26.87 18.18
CA MET E 77 14.63 -25.88 17.27
C MET E 77 14.05 -26.05 15.86
N TRP E 78 13.73 -24.95 15.19
CA TRP E 78 13.21 -25.02 13.82
C TRP E 78 13.43 -23.72 13.04
N ASP E 79 13.61 -23.84 11.72
CA ASP E 79 13.46 -22.75 10.71
C ASP E 79 12.01 -22.41 10.45
N THR E 80 11.23 -23.49 10.40
CA THR E 80 9.87 -23.48 9.91
C THR E 80 8.93 -24.21 10.87
N LEU E 81 7.84 -23.55 11.25
CA LEU E 81 6.84 -24.13 12.16
C LEU E 81 5.49 -24.20 11.45
N ILE E 82 4.90 -25.38 11.41
CA ILE E 82 3.69 -25.58 10.62
C ILE E 82 2.50 -25.87 11.52
N GLU E 83 1.48 -25.05 11.38
CA GLU E 83 0.27 -25.15 12.18
C GLU E 83 -0.86 -25.73 11.32
N ARG E 84 -1.60 -26.66 11.92
CA ARG E 84 -2.68 -27.39 11.25
C ARG E 84 -4.05 -26.93 11.70
N GLU E 85 -5.06 -27.20 10.89
CA GLU E 85 -6.36 -26.56 11.06
C GLU E 85 -7.12 -26.83 12.38
N ASN E 86 -7.18 -28.04 12.92
CA ASN E 86 -8.05 -28.10 14.11
C ASN E 86 -7.23 -28.41 15.35
N ALA E 87 -6.07 -27.79 15.40
CA ALA E 87 -5.08 -28.13 16.44
C ALA E 87 -5.59 -27.80 17.84
N ILE E 88 -5.20 -28.63 18.79
CA ILE E 88 -5.70 -28.52 20.17
C ILE E 88 -4.72 -27.76 21.09
N ALA E 89 -5.24 -26.71 21.70
CA ALA E 89 -4.51 -25.90 22.68
C ALA E 89 -4.84 -26.24 24.13
N TYR E 90 -6.05 -26.72 24.35
CA TYR E 90 -6.62 -26.84 25.68
C TYR E 90 -7.19 -28.24 25.87
N CYS E 91 -7.06 -28.76 27.07
CA CYS E 91 -7.68 -30.03 27.42
C CYS E 91 -8.80 -29.74 28.42
N TYR E 92 -8.68 -28.60 29.07
CA TYR E 92 -9.63 -28.19 30.08
C TYR E 92 -10.26 -26.93 29.53
N PRO E 93 -11.57 -26.74 29.73
CA PRO E 93 -12.20 -25.58 29.09
C PRO E 93 -11.62 -24.26 29.60
N GLY E 94 -11.56 -23.28 28.71
CA GLY E 94 -11.07 -21.95 29.02
C GLY E 94 -10.44 -21.35 27.78
N ALA E 95 -9.82 -20.18 27.93
CA ALA E 95 -9.17 -19.53 26.82
C ALA E 95 -8.04 -18.66 27.32
N THR E 96 -7.23 -18.19 26.39
CA THR E 96 -6.08 -17.33 26.64
C THR E 96 -6.38 -15.86 26.33
N VAL E 97 -6.14 -14.99 27.28
CA VAL E 97 -6.25 -13.59 26.97
C VAL E 97 -5.11 -13.22 26.01
N ASN E 98 -5.39 -12.37 25.04
CA ASN E 98 -4.38 -11.96 24.09
C ASN E 98 -3.77 -13.07 23.23
N VAL E 99 -4.62 -13.99 22.78
CA VAL E 99 -4.15 -15.21 22.18
C VAL E 99 -3.42 -15.01 20.84
N GLU E 100 -3.93 -14.13 19.98
CA GLU E 100 -3.37 -13.99 18.64
C GLU E 100 -1.98 -13.37 18.69
N ALA E 101 -1.74 -12.41 19.59
CA ALA E 101 -0.39 -11.86 19.72
C ALA E 101 0.58 -12.97 20.10
N LEU E 102 0.20 -13.78 21.09
CA LEU E 102 1.08 -14.84 21.57
C LEU E 102 1.36 -15.89 20.50
N ARG E 103 0.33 -16.30 19.78
CA ARG E 103 0.47 -17.32 18.75
C ARG E 103 1.46 -16.83 17.67
N GLN E 104 1.44 -15.53 17.41
CA GLN E 104 2.33 -14.94 16.43
C GLN E 104 3.78 -14.95 16.88
N LYS E 105 4.02 -14.72 18.17
CA LYS E 105 5.36 -14.77 18.72
C LYS E 105 5.94 -16.17 18.59
N ILE E 106 5.12 -17.19 18.88
CA ILE E 106 5.56 -18.56 18.75
C ILE E 106 5.85 -18.92 17.28
N MET E 107 4.94 -18.51 16.39
CA MET E 107 5.07 -18.75 14.94
C MET E 107 6.13 -17.90 14.22
N GLU E 108 6.61 -16.83 14.87
CA GLU E 108 7.77 -16.07 14.41
C GLU E 108 9.09 -16.60 14.98
N SER E 109 8.99 -17.54 15.92
CA SER E 109 10.14 -18.03 16.66
C SER E 109 10.94 -19.07 15.87
N GLY E 110 12.20 -19.27 16.27
CA GLY E 110 13.08 -20.29 15.71
C GLY E 110 13.32 -21.48 16.63
N GLY E 111 12.52 -21.56 17.70
CA GLY E 111 12.59 -22.68 18.62
C GLY E 111 12.12 -22.31 20.01
N ILE E 112 11.95 -23.31 20.88
CA ILE E 112 11.52 -23.06 22.26
C ILE E 112 12.36 -23.80 23.30
N ASN E 113 12.70 -23.14 24.40
CA ASN E 113 13.27 -23.81 25.56
C ASN E 113 12.41 -23.71 26.79
N LYS E 114 12.44 -24.73 27.62
CA LYS E 114 11.70 -24.68 28.85
C LYS E 114 12.67 -24.57 30.02
N ILE E 115 12.34 -23.67 30.93
CA ILE E 115 13.13 -23.43 32.11
C ILE E 115 12.24 -23.54 33.33
N SER E 116 12.66 -24.34 34.29
CA SER E 116 11.87 -24.64 35.46
C SER E 116 11.72 -23.41 36.35
N THR E 117 10.51 -23.15 36.81
CA THR E 117 10.29 -22.00 37.69
C THR E 117 10.87 -22.18 39.08
N GLY E 118 10.91 -23.43 39.53
CA GLY E 118 11.44 -23.71 40.85
C GLY E 118 10.45 -23.44 41.97
N PHE E 119 9.19 -23.20 41.61
CA PHE E 119 8.15 -22.93 42.61
C PHE E 119 7.96 -24.11 43.57
N THR E 120 7.80 -23.75 44.83
CA THR E 120 7.71 -24.69 45.92
C THR E 120 6.52 -24.29 46.80
N TYR E 121 5.77 -25.27 47.32
CA TYR E 121 4.55 -24.97 48.05
C TYR E 121 4.47 -25.62 49.43
N GLY E 122 3.86 -24.90 50.35
CA GLY E 122 3.76 -25.33 51.72
C GLY E 122 2.89 -26.56 51.90
N SER E 123 3.02 -27.11 53.09
CA SER E 123 2.23 -28.23 53.56
C SER E 123 0.74 -28.15 53.30
N SER E 124 0.16 -26.95 53.49
CA SER E 124 -1.27 -26.69 53.35
C SER E 124 -1.82 -26.87 51.95
N ILE E 125 -0.96 -26.71 50.97
CA ILE E 125 -1.30 -26.82 49.56
C ILE E 125 -1.23 -28.24 48.96
N ASN E 126 -2.24 -28.61 48.20
CA ASN E 126 -2.12 -29.77 47.32
C ASN E 126 -1.83 -29.24 45.91
N SER E 127 -0.69 -29.59 45.35
CA SER E 127 -0.30 -29.10 44.04
C SER E 127 -0.39 -30.20 43.02
N ALA E 128 -0.93 -31.34 43.42
CA ALA E 128 -0.91 -32.52 42.56
C ALA E 128 -2.24 -32.81 41.85
N GLY E 129 -3.15 -31.85 41.89
CA GLY E 129 -4.47 -32.02 41.31
C GLY E 129 -4.47 -32.34 39.82
N THR E 130 -5.42 -33.17 39.41
CA THR E 130 -5.56 -33.56 38.03
C THR E 130 -7.02 -33.54 37.69
N THR E 131 -7.31 -33.65 36.42
CA THR E 131 -8.68 -33.67 35.99
C THR E 131 -8.84 -34.71 34.91
N ARG E 132 -10.05 -35.24 34.81
CA ARG E 132 -10.38 -36.22 33.81
C ARG E 132 -10.62 -35.57 32.44
N ALA E 133 -10.68 -34.25 32.42
CA ALA E 133 -10.70 -33.56 31.15
C ALA E 133 -9.34 -33.57 30.45
N CYS E 134 -8.23 -33.64 31.20
CA CYS E 134 -6.92 -33.74 30.56
C CYS E 134 -6.38 -35.16 30.72
N MET E 135 -6.81 -36.06 29.86
CA MET E 135 -6.34 -37.43 29.89
C MET E 135 -4.95 -37.53 29.26
N ARG E 136 -4.03 -38.22 29.95
CA ARG E 136 -2.73 -38.51 29.37
C ARG E 136 -2.41 -40.00 29.57
N ASN E 137 -2.19 -40.70 28.48
CA ASN E 137 -1.92 -42.14 28.56
C ASN E 137 -3.00 -42.91 29.37
N GLY E 138 -4.26 -42.45 29.28
CA GLY E 138 -5.39 -43.11 29.87
C GLY E 138 -5.63 -42.78 31.32
N GLY E 139 -4.91 -41.80 31.85
CA GLY E 139 -5.07 -41.43 33.24
C GLY E 139 -5.42 -39.95 33.33
N ASN E 140 -6.09 -39.60 34.43
CA ASN E 140 -6.34 -38.21 34.76
C ASN E 140 -5.00 -37.52 34.86
N SER E 141 -4.93 -36.30 34.34
CA SER E 141 -3.70 -35.56 34.25
C SER E 141 -3.97 -34.08 34.22
N PHE E 142 -2.93 -33.30 33.98
CA PHE E 142 -3.10 -31.87 33.91
C PHE E 142 -2.12 -31.33 32.88
N TYR E 143 -2.24 -30.05 32.58
CA TYR E 143 -1.28 -29.39 31.72
C TYR E 143 0.15 -29.63 32.26
N ALA E 144 1.08 -30.03 31.40
CA ALA E 144 2.40 -30.42 31.89
C ALA E 144 3.17 -29.25 32.54
N GLU E 145 3.01 -28.03 32.03
CA GLU E 145 3.84 -26.92 32.51
C GLU E 145 3.24 -26.08 33.64
N LEU E 146 2.09 -26.51 34.15
CA LEU E 146 1.35 -25.76 35.16
C LEU E 146 0.93 -26.68 36.28
N LYS E 147 0.58 -26.11 37.42
CA LYS E 147 0.10 -26.91 38.54
C LYS E 147 -1.19 -26.35 39.10
N TRP E 148 -2.16 -27.22 39.33
CA TRP E 148 -3.42 -26.78 39.91
C TRP E 148 -3.31 -26.82 41.43
N LEU E 149 -3.14 -25.66 42.04
CA LEU E 149 -3.00 -25.56 43.49
C LEU E 149 -4.38 -25.52 44.14
N VAL E 150 -4.63 -26.41 45.09
CA VAL E 150 -5.84 -26.37 45.91
C VAL E 150 -5.48 -26.59 47.38
N SER E 151 -6.40 -26.30 48.28
CA SER E 151 -6.18 -26.55 49.70
C SER E 151 -6.04 -28.05 49.95
N LYS E 152 -4.96 -28.44 50.62
CA LYS E 152 -4.65 -29.85 50.87
C LYS E 152 -5.76 -30.43 51.72
N SER E 153 -6.56 -29.52 52.27
CA SER E 153 -7.43 -29.79 53.36
C SER E 153 -8.76 -29.08 53.06
N ALA E 154 -9.75 -29.86 52.63
CA ALA E 154 -10.85 -29.33 51.85
C ALA E 154 -11.71 -28.38 52.68
N GLY E 155 -12.17 -27.32 52.02
CA GLY E 155 -13.06 -26.34 52.59
C GLY E 155 -12.36 -25.28 53.42
N GLN E 156 -11.05 -25.44 53.60
CA GLN E 156 -10.25 -24.60 54.50
C GLN E 156 -9.43 -23.61 53.70
N ASN E 157 -9.29 -22.40 54.23
CA ASN E 157 -8.74 -21.32 53.46
C ASN E 157 -7.38 -21.69 52.91
N PHE E 158 -7.21 -21.50 51.62
CA PHE E 158 -5.92 -21.65 50.95
C PHE E 158 -5.00 -20.61 51.56
N PRO E 159 -3.79 -21.01 51.96
CA PRO E 159 -2.95 -20.03 52.67
C PRO E 159 -2.46 -18.91 51.75
N GLN E 160 -2.17 -17.75 52.34
CA GLN E 160 -1.58 -16.65 51.60
C GLN E 160 -0.18 -17.07 51.13
N THR E 161 0.08 -16.98 49.83
CA THR E 161 1.26 -17.64 49.27
C THR E 161 2.03 -16.74 48.34
N THR E 162 3.36 -16.88 48.36
CA THR E 162 4.18 -16.08 47.47
C THR E 162 5.15 -16.97 46.71
N ASN E 163 5.26 -16.75 45.40
CA ASN E 163 6.23 -17.44 44.59
C ASN E 163 6.89 -16.47 43.62
N THR E 164 8.19 -16.58 43.41
CA THR E 164 8.85 -15.68 42.50
C THR E 164 9.70 -16.40 41.51
N TYR E 165 9.58 -16.00 40.26
CA TYR E 165 10.46 -16.51 39.23
C TYR E 165 11.48 -15.44 38.93
N ARG E 166 12.75 -15.82 38.95
CA ARG E 166 13.80 -14.87 38.62
C ARG E 166 14.44 -15.33 37.33
N ASN E 167 14.50 -14.41 36.37
CA ASN E 167 15.14 -14.66 35.12
C ASN E 167 16.61 -14.32 35.30
N THR E 168 17.45 -15.35 35.27
CA THR E 168 18.89 -15.21 35.53
C THR E 168 19.65 -15.30 34.21
N ASP E 169 18.88 -15.40 33.14
CA ASP E 169 19.37 -15.50 31.77
C ASP E 169 19.65 -14.12 31.15
N THR E 170 20.22 -14.15 29.96
CA THR E 170 20.52 -12.94 29.20
C THR E 170 19.47 -12.66 28.14
N ALA E 171 18.39 -13.41 28.12
CA ALA E 171 17.28 -13.17 27.18
C ALA E 171 15.94 -13.18 27.90
N GLU E 172 14.96 -12.52 27.33
CA GLU E 172 13.63 -12.49 27.92
C GLU E 172 12.99 -13.87 27.90
N HIS E 173 12.21 -14.14 28.92
CA HIS E 173 11.53 -15.42 29.09
C HIS E 173 10.02 -15.15 29.06
N LEU E 174 9.27 -16.05 28.43
CA LEU E 174 7.81 -15.90 28.36
C LEU E 174 7.18 -16.76 29.44
N ILE E 175 6.40 -16.15 30.32
CA ILE E 175 5.80 -16.90 31.42
C ILE E 175 4.28 -16.88 31.24
N MET E 176 3.67 -18.03 31.52
CA MET E 176 2.22 -18.18 31.39
C MET E 176 1.68 -18.71 32.70
N TRP E 177 0.49 -18.27 33.06
CA TRP E 177 -0.20 -18.79 34.22
C TRP E 177 -1.70 -18.87 33.94
N GLY E 178 -2.42 -19.57 34.81
CA GLY E 178 -3.84 -19.78 34.63
C GLY E 178 -4.60 -19.27 35.84
N ILE E 179 -5.87 -18.97 35.64
CA ILE E 179 -6.74 -18.59 36.73
C ILE E 179 -7.92 -19.55 36.72
N HIS E 180 -8.18 -20.19 37.85
CA HIS E 180 -9.31 -21.09 37.87
C HIS E 180 -10.55 -20.31 38.17
N HIS E 181 -11.57 -20.47 37.34
CA HIS E 181 -12.88 -19.90 37.56
C HIS E 181 -13.84 -21.02 37.91
N PRO E 182 -14.17 -21.17 39.20
CA PRO E 182 -14.97 -22.29 39.71
C PRO E 182 -16.41 -22.28 39.20
N SER E 183 -17.00 -23.48 39.09
CA SER E 183 -18.37 -23.70 38.60
C SER E 183 -19.50 -23.22 39.52
N SER E 184 -19.21 -23.17 40.83
CA SER E 184 -20.19 -22.75 41.82
C SER E 184 -19.50 -22.30 43.09
N THR E 185 -20.22 -21.59 43.96
CA THR E 185 -19.65 -21.18 45.23
C THR E 185 -19.27 -22.39 46.11
N GLN E 186 -20.04 -23.47 46.00
CA GLN E 186 -19.74 -24.71 46.70
C GLN E 186 -18.36 -25.29 46.28
N GLU E 187 -18.08 -25.30 44.97
CA GLU E 187 -16.79 -25.80 44.47
C GLU E 187 -15.64 -24.87 44.89
N LYS E 188 -15.86 -23.56 44.83
CA LYS E 188 -14.80 -22.63 45.21
C LYS E 188 -14.41 -22.76 46.70
N ASN E 189 -15.39 -22.90 47.58
CA ASN E 189 -15.09 -23.03 49.01
C ASN E 189 -14.27 -24.29 49.32
N THR E 190 -14.61 -25.41 48.70
CA THR E 190 -13.86 -26.65 48.91
C THR E 190 -12.38 -26.58 48.52
N LEU E 191 -12.12 -26.05 47.33
CA LEU E 191 -10.77 -25.93 46.80
C LEU E 191 -9.94 -24.89 47.55
N TYR E 192 -10.58 -23.80 47.95
CA TYR E 192 -9.84 -22.60 48.31
C TYR E 192 -10.28 -21.93 49.60
N GLY E 193 -11.32 -22.43 50.26
CA GLY E 193 -11.85 -21.76 51.44
C GLY E 193 -12.84 -20.64 51.15
N THR E 194 -13.42 -20.09 52.21
CA THR E 194 -14.49 -19.09 52.11
C THR E 194 -13.98 -17.67 51.88
N GLN E 195 -12.71 -17.46 52.17
CA GLN E 195 -12.07 -16.17 51.97
C GLN E 195 -12.22 -15.58 50.56
N SER E 196 -12.05 -14.28 50.48
CA SER E 196 -11.98 -13.59 49.22
C SER E 196 -10.69 -13.95 48.52
N LEU E 197 -10.76 -14.26 47.23
CA LEU E 197 -9.57 -14.70 46.50
C LEU E 197 -8.97 -13.56 45.69
N SER E 198 -7.67 -13.47 45.73
CA SER E 198 -6.95 -12.47 44.97
C SER E 198 -5.72 -13.11 44.39
N ILE E 199 -5.40 -12.78 43.15
CA ILE E 199 -4.14 -13.20 42.58
C ILE E 199 -3.44 -11.99 41.98
N SER E 200 -2.26 -11.71 42.51
CA SER E 200 -1.47 -10.55 42.19
C SER E 200 -0.21 -11.00 41.48
N VAL E 201 0.06 -10.41 40.32
CA VAL E 201 1.25 -10.77 39.55
C VAL E 201 2.08 -9.52 39.31
N GLY E 202 3.26 -9.47 39.90
CA GLY E 202 4.07 -8.27 39.79
C GLY E 202 5.50 -8.51 39.38
N SER E 203 5.93 -7.76 38.38
CA SER E 203 7.31 -7.75 37.94
C SER E 203 7.73 -6.29 37.89
N SER E 204 8.96 -6.01 37.47
CA SER E 204 9.38 -4.61 37.33
C SER E 204 8.58 -3.87 36.24
N THR E 205 8.28 -4.57 35.15
CA THR E 205 7.60 -3.99 33.99
C THR E 205 6.08 -4.25 33.89
N TYR E 206 5.54 -5.09 34.76
CA TYR E 206 4.18 -5.59 34.60
C TYR E 206 3.47 -5.67 35.95
N ARG E 207 2.18 -5.39 35.98
CA ARG E 207 1.39 -5.64 37.19
C ARG E 207 -0.04 -6.00 36.86
N ASN E 208 -0.63 -6.84 37.68
CA ASN E 208 -2.02 -7.20 37.46
C ASN E 208 -2.60 -7.91 38.67
N ASN E 209 -3.93 -7.97 38.69
CA ASN E 209 -4.67 -8.62 39.75
C ASN E 209 -5.81 -9.43 39.13
N PHE E 210 -6.09 -10.58 39.71
CA PHE E 210 -7.14 -11.45 39.21
C PHE E 210 -7.99 -11.96 40.34
N VAL E 211 -9.29 -12.01 40.08
CA VAL E 211 -10.27 -12.60 40.97
C VAL E 211 -11.04 -13.67 40.22
N PRO E 212 -11.07 -14.89 40.76
CA PRO E 212 -11.91 -15.90 40.11
C PRO E 212 -13.37 -15.49 40.07
N VAL E 213 -14.02 -15.75 38.94
CA VAL E 213 -15.43 -15.44 38.74
C VAL E 213 -16.20 -16.72 38.95
N VAL E 214 -16.87 -16.86 40.08
CA VAL E 214 -17.50 -18.13 40.39
C VAL E 214 -18.79 -18.18 39.60
N GLY E 215 -19.00 -19.34 38.98
CA GLY E 215 -20.17 -19.58 38.17
C GLY E 215 -21.35 -19.96 39.03
N ALA E 216 -22.34 -20.63 38.44
CA ALA E 216 -23.52 -21.00 39.21
C ALA E 216 -24.26 -22.21 38.64
N ARG E 217 -25.05 -22.85 39.51
CA ARG E 217 -26.19 -23.74 39.17
C ARG E 217 -25.83 -24.94 38.23
N PRO E 218 -26.46 -25.14 37.03
CA PRO E 218 -25.98 -26.43 36.51
C PRO E 218 -24.59 -26.39 35.86
N GLN E 219 -23.98 -27.57 35.70
CA GLN E 219 -22.72 -27.63 35.00
C GLN E 219 -22.96 -27.47 33.48
N VAL E 220 -24.22 -27.50 33.04
CA VAL E 220 -24.52 -27.37 31.61
C VAL E 220 -24.78 -25.92 31.17
N ASN E 221 -24.90 -25.00 32.12
CA ASN E 221 -25.04 -23.60 31.72
C ASN E 221 -23.67 -23.02 31.35
N GLY E 222 -23.61 -21.71 31.13
CA GLY E 222 -22.41 -21.10 30.61
C GLY E 222 -21.38 -20.72 31.64
N LEU E 223 -21.81 -20.65 32.89
CA LEU E 223 -20.94 -20.27 33.99
C LEU E 223 -20.43 -21.47 34.77
N SER E 224 -19.61 -22.31 34.13
CA SER E 224 -19.10 -23.53 34.77
C SER E 224 -17.57 -23.50 34.90
N SER E 225 -16.96 -24.59 35.36
CA SER E 225 -15.53 -24.58 35.62
C SER E 225 -14.68 -24.33 34.36
N ARG E 226 -13.82 -23.31 34.41
CA ARG E 226 -12.82 -23.10 33.38
C ARG E 226 -11.48 -22.58 33.93
N ILE E 227 -10.41 -22.83 33.18
CA ILE E 227 -9.15 -22.19 33.44
C ILE E 227 -8.77 -21.24 32.29
N ASP E 228 -8.57 -19.98 32.64
CA ASP E 228 -8.25 -18.98 31.65
C ASP E 228 -6.81 -18.58 31.82
N PHE E 229 -6.11 -18.36 30.70
CA PHE E 229 -4.67 -18.15 30.72
C PHE E 229 -4.27 -16.72 30.45
N HIS E 230 -3.15 -16.35 31.05
CA HIS E 230 -2.53 -15.04 30.90
C HIS E 230 -1.05 -15.23 30.67
N TRP E 231 -0.40 -14.24 30.08
CA TRP E 231 1.02 -14.33 29.87
C TRP E 231 1.69 -12.97 29.88
N THR E 232 3.00 -12.98 30.09
CA THR E 232 3.81 -11.78 29.92
C THR E 232 5.25 -12.20 29.65
N LEU E 233 6.06 -11.24 29.23
CA LEU E 233 7.47 -11.50 29.04
C LEU E 233 8.24 -10.98 30.26
N VAL E 234 9.19 -11.77 30.76
CA VAL E 234 10.03 -11.37 31.91
C VAL E 234 11.42 -11.02 31.41
N GLN E 235 11.86 -9.80 31.65
CA GLN E 235 13.14 -9.33 31.12
C GLN E 235 14.33 -10.02 31.83
N PRO E 236 15.53 -10.00 31.19
CA PRO E 236 16.72 -10.59 31.81
C PRO E 236 17.07 -9.85 33.11
N GLY E 237 17.37 -10.59 34.16
CA GLY E 237 17.67 -9.97 35.44
C GLY E 237 16.44 -9.54 36.23
N ASP E 238 15.25 -9.76 35.70
CA ASP E 238 14.07 -9.24 36.39
C ASP E 238 13.33 -10.42 37.02
N ASN E 239 12.69 -10.16 38.14
CA ASN E 239 11.96 -11.18 38.88
C ASN E 239 10.47 -10.93 38.70
N ILE E 240 9.65 -11.98 38.63
CA ILE E 240 8.19 -11.79 38.62
C ILE E 240 7.54 -12.54 39.78
N THR E 241 6.67 -11.86 40.50
CA THR E 241 6.14 -12.42 41.75
C THR E 241 4.64 -12.65 41.71
N PHE E 242 4.22 -13.82 42.21
CA PHE E 242 2.81 -14.17 42.35
C PHE E 242 2.42 -14.11 43.83
N SER E 243 1.42 -13.31 44.19
CA SER E 243 0.87 -13.25 45.54
C SER E 243 -0.57 -13.73 45.42
N HIS E 244 -0.89 -14.87 46.00
CA HIS E 244 -2.14 -15.52 45.63
C HIS E 244 -2.84 -16.27 46.75
N ASN E 245 -4.15 -16.38 46.60
CA ASN E 245 -5.04 -16.79 47.64
C ASN E 245 -5.80 -18.08 47.43
N GLY E 246 -5.55 -18.71 46.30
CA GLY E 246 -6.36 -19.78 45.73
C GLY E 246 -6.95 -19.30 44.41
N GLY E 247 -7.08 -20.21 43.46
CA GLY E 247 -7.42 -19.89 42.08
C GLY E 247 -6.28 -19.71 41.09
N LEU E 248 -5.05 -19.60 41.57
CA LEU E 248 -3.91 -19.54 40.66
C LEU E 248 -3.54 -20.92 40.14
N ILE E 249 -3.38 -21.06 38.83
CA ILE E 249 -2.85 -22.25 38.23
C ILE E 249 -1.43 -21.84 37.87
N ALA E 250 -0.42 -22.39 38.57
CA ALA E 250 0.92 -21.78 38.58
C ALA E 250 1.89 -22.53 37.70
N PRO E 251 2.78 -21.78 37.03
CA PRO E 251 3.73 -22.40 36.10
C PRO E 251 4.80 -23.22 36.84
N SER E 252 5.04 -24.46 36.42
CA SER E 252 6.21 -25.16 36.90
C SER E 252 7.37 -24.93 35.93
N ARG E 253 7.09 -24.40 34.75
CA ARG E 253 8.15 -23.98 33.80
C ARG E 253 7.72 -22.72 33.08
N VAL E 254 8.69 -21.98 32.58
CA VAL E 254 8.40 -20.83 31.74
C VAL E 254 9.09 -21.11 30.44
N SER E 255 8.88 -20.25 29.43
CA SER E 255 9.32 -20.56 28.06
C SER E 255 10.30 -19.52 27.57
N LYS E 256 11.24 -19.97 26.76
CA LYS E 256 12.17 -19.07 26.10
C LYS E 256 12.05 -19.21 24.60
N LEU E 257 11.70 -18.14 23.90
CA LEU E 257 11.56 -18.26 22.45
C LEU E 257 12.91 -17.87 21.80
N ILE E 258 13.40 -18.73 20.93
CA ILE E 258 14.75 -18.61 20.40
C ILE E 258 14.77 -18.33 18.90
N GLY E 259 15.52 -17.31 18.50
CA GLY E 259 15.75 -17.06 17.09
C GLY E 259 14.50 -16.77 16.29
N ARG E 260 14.56 -17.01 15.00
CA ARG E 260 13.44 -16.72 14.14
C ARG E 260 13.18 -17.85 13.19
N GLY E 261 11.93 -17.99 12.81
CA GLY E 261 11.57 -18.94 11.79
C GLY E 261 10.30 -18.50 11.11
N LEU E 262 9.92 -19.25 10.09
CA LEU E 262 8.74 -18.88 9.34
C LEU E 262 7.59 -19.79 9.74
N GLY E 263 6.46 -19.17 10.07
CA GLY E 263 5.31 -19.91 10.55
C GLY E 263 4.32 -20.11 9.42
N ILE E 264 3.90 -21.35 9.22
CA ILE E 264 2.96 -21.68 8.14
C ILE E 264 1.68 -22.34 8.66
N GLN E 265 0.55 -21.75 8.34
CA GLN E 265 -0.72 -22.38 8.59
C GLN E 265 -1.18 -23.02 7.30
N SER E 266 -1.26 -24.34 7.28
CA SER E 266 -1.67 -25.07 6.09
C SER E 266 -2.09 -26.47 6.42
N ASP E 267 -2.86 -27.09 5.53
CA ASP E 267 -3.13 -28.51 5.72
C ASP E 267 -2.53 -29.37 4.59
N ALA E 268 -1.56 -28.85 3.85
CA ALA E 268 -0.90 -29.65 2.83
C ALA E 268 0.15 -30.58 3.43
N PRO E 269 0.31 -31.78 2.86
CA PRO E 269 1.32 -32.69 3.37
C PRO E 269 2.74 -32.29 3.05
N ILE E 270 3.63 -32.56 3.99
CA ILE E 270 5.03 -32.22 3.90
C ILE E 270 5.79 -33.03 2.86
N ASP E 271 6.43 -32.33 1.92
CA ASP E 271 7.31 -32.99 0.97
C ASP E 271 8.75 -32.56 1.22
N ASN E 272 9.57 -33.51 1.66
CA ASN E 272 10.95 -33.20 1.94
C ASN E 272 11.86 -33.19 0.69
N ASN E 273 11.34 -33.70 -0.42
CA ASN E 273 12.11 -33.74 -1.66
C ASN E 273 12.14 -32.40 -2.37
N CYS E 274 11.01 -31.72 -2.27
CA CYS E 274 10.73 -30.46 -2.93
C CYS E 274 11.23 -29.23 -2.11
N GLU E 275 11.65 -28.17 -2.81
CA GLU E 275 12.15 -26.97 -2.13
C GLU E 275 11.30 -25.75 -2.45
N SER E 276 11.09 -24.86 -1.47
CA SER E 276 10.27 -23.66 -1.72
C SER E 276 10.49 -22.47 -0.79
N LYS E 277 10.11 -21.28 -1.26
CA LYS E 277 10.21 -20.07 -0.46
C LYS E 277 8.87 -19.36 -0.28
N CYS E 278 7.83 -19.92 -0.89
CA CYS E 278 6.51 -19.32 -0.82
C CYS E 278 5.47 -20.35 -0.42
N PHE E 279 4.62 -20.01 0.54
CA PHE E 279 3.65 -20.99 1.03
C PHE E 279 2.28 -20.36 1.20
N TRP E 280 1.26 -21.19 1.09
CA TRP E 280 -0.08 -20.70 1.37
C TRP E 280 -0.92 -21.82 1.97
N ARG E 281 -2.16 -21.51 2.29
CA ARG E 281 -3.02 -22.50 2.94
C ARG E 281 -2.91 -23.86 2.25
N GLY E 282 -2.86 -23.88 0.92
CA GLY E 282 -2.97 -25.12 0.15
C GLY E 282 -1.71 -25.65 -0.47
N GLY E 283 -0.56 -25.15 -0.04
CA GLY E 283 0.71 -25.72 -0.48
C GLY E 283 1.82 -24.70 -0.71
N SER E 284 2.73 -25.02 -1.64
CA SER E 284 3.84 -24.14 -1.99
C SER E 284 3.65 -23.52 -3.36
N ILE E 285 4.46 -22.51 -3.65
CA ILE E 285 4.50 -21.88 -4.97
C ILE E 285 5.94 -21.76 -5.43
N ASN E 286 6.30 -22.50 -6.47
CA ASN E 286 7.64 -22.40 -7.02
C ASN E 286 7.53 -21.90 -8.44
N THR E 287 7.76 -20.60 -8.59
CA THR E 287 7.65 -20.00 -9.90
C THR E 287 8.74 -18.96 -10.07
N ARG E 288 9.10 -18.71 -11.31
CA ARG E 288 9.99 -17.60 -11.58
C ARG E 288 9.17 -16.36 -11.94
N LEU E 289 7.88 -16.53 -12.19
CA LEU E 289 7.02 -15.44 -12.63
C LEU E 289 6.88 -14.40 -11.52
N PRO E 290 6.77 -13.11 -11.88
CA PRO E 290 6.62 -12.06 -10.87
C PRO E 290 5.24 -12.06 -10.19
N PHE E 291 4.22 -12.59 -10.85
CA PHE E 291 2.88 -12.55 -10.28
C PHE E 291 2.24 -13.93 -10.13
N GLN E 292 1.21 -14.00 -9.27
CA GLN E 292 0.43 -15.22 -9.10
C GLN E 292 -1.04 -14.88 -8.86
N ASN E 293 -1.95 -15.81 -9.15
CA ASN E 293 -3.34 -15.59 -8.77
C ASN E 293 -3.91 -16.78 -7.99
N LEU E 294 -3.02 -17.55 -7.37
CA LEU E 294 -3.42 -18.64 -6.48
C LEU E 294 -4.10 -18.12 -5.19
N SER E 295 -3.39 -17.36 -4.38
CA SER E 295 -3.95 -16.83 -3.14
C SER E 295 -3.37 -15.48 -2.78
N PRO E 296 -4.25 -14.62 -2.25
CA PRO E 296 -3.88 -13.32 -1.65
C PRO E 296 -3.23 -13.49 -0.28
N ARG E 297 -3.24 -14.71 0.27
CA ARG E 297 -2.58 -14.95 1.56
C ARG E 297 -1.40 -15.89 1.41
N THR E 298 -0.20 -15.34 1.47
CA THR E 298 1.01 -16.12 1.31
C THR E 298 2.01 -15.64 2.33
N VAL E 299 3.01 -16.47 2.59
CA VAL E 299 4.11 -16.11 3.47
C VAL E 299 5.43 -16.51 2.84
N GLY E 300 6.53 -15.89 3.27
CA GLY E 300 7.87 -16.13 2.72
C GLY E 300 8.17 -15.20 1.56
N GLN E 301 9.06 -15.62 0.66
CA GLN E 301 9.38 -14.83 -0.54
C GLN E 301 8.46 -15.21 -1.70
N CYS E 302 7.60 -14.27 -2.10
CA CYS E 302 6.44 -14.64 -2.89
C CYS E 302 6.27 -13.75 -4.11
N PRO E 303 5.81 -14.33 -5.23
CA PRO E 303 5.33 -13.42 -6.27
C PRO E 303 4.08 -12.68 -5.79
N LYS E 304 3.92 -11.45 -6.27
CA LYS E 304 2.80 -10.63 -5.87
C LYS E 304 1.48 -11.14 -6.43
N TYR E 305 0.45 -11.25 -5.58
CA TYR E 305 -0.89 -11.67 -6.00
C TYR E 305 -1.57 -10.65 -6.89
N VAL E 306 -2.23 -11.11 -7.95
CA VAL E 306 -2.95 -10.22 -8.86
C VAL E 306 -4.33 -10.79 -9.27
N ASN E 307 -5.32 -9.91 -9.44
CA ASN E 307 -6.66 -10.39 -9.77
C ASN E 307 -6.92 -10.61 -11.26
N ARG E 308 -6.00 -11.32 -11.91
CA ARG E 308 -6.10 -11.67 -13.31
C ARG E 308 -5.75 -13.13 -13.49
N ARG E 309 -6.48 -13.80 -14.38
CA ARG E 309 -6.18 -15.20 -14.64
C ARG E 309 -4.91 -15.33 -15.53
N SER E 310 -4.71 -14.35 -16.42
CA SER E 310 -3.60 -14.41 -17.37
C SER E 310 -3.16 -13.05 -17.88
N LEU E 311 -1.85 -12.79 -17.84
CA LEU E 311 -1.27 -11.65 -18.52
C LEU E 311 -0.14 -12.09 -19.45
N MET E 312 -0.41 -12.05 -20.74
CA MET E 312 0.54 -12.56 -21.72
C MET E 312 1.52 -11.48 -22.15
N LEU E 313 2.79 -11.80 -22.05
CA LEU E 313 3.85 -10.91 -22.50
C LEU E 313 4.35 -11.39 -23.85
N ALA E 314 4.12 -10.61 -24.91
CA ALA E 314 4.65 -10.97 -26.25
C ALA E 314 6.15 -11.29 -26.21
N THR E 315 6.53 -12.38 -26.85
CA THR E 315 7.94 -12.72 -27.06
C THR E 315 8.29 -12.76 -28.56
N GLY E 316 7.38 -12.25 -29.38
CA GLY E 316 7.59 -12.23 -30.81
C GLY E 316 6.99 -10.98 -31.42
N MET E 317 7.18 -10.83 -32.73
CA MET E 317 6.64 -9.72 -33.54
C MET E 317 5.18 -9.92 -33.88
N ARG E 318 4.53 -8.90 -34.45
CA ARG E 318 3.19 -9.06 -35.01
C ARG E 318 3.14 -10.26 -35.93
N ASN E 319 2.12 -11.09 -35.78
CA ASN E 319 1.93 -12.21 -36.68
C ASN E 319 1.03 -11.78 -37.81
N VAL E 320 1.57 -11.79 -39.02
CA VAL E 320 0.82 -11.35 -40.19
C VAL E 320 0.74 -12.51 -41.19
N PRO E 321 -0.32 -13.32 -41.12
CA PRO E 321 -0.33 -14.42 -42.08
C PRO E 321 -0.88 -14.00 -43.44
N GLU E 322 -0.61 -14.83 -44.45
CA GLU E 322 -1.07 -14.56 -45.82
C GLU E 322 -2.54 -14.94 -45.98
N LEU F 1 5.67 3.10 -34.36
CA LEU F 1 5.58 2.15 -35.48
C LEU F 1 6.46 2.59 -36.65
N PHE F 2 7.29 1.66 -37.09
CA PHE F 2 8.07 1.79 -38.29
C PHE F 2 7.25 1.22 -39.45
N GLY F 3 7.66 1.47 -40.66
CA GLY F 3 6.79 1.10 -41.75
C GLY F 3 6.53 -0.37 -41.99
N ALA F 4 7.50 -1.21 -41.67
CA ALA F 4 7.63 -2.52 -42.30
C ALA F 4 6.66 -3.62 -41.89
N ILE F 5 6.61 -3.99 -40.61
CA ILE F 5 5.90 -5.20 -40.24
C ILE F 5 4.46 -4.73 -40.04
N ALA F 6 3.53 -5.45 -40.68
CA ALA F 6 2.11 -5.09 -40.80
C ALA F 6 1.99 -3.75 -41.53
N GLY F 7 2.96 -3.45 -42.35
CA GLY F 7 3.01 -2.18 -43.05
C GLY F 7 3.14 -2.33 -44.55
N PHE F 8 4.21 -1.81 -45.14
CA PHE F 8 4.40 -1.94 -46.58
C PHE F 8 4.69 -3.40 -46.92
N LEU F 9 5.27 -4.16 -45.99
CA LEU F 9 5.29 -5.62 -46.12
C LEU F 9 3.86 -6.18 -45.97
N GLU F 10 3.38 -6.89 -46.99
CA GLU F 10 1.99 -7.36 -47.06
C GLU F 10 1.66 -8.37 -46.00
N ASN F 11 2.57 -9.30 -45.80
CA ASN F 11 2.39 -10.37 -44.83
C ASN F 11 3.71 -11.00 -44.47
N GLY F 12 3.70 -11.78 -43.40
CA GLY F 12 4.83 -12.58 -42.98
C GLY F 12 5.02 -13.85 -43.80
N TRP F 13 6.20 -14.44 -43.68
CA TRP F 13 6.52 -15.68 -44.35
C TRP F 13 6.53 -16.87 -43.39
N GLU F 14 5.50 -17.70 -43.46
CA GLU F 14 5.43 -18.91 -42.62
C GLU F 14 6.50 -19.94 -42.94
N GLY F 15 6.87 -20.00 -44.23
CA GLY F 15 7.86 -20.93 -44.72
C GLY F 15 9.22 -20.75 -44.10
N MET F 16 9.56 -19.51 -43.75
CA MET F 16 10.89 -19.21 -43.22
C MET F 16 10.96 -19.61 -41.73
N VAL F 17 11.63 -20.71 -41.44
CA VAL F 17 11.68 -21.23 -40.08
C VAL F 17 13.08 -21.21 -39.48
N ASP F 18 14.02 -20.57 -40.17
CA ASP F 18 15.40 -20.49 -39.70
C ASP F 18 15.76 -19.11 -39.15
N GLY F 19 14.83 -18.16 -39.23
CA GLY F 19 15.03 -16.84 -38.66
C GLY F 19 13.75 -16.03 -38.59
N TRP F 20 13.84 -14.88 -37.91
CA TRP F 20 12.78 -13.86 -37.86
C TRP F 20 12.63 -13.01 -39.12
N TYR F 21 13.77 -12.61 -39.69
CA TYR F 21 13.83 -11.76 -40.86
C TYR F 21 14.66 -12.44 -41.94
N GLY F 22 14.36 -12.15 -43.19
CA GLY F 22 14.99 -12.86 -44.28
C GLY F 22 14.97 -12.19 -45.64
N PHE F 23 15.62 -12.86 -46.57
CA PHE F 23 15.62 -12.48 -47.98
C PHE F 23 14.92 -13.51 -48.84
N ARG F 24 14.13 -13.05 -49.80
CA ARG F 24 13.65 -13.93 -50.84
C ARG F 24 14.11 -13.39 -52.19
N HIS F 25 14.70 -14.25 -53.02
CA HIS F 25 15.28 -13.76 -54.27
C HIS F 25 14.71 -14.43 -55.53
N GLN F 26 14.68 -13.66 -56.61
CA GLN F 26 14.21 -14.11 -57.91
C GLN F 26 15.23 -13.77 -59.02
N ASN F 27 15.77 -14.78 -59.68
CA ASN F 27 16.68 -14.55 -60.82
C ASN F 27 16.50 -15.58 -61.94
N ALA F 28 17.32 -15.47 -62.98
CA ALA F 28 17.23 -16.37 -64.15
C ALA F 28 17.32 -17.84 -63.78
N GLN F 29 17.91 -18.13 -62.63
CA GLN F 29 18.12 -19.51 -62.19
C GLN F 29 16.96 -20.01 -61.33
N GLY F 30 16.19 -19.10 -60.76
CA GLY F 30 15.02 -19.47 -60.00
C GLY F 30 14.69 -18.58 -58.82
N THR F 31 14.53 -19.23 -57.67
CA THR F 31 14.02 -18.62 -56.45
C THR F 31 14.74 -19.18 -55.25
N GLY F 32 15.13 -18.30 -54.33
CA GLY F 32 15.86 -18.73 -53.14
C GLY F 32 15.34 -18.01 -51.91
N GLN F 33 15.53 -18.60 -50.72
CA GLN F 33 15.18 -17.96 -49.47
C GLN F 33 16.30 -18.14 -48.48
N ALA F 34 16.65 -17.08 -47.75
CA ALA F 34 17.62 -17.19 -46.66
C ALA F 34 17.26 -16.26 -45.51
N ALA F 35 17.79 -16.56 -44.32
CA ALA F 35 17.49 -15.74 -43.16
C ALA F 35 18.72 -14.93 -42.80
N ASP F 36 18.49 -13.69 -42.38
CA ASP F 36 19.55 -12.82 -41.92
C ASP F 36 19.81 -13.09 -40.43
N TYR F 37 21.02 -13.55 -40.10
CA TYR F 37 21.34 -13.92 -38.71
C TYR F 37 21.42 -12.71 -37.76
N LYS F 38 22.16 -11.66 -38.16
CA LYS F 38 22.39 -10.55 -37.25
C LYS F 38 21.12 -9.87 -36.84
N SER F 39 20.20 -9.66 -37.78
CA SER F 39 19.00 -8.93 -37.43
C SER F 39 18.03 -9.73 -36.56
N THR F 40 17.90 -11.04 -36.78
CA THR F 40 16.99 -11.83 -35.95
C THR F 40 17.58 -11.97 -34.53
N GLN F 41 18.88 -12.20 -34.44
CA GLN F 41 19.54 -12.27 -33.13
C GLN F 41 19.42 -10.94 -32.39
N ALA F 42 19.50 -9.82 -33.10
CA ALA F 42 19.35 -8.50 -32.46
C ALA F 42 17.97 -8.35 -31.82
N ALA F 43 17.00 -9.05 -32.39
CA ALA F 43 15.62 -9.03 -31.90
C ALA F 43 15.41 -10.03 -30.79
N ILE F 44 16.03 -11.20 -30.93
CA ILE F 44 15.90 -12.23 -29.92
C ILE F 44 16.59 -11.77 -28.63
N ASP F 45 17.78 -11.19 -28.76
CA ASP F 45 18.52 -10.64 -27.62
C ASP F 45 17.72 -9.61 -26.85
N GLN F 46 17.00 -8.73 -27.53
CA GLN F 46 16.24 -7.74 -26.79
C GLN F 46 15.07 -8.38 -26.02
N ILE F 47 14.41 -9.39 -26.61
CA ILE F 47 13.33 -10.08 -25.95
C ILE F 47 13.85 -10.78 -24.68
N THR F 48 14.99 -11.46 -24.78
CA THR F 48 15.49 -12.20 -23.63
C THR F 48 15.97 -11.21 -22.58
N GLY F 49 16.44 -10.05 -23.01
CA GLY F 49 16.68 -8.96 -22.07
C GLY F 49 15.43 -8.63 -21.24
N LYS F 50 14.28 -8.59 -21.91
CA LYS F 50 13.00 -8.36 -21.23
C LYS F 50 12.64 -9.50 -20.32
N LEU F 51 12.78 -10.72 -20.84
CA LEU F 51 12.45 -11.90 -20.07
C LEU F 51 13.32 -12.02 -18.82
N ASN F 52 14.59 -11.65 -18.91
CA ASN F 52 15.46 -11.65 -17.74
C ASN F 52 14.99 -10.68 -16.65
N ARG F 53 14.45 -9.53 -17.05
CA ARG F 53 13.98 -8.52 -16.11
C ARG F 53 12.73 -8.99 -15.40
N LEU F 54 11.84 -9.61 -16.16
CA LEU F 54 10.63 -10.20 -15.62
C LEU F 54 10.90 -11.17 -14.46
N VAL F 55 11.72 -12.20 -14.70
CA VAL F 55 11.97 -13.26 -13.72
C VAL F 55 12.97 -12.86 -12.63
N GLU F 56 13.39 -11.61 -12.66
CA GLU F 56 14.20 -11.01 -11.60
C GLU F 56 13.49 -11.20 -10.25
N LYS F 57 14.20 -11.80 -9.30
CA LYS F 57 13.52 -12.41 -8.17
C LYS F 57 13.92 -11.90 -6.77
N THR F 58 14.74 -10.85 -6.68
CA THR F 58 15.13 -10.38 -5.35
C THR F 58 13.85 -10.00 -4.56
N ASN F 59 13.59 -10.80 -3.53
CA ASN F 59 12.32 -10.79 -2.83
C ASN F 59 12.41 -10.61 -1.32
N THR F 60 11.43 -9.86 -0.83
CA THR F 60 11.23 -9.55 0.55
C THR F 60 10.55 -10.70 1.29
N GLU F 61 10.89 -10.95 2.54
CA GLU F 61 10.21 -12.05 3.20
C GLU F 61 9.00 -11.54 3.98
N PHE F 62 7.85 -12.16 3.77
CA PHE F 62 6.63 -11.75 4.47
C PHE F 62 6.14 -12.85 5.40
N GLU F 63 5.56 -12.42 6.51
CA GLU F 63 5.04 -13.30 7.53
C GLU F 63 3.53 -13.09 7.58
N SER F 64 2.82 -14.06 8.15
CA SER F 64 1.37 -13.97 8.22
C SER F 64 0.88 -12.81 9.12
N ILE F 65 -0.11 -12.03 8.65
CA ILE F 65 -0.82 -11.11 9.53
C ILE F 65 -2.33 -11.40 9.61
N GLU F 66 -2.77 -12.49 8.96
CA GLU F 66 -4.09 -13.03 9.29
C GLU F 66 -4.04 -14.54 9.48
N SER F 67 -4.78 -15.00 10.48
CA SER F 67 -4.80 -16.40 10.80
C SER F 67 -5.75 -17.15 9.88
N GLU F 68 -5.26 -18.23 9.29
CA GLU F 68 -6.13 -19.09 8.50
C GLU F 68 -7.16 -19.82 9.35
N PHE F 69 -6.76 -20.26 10.55
CA PHE F 69 -7.56 -21.21 11.34
C PHE F 69 -8.29 -20.64 12.57
N SER F 70 -8.15 -19.34 12.79
CA SER F 70 -8.81 -18.69 13.92
C SER F 70 -9.29 -17.27 13.58
N GLU F 71 -10.27 -16.79 14.34
CA GLU F 71 -10.79 -15.42 14.20
C GLU F 71 -9.78 -14.39 14.65
N ILE F 72 -9.79 -13.25 14.01
CA ILE F 72 -8.88 -12.16 14.32
C ILE F 72 -9.80 -11.00 14.75
N GLU F 73 -9.30 -10.07 15.58
CA GLU F 73 -10.16 -9.01 16.08
C GLU F 73 -10.78 -8.18 14.91
N HIS F 74 -12.03 -7.77 15.08
CA HIS F 74 -12.82 -7.26 13.96
C HIS F 74 -12.25 -5.98 13.37
N GLN F 75 -11.88 -5.02 14.20
CA GLN F 75 -11.34 -3.80 13.65
C GLN F 75 -9.99 -3.95 12.93
N ILE F 76 -9.04 -4.63 13.55
CA ILE F 76 -7.75 -4.83 12.90
C ILE F 76 -7.94 -5.74 11.70
N GLY F 77 -8.91 -6.67 11.77
CA GLY F 77 -9.19 -7.56 10.66
C GLY F 77 -9.64 -6.79 9.43
N ASN F 78 -10.54 -5.82 9.64
CA ASN F 78 -11.00 -4.95 8.55
C ASN F 78 -9.87 -4.09 7.98
N VAL F 79 -8.97 -3.59 8.85
CA VAL F 79 -7.84 -2.80 8.37
C VAL F 79 -6.90 -3.64 7.49
N ILE F 80 -6.59 -4.86 7.93
CA ILE F 80 -5.76 -5.73 7.13
C ILE F 80 -6.42 -6.03 5.77
N ASN F 81 -7.72 -6.26 5.78
CA ASN F 81 -8.45 -6.52 4.55
C ASN F 81 -8.42 -5.34 3.60
N TRP F 82 -8.60 -4.14 4.15
CA TRP F 82 -8.57 -2.95 3.31
C TRP F 82 -7.17 -2.81 2.70
N THR F 83 -6.14 -3.04 3.51
CA THR F 83 -4.76 -2.85 3.12
C THR F 83 -4.33 -3.83 2.07
N LYS F 84 -4.66 -5.11 2.29
CA LYS F 84 -4.25 -6.11 1.33
C LYS F 84 -4.93 -5.86 -0.03
N ASP F 85 -6.22 -5.55 -0.02
CA ASP F 85 -6.95 -5.26 -1.26
C ASP F 85 -6.36 -4.04 -1.99
N SER F 86 -5.98 -3.02 -1.22
CA SER F 86 -5.31 -1.87 -1.82
C SER F 86 -3.97 -2.22 -2.46
N ILE F 87 -3.17 -3.06 -1.80
CA ILE F 87 -1.90 -3.50 -2.33
C ILE F 87 -2.10 -4.33 -3.59
N THR F 88 -3.10 -5.21 -3.54
CA THR F 88 -3.45 -6.03 -4.69
C THR F 88 -3.95 -5.23 -5.88
N ASP F 89 -4.76 -4.19 -5.65
CA ASP F 89 -5.26 -3.36 -6.76
C ASP F 89 -4.10 -2.71 -7.47
N ILE F 90 -3.12 -2.26 -6.69
CA ILE F 90 -1.90 -1.67 -7.21
C ILE F 90 -1.08 -2.65 -8.05
N TRP F 91 -0.86 -3.86 -7.56
CA TRP F 91 -0.06 -4.83 -8.28
C TRP F 91 -0.76 -5.29 -9.54
N THR F 92 -2.07 -5.51 -9.43
CA THR F 92 -2.86 -5.88 -10.58
C THR F 92 -2.76 -4.82 -11.69
N TYR F 93 -2.87 -3.56 -11.29
CA TYR F 93 -2.73 -2.44 -12.21
C TYR F 93 -1.32 -2.41 -12.85
N GLN F 94 -0.27 -2.52 -12.03
CA GLN F 94 1.10 -2.62 -12.54
C GLN F 94 1.40 -3.78 -13.45
N ALA F 95 0.77 -4.92 -13.21
CA ALA F 95 1.02 -6.09 -14.04
C ALA F 95 0.43 -5.84 -15.43
N GLU F 96 -0.72 -5.17 -15.45
CA GLU F 96 -1.35 -4.82 -16.70
C GLU F 96 -0.64 -3.72 -17.48
N LEU F 97 -0.12 -2.74 -16.77
CA LEU F 97 0.61 -1.68 -17.40
C LEU F 97 1.90 -2.25 -17.96
N LEU F 98 2.57 -3.06 -17.14
CA LEU F 98 3.83 -3.70 -17.49
C LEU F 98 3.74 -4.43 -18.80
N VAL F 99 2.80 -5.35 -18.91
CA VAL F 99 2.70 -6.12 -20.13
C VAL F 99 2.16 -5.30 -21.30
N ALA F 100 1.24 -4.38 -21.04
CA ALA F 100 0.73 -3.58 -22.14
C ALA F 100 1.85 -2.71 -22.73
N MET F 101 2.66 -2.10 -21.87
CA MET F 101 3.75 -1.23 -22.28
C MET F 101 4.84 -2.00 -22.97
N GLU F 102 5.28 -3.04 -22.29
CA GLU F 102 6.21 -3.98 -22.83
C GLU F 102 5.79 -4.49 -24.21
N ASN F 103 4.56 -4.99 -24.34
CA ASN F 103 4.12 -5.57 -25.62
C ASN F 103 4.17 -4.58 -26.76
N GLN F 104 3.79 -3.35 -26.46
CA GLN F 104 3.79 -2.28 -27.44
C GLN F 104 5.21 -2.12 -27.97
N HIS F 105 6.15 -2.04 -27.04
CA HIS F 105 7.53 -1.77 -27.41
C HIS F 105 8.17 -2.97 -28.11
N THR F 106 7.81 -4.17 -27.71
CA THR F 106 8.34 -5.38 -28.34
C THR F 106 7.90 -5.48 -29.78
N ILE F 107 6.62 -5.23 -30.02
CA ILE F 107 6.11 -5.22 -31.38
C ILE F 107 6.82 -4.14 -32.22
N ASP F 108 6.97 -2.95 -31.67
CA ASP F 108 7.57 -1.88 -32.40
C ASP F 108 9.08 -2.14 -32.62
N MET F 109 9.76 -2.71 -31.64
CA MET F 109 11.19 -2.89 -31.77
C MET F 109 11.51 -3.85 -32.93
N ALA F 110 10.68 -4.89 -33.06
CA ALA F 110 10.79 -5.93 -34.10
C ALA F 110 10.56 -5.33 -35.46
N ASP F 111 9.63 -4.37 -35.50
CA ASP F 111 9.38 -3.63 -36.71
C ASP F 111 10.63 -2.84 -37.11
N SER F 112 11.26 -2.20 -36.15
CA SER F 112 12.45 -1.40 -36.40
C SER F 112 13.63 -2.23 -36.90
N GLU F 113 13.82 -3.44 -36.37
CA GLU F 113 14.90 -4.30 -36.80
C GLU F 113 14.68 -4.68 -38.26
N MET F 114 13.43 -4.90 -38.64
CA MET F 114 13.13 -5.17 -40.03
C MET F 114 13.45 -3.96 -40.93
N LEU F 115 13.06 -2.76 -40.49
CA LEU F 115 13.29 -1.55 -41.30
C LEU F 115 14.79 -1.36 -41.46
N ASN F 116 15.50 -1.57 -40.37
CA ASN F 116 16.93 -1.38 -40.39
C ASN F 116 17.60 -2.35 -41.34
N LEU F 117 17.12 -3.58 -41.39
CA LEU F 117 17.68 -4.53 -42.33
C LEU F 117 17.42 -4.03 -43.76
N TYR F 118 16.19 -3.57 -44.00
CA TYR F 118 15.75 -3.08 -45.31
C TYR F 118 16.58 -1.85 -45.69
N GLU F 119 16.80 -0.95 -44.74
CA GLU F 119 17.59 0.23 -45.04
C GLU F 119 19.04 -0.12 -45.40
N ARG F 120 19.58 -1.12 -44.70
CA ARG F 120 20.96 -1.54 -44.92
C ARG F 120 21.12 -2.06 -46.36
N VAL F 121 20.16 -2.85 -46.82
CA VAL F 121 20.16 -3.32 -48.20
C VAL F 121 19.99 -2.16 -49.21
N ARG F 122 19.13 -1.18 -48.91
CA ARG F 122 18.88 -0.08 -49.84
C ARG F 122 20.13 0.69 -50.18
N LYS F 123 20.95 0.91 -49.15
CA LYS F 123 22.14 1.72 -49.23
C LYS F 123 23.28 0.99 -49.95
N GLN F 124 23.31 -0.33 -49.79
CA GLN F 124 24.24 -1.18 -50.50
C GLN F 124 24.10 -1.13 -52.02
N LEU F 125 22.88 -1.38 -52.46
CA LEU F 125 22.49 -1.41 -53.86
C LEU F 125 22.70 -0.06 -54.55
N ARG F 126 22.47 1.01 -53.79
CA ARG F 126 22.79 2.37 -54.21
C ARG F 126 22.01 2.71 -55.47
N GLN F 127 22.69 2.96 -56.57
CA GLN F 127 22.01 3.36 -57.79
C GLN F 127 21.70 2.19 -58.72
N ASN F 128 21.91 0.97 -58.25
CA ASN F 128 21.74 -0.23 -59.05
C ASN F 128 20.36 -0.87 -58.91
N ALA F 129 19.57 -0.43 -57.93
CA ALA F 129 18.23 -1.00 -57.74
C ALA F 129 17.21 0.07 -57.46
N GLU F 130 15.94 -0.29 -57.61
CA GLU F 130 14.86 0.59 -57.19
C GLU F 130 13.90 -0.20 -56.33
N GLU F 131 13.17 0.48 -55.45
CA GLU F 131 12.29 -0.26 -54.54
C GLU F 131 10.86 -0.21 -55.06
N ASP F 132 10.17 -1.34 -54.92
CA ASP F 132 8.86 -1.53 -55.55
C ASP F 132 7.68 -1.17 -54.63
N GLY F 133 8.03 -0.77 -53.40
CA GLY F 133 7.07 -0.35 -52.39
C GLY F 133 6.57 -1.47 -51.49
N LYS F 134 6.94 -2.71 -51.81
CA LYS F 134 6.47 -3.88 -51.06
C LYS F 134 7.58 -4.65 -50.35
N GLY F 135 8.73 -4.01 -50.18
CA GLY F 135 9.88 -4.65 -49.57
C GLY F 135 10.84 -5.33 -50.54
N CYS F 136 10.61 -5.19 -51.84
CA CYS F 136 11.47 -5.78 -52.85
C CYS F 136 12.35 -4.71 -53.50
N PHE F 137 13.57 -5.07 -53.88
CA PHE F 137 14.38 -4.16 -54.68
C PHE F 137 14.49 -4.72 -56.09
N GLU F 138 14.22 -3.90 -57.10
CA GLU F 138 14.35 -4.34 -58.48
C GLU F 138 15.75 -4.01 -58.92
N ILE F 139 16.53 -5.05 -59.23
CA ILE F 139 17.93 -4.91 -59.57
C ILE F 139 18.08 -4.79 -61.09
N TYR F 140 18.84 -3.80 -61.54
CA TYR F 140 18.94 -3.46 -62.96
C TYR F 140 20.19 -4.01 -63.62
N HIS F 141 20.67 -5.15 -63.13
CA HIS F 141 21.62 -5.97 -63.84
C HIS F 141 21.21 -7.39 -63.53
N ALA F 142 22.03 -8.36 -63.91
CA ALA F 142 21.68 -9.74 -63.65
C ALA F 142 22.44 -10.09 -62.37
N CYS F 143 21.72 -10.76 -61.47
CA CYS F 143 22.23 -11.17 -60.16
C CYS F 143 22.01 -12.65 -60.07
N ASP F 144 23.10 -13.38 -60.23
CA ASP F 144 23.14 -14.81 -60.08
C ASP F 144 23.26 -15.12 -58.60
N ASP F 145 23.27 -16.40 -58.27
CA ASP F 145 23.10 -16.83 -56.90
C ASP F 145 24.19 -16.27 -56.02
N SER F 146 25.38 -16.13 -56.59
CA SER F 146 26.54 -15.71 -55.84
C SER F 146 26.37 -14.22 -55.53
N CYS F 147 25.83 -13.49 -56.52
CA CYS F 147 25.52 -12.07 -56.38
C CYS F 147 24.43 -11.83 -55.36
N MET F 148 23.52 -12.79 -55.24
CA MET F 148 22.47 -12.66 -54.23
C MET F 148 23.05 -12.84 -52.84
N GLU F 149 23.88 -13.87 -52.68
CA GLU F 149 24.62 -14.12 -51.45
C GLU F 149 25.47 -12.91 -51.11
N SER F 150 25.88 -12.21 -52.14
CA SER F 150 26.67 -10.99 -52.00
C SER F 150 25.91 -9.90 -51.25
N ILE F 151 24.62 -9.81 -51.54
CA ILE F 151 23.74 -8.80 -50.95
C ILE F 151 23.37 -9.15 -49.50
N ARG F 152 23.16 -10.44 -49.25
CA ARG F 152 22.78 -10.92 -47.92
C ARG F 152 24.00 -10.96 -47.02
N ASN F 153 25.17 -11.18 -47.61
CA ASN F 153 26.43 -11.26 -46.85
C ASN F 153 27.04 -9.87 -46.67
N ASN F 154 26.37 -8.85 -47.19
CA ASN F 154 26.81 -7.47 -47.05
C ASN F 154 28.20 -7.23 -47.67
N THR F 155 28.44 -7.86 -48.83
CA THR F 155 29.72 -7.71 -49.54
C THR F 155 29.55 -7.23 -50.98
N TYR F 156 28.30 -6.98 -51.38
CA TYR F 156 27.97 -6.41 -52.68
C TYR F 156 28.71 -5.10 -52.91
N ASP F 157 29.50 -5.04 -53.99
CA ASP F 157 30.11 -3.78 -54.43
C ASP F 157 29.26 -3.16 -55.54
N HIS F 158 28.54 -2.09 -55.23
CA HIS F 158 27.69 -1.50 -56.24
C HIS F 158 28.48 -0.99 -57.47
N SER F 159 29.70 -0.47 -57.29
CA SER F 159 30.36 0.20 -58.41
C SER F 159 30.84 -0.83 -59.45
N GLN F 160 30.63 -2.10 -59.14
CA GLN F 160 30.92 -3.22 -60.04
C GLN F 160 29.76 -3.47 -61.03
N TYR F 161 28.58 -2.99 -60.69
CA TYR F 161 27.46 -3.16 -61.60
C TYR F 161 26.88 -1.81 -62.01
N ARG F 162 27.51 -0.74 -61.54
CA ARG F 162 26.85 0.56 -61.65
C ARG F 162 26.57 0.96 -63.09
N GLU F 163 27.62 0.93 -63.92
CA GLU F 163 27.47 1.31 -65.34
C GLU F 163 26.30 0.64 -66.00
N GLU F 164 26.28 -0.69 -65.95
CA GLU F 164 25.21 -1.46 -66.53
C GLU F 164 23.88 -1.07 -65.95
N ALA F 165 23.83 -1.00 -64.62
CA ALA F 165 22.57 -0.72 -63.92
C ALA F 165 22.03 0.65 -64.28
N LEU F 166 22.92 1.63 -64.43
CA LEU F 166 22.48 2.98 -64.73
C LEU F 166 21.83 3.09 -66.10
N LEU F 167 22.34 2.35 -67.08
CA LEU F 167 21.77 2.48 -68.41
C LEU F 167 20.59 1.52 -68.63
N ASN F 168 20.51 0.44 -67.85
CA ASN F 168 19.26 -0.31 -67.82
C ASN F 168 18.16 0.50 -67.10
N ARG F 169 18.53 1.34 -66.13
CA ARG F 169 17.54 2.12 -65.39
C ARG F 169 16.97 3.21 -66.26
N LEU F 170 17.82 3.72 -67.15
CA LEU F 170 17.53 4.88 -67.98
C LEU F 170 17.08 4.64 -69.42
N ASN F 171 16.59 3.44 -69.76
CA ASN F 171 16.43 3.13 -71.18
C ASN F 171 15.84 1.76 -71.34
C1 NAG G . -24.26 24.68 37.54
C2 NAG G . -24.51 26.18 37.46
C3 NAG G . -25.26 26.64 38.70
C4 NAG G . -26.55 25.83 38.85
C5 NAG G . -26.27 24.33 38.81
C6 NAG G . -27.52 23.50 38.76
C7 NAG G . -22.95 27.59 36.21
C8 NAG G . -21.63 28.30 36.23
N2 NAG G . -23.26 26.91 37.32
O3 NAG G . -25.52 28.03 38.56
O4 NAG G . -27.19 26.14 40.10
O5 NAG G . -25.51 23.99 37.63
O6 NAG G . -27.86 23.15 37.42
O7 NAG G . -23.69 27.62 35.23
C1 BMA G . -28.22 27.02 40.68
C2 BMA G . -28.82 26.55 42.02
C3 BMA G . -29.94 27.51 42.44
C4 BMA G . -29.50 28.98 42.46
C5 BMA G . -28.86 29.39 41.12
C6 BMA G . -28.25 30.79 41.16
O2 BMA G . -27.80 26.54 43.03
O3 BMA G . -30.42 27.11 43.76
O4 BMA G . -30.67 29.80 42.66
O5 BMA G . -27.78 28.43 40.80
O6 BMA G . -27.68 31.11 39.84
C1 MAN G . -27.04 32.42 39.77
C2 MAN G . -26.51 32.62 38.33
C3 MAN G . -25.23 31.82 38.05
C4 MAN G . -24.17 32.07 39.13
C5 MAN G . -24.75 31.67 40.49
C6 MAN G . -23.85 31.75 41.72
O2 MAN G . -26.28 34.03 38.14
O3 MAN G . -24.70 32.18 36.71
O4 MAN G . -23.01 31.27 38.86
O5 MAN G . -25.92 32.55 40.73
O6 MAN G . -23.17 33.05 41.72
C1 NAG H . 15.97 -10.48 41.76
C2 NAG H . 16.39 -9.03 41.85
C3 NAG H . 17.83 -8.92 42.33
C4 NAG H . 18.04 -9.76 43.60
C5 NAG H . 17.41 -11.15 43.51
C6 NAG H . 17.26 -11.71 44.88
C7 NAG H . 15.36 -7.34 40.53
C8 NAG H . 15.37 -6.68 39.23
N2 NAG H . 16.17 -8.35 40.62
O3 NAG H . 18.26 -7.60 42.59
O4 NAG H . 19.44 -9.93 43.78
O5 NAG H . 16.06 -11.07 43.02
O6 NAG H . 15.88 -12.00 45.03
O7 NAG H . 14.66 -6.96 41.41
C1 NAG H . 20.21 -9.67 44.99
C2 NAG H . 21.45 -10.52 45.21
C3 NAG H . 22.30 -9.93 46.32
C4 NAG H . 22.64 -8.48 45.99
C5 NAG H . 21.37 -7.68 45.66
C6 NAG H . 21.72 -6.29 45.17
C7 NAG H . 20.95 -12.86 44.65
C8 NAG H . 20.94 -14.28 45.17
N2 NAG H . 21.04 -11.88 45.57
O3 NAG H . 23.53 -10.66 46.40
O4 NAG H . 23.23 -7.87 47.14
O5 NAG H . 20.61 -8.35 44.65
O6 NAG H . 22.73 -6.42 44.16
O7 NAG H . 20.87 -12.60 43.47
C1 NAG I . -11.44 15.51 -28.05
C2 NAG I . -11.92 15.23 -29.46
C3 NAG I . -13.31 14.59 -29.41
C4 NAG I . -13.33 13.39 -28.46
C5 NAG I . -12.64 13.70 -27.13
C6 NAG I . -12.38 12.38 -26.43
C7 NAG I . -11.53 16.72 -31.26
C8 NAG I . -11.22 18.17 -31.51
N2 NAG I . -12.20 16.45 -30.16
O3 NAG I . -13.75 14.20 -30.70
O4 NAG I . -14.67 13.05 -28.14
O5 NAG I . -11.36 14.31 -27.35
O6 NAG I . -11.09 11.98 -26.79
O7 NAG I . -11.19 15.84 -32.01
C1 NAG J . -26.81 -25.99 26.27
C2 NAG J . -25.73 -27.03 26.45
C3 NAG J . -26.25 -28.39 26.00
C4 NAG J . -27.60 -28.71 26.63
C5 NAG J . -28.56 -27.53 26.58
C6 NAG J . -29.78 -27.78 27.45
C7 NAG J . -23.36 -26.76 26.08
C8 NAG J . -22.30 -26.64 25.03
N2 NAG J . -24.60 -26.63 25.65
O3 NAG J . -25.32 -29.44 26.27
O4 NAG J . -28.19 -29.79 25.90
O5 NAG J . -27.93 -26.33 27.04
O6 NAG J . -29.38 -27.88 28.81
O7 NAG J . -23.12 -26.96 27.24
C1 NAG K . 27.14 14.54 -16.45
C2 NAG K . 27.81 15.89 -16.52
C3 NAG K . 27.76 16.58 -15.16
C4 NAG K . 26.35 16.58 -14.58
C5 NAG K . 25.66 15.22 -14.74
C6 NAG K . 24.14 15.31 -14.53
C7 NAG K . 29.84 15.14 -17.59
C8 NAG K . 29.58 15.87 -18.87
N2 NAG K . 29.23 15.63 -16.56
O3 NAG K . 28.24 17.92 -15.21
O4 NAG K . 26.34 17.02 -13.22
O5 NAG K . 25.80 14.72 -16.07
O6 NAG K . 23.48 15.26 -15.81
O7 NAG K . 30.56 14.17 -17.48
C1 NAG L . -20.25 21.93 35.46
C2 NAG L . -21.69 21.48 35.37
C3 NAG L . -22.63 22.67 35.49
C4 NAG L . -22.28 23.53 36.70
C5 NAG L . -20.78 23.78 36.84
C6 NAG L . -20.58 24.34 38.23
C7 NAG L . -22.31 19.83 33.72
C8 NAG L . -22.42 19.51 32.28
N2 NAG L . -21.83 21.01 34.03
O3 NAG L . -24.00 22.34 35.39
O4 NAG L . -22.93 24.78 36.55
O5 NAG L . -20.03 22.56 36.69
O6 NAG L . -21.20 23.49 39.18
O7 NAG L . -22.67 19.09 34.57
#